data_9L44
#
_entry.id   9L44
#
loop_
_entity.id
_entity.type
_entity.pdbx_description
1 polymer Neuraminidase
2 non-polymer 2-acetamido-2-deoxy-beta-D-glucopyranose
3 non-polymer 'CALCIUM ION'
#
_entity_poly.entity_id   1
_entity_poly.type   'polypeptide(L)'
_entity_poly.pdbx_seq_one_letter_code
;VTLAGNSSLCPISGWAIYSKDNGIRIGSKGDVFVIREPFISCSHLECRTFFLTQGALLNDKHSNGTVKDRSPYRTLMSCP
VGEAPSPYNSRFESVAWSASACHDGISWLTIGISGPDNGAVAVLKYNGIITDTIKSWRNNILRTQESECACVNGSCFTVM
TDGPSNGQASYKIFKIEKGKVVKSVEMNAPNYHYEECSCYPDAGDIMCVCRDNWHGSNRPWVSFNQNLEYQIGYICSGIF
GDNPRPNDGTGSCSPMPSNGAYGVKGFSFKYGNGVWIGRTKSTSSRSGFEMIWDPNGWTETDSSFSVKQDIVEITDWSGY
SGSFVQHPELTGLDCMRPCFWVELIRGRPKENTIWTSGSSISFCGVNSDTVGWSWPDGAELPFTIDK
;
_entity_poly.pdbx_strand_id   A,B,C,D
#
loop_
_chem_comp.id
_chem_comp.type
_chem_comp.name
_chem_comp.formula
CA non-polymer 'CALCIUM ION' 'Ca 2'
NAG D-saccharide, beta linking 2-acetamido-2-deoxy-beta-D-glucopyranose 'C8 H15 N O6'
#
# COMPACT_ATOMS: atom_id res chain seq x y z
N VAL A 1 -15.19 24.39 4.30
CA VAL A 1 -15.05 25.69 4.93
C VAL A 1 -13.80 25.72 5.80
N THR A 2 -13.46 26.91 6.30
CA THR A 2 -12.20 27.11 6.98
C THR A 2 -12.38 27.01 8.50
N LEU A 3 -11.31 26.65 9.19
CA LEU A 3 -11.33 26.55 10.65
C LEU A 3 -11.46 27.94 11.26
N ALA A 4 -12.50 28.14 12.08
CA ALA A 4 -12.75 29.46 12.62
C ALA A 4 -11.71 29.87 13.66
N GLY A 5 -11.39 28.96 14.59
CA GLY A 5 -10.31 29.23 15.57
C GLY A 5 -10.55 30.45 16.43
N ASN A 6 -11.79 30.65 16.88
CA ASN A 6 -12.15 31.75 17.79
C ASN A 6 -12.55 31.18 19.15
N SER A 7 -12.04 30.00 19.52
CA SER A 7 -12.37 29.40 20.85
C SER A 7 -11.16 29.37 21.78
N SER A 8 -11.37 29.14 23.08
CA SER A 8 -10.29 29.09 24.05
C SER A 8 -9.94 27.65 24.40
N LEU A 9 -8.74 27.48 24.97
CA LEU A 9 -8.33 26.18 25.46
C LEU A 9 -9.24 25.78 26.62
N CYS A 10 -9.62 24.51 26.69
CA CYS A 10 -10.54 24.13 27.74
C CYS A 10 -9.81 23.43 28.87
N PRO A 11 -10.36 23.43 30.09
CA PRO A 11 -9.57 23.02 31.25
C PRO A 11 -9.20 21.56 31.21
N ILE A 12 -8.03 21.24 31.73
CA ILE A 12 -7.51 19.88 31.80
C ILE A 12 -6.91 19.68 33.18
N SER A 13 -6.71 18.41 33.54
CA SER A 13 -6.04 18.06 34.77
C SER A 13 -4.94 17.03 34.60
N GLY A 14 -4.76 16.49 33.40
CA GLY A 14 -3.76 15.48 33.18
C GLY A 14 -3.69 15.14 31.71
N TRP A 15 -2.79 14.24 31.37
CA TRP A 15 -2.51 13.90 29.98
C TRP A 15 -2.63 12.40 29.79
N ALA A 16 -3.23 11.99 28.68
CA ALA A 16 -3.40 10.59 28.35
C ALA A 16 -2.62 10.26 27.08
N ILE A 17 -2.12 9.03 26.99
CA ILE A 17 -1.26 8.69 25.87
C ILE A 17 -2.08 8.52 24.61
N TYR A 18 -1.50 8.91 23.47
CA TYR A 18 -2.21 8.97 22.20
C TYR A 18 -1.60 8.08 21.13
N SER A 19 -0.28 8.00 21.01
CA SER A 19 0.31 7.18 19.95
C SER A 19 1.73 6.80 20.33
N LYS A 20 2.25 5.77 19.66
CA LYS A 20 3.62 5.31 19.82
C LYS A 20 3.93 4.41 18.63
N ASP A 21 5.00 4.71 17.90
CA ASP A 21 5.17 4.04 16.61
C ASP A 21 6.22 2.93 16.60
N ASN A 22 7.17 2.92 17.54
CA ASN A 22 8.20 1.89 17.60
C ASN A 22 9.03 1.85 16.33
N GLY A 23 9.66 2.97 15.98
CA GLY A 23 10.34 3.04 14.70
C GLY A 23 11.59 2.18 14.62
N ILE A 24 12.47 2.30 15.63
CA ILE A 24 13.77 1.66 15.55
C ILE A 24 13.66 0.15 15.76
N ARG A 25 12.84 -0.28 16.72
CA ARG A 25 12.68 -1.70 16.98
C ARG A 25 12.23 -2.43 15.72
N ILE A 26 11.30 -1.84 14.97
CA ILE A 26 10.89 -2.42 13.71
C ILE A 26 11.99 -2.27 12.67
N GLY A 27 12.68 -1.13 12.66
CA GLY A 27 13.69 -0.87 11.66
C GLY A 27 14.93 -1.71 11.76
N SER A 28 15.07 -2.48 12.85
CA SER A 28 16.19 -3.42 12.94
C SER A 28 16.18 -4.43 11.79
N LYS A 29 15.01 -4.89 11.36
CA LYS A 29 14.90 -5.84 10.26
C LYS A 29 14.21 -5.28 9.03
N GLY A 30 13.12 -4.53 9.21
CA GLY A 30 12.38 -4.01 8.08
C GLY A 30 13.04 -2.81 7.45
N ASP A 31 12.33 -2.19 6.51
CA ASP A 31 12.83 -1.03 5.79
C ASP A 31 12.20 0.21 6.39
N VAL A 32 12.99 0.98 7.12
CA VAL A 32 12.52 2.18 7.81
C VAL A 32 13.52 3.30 7.57
N PHE A 33 13.01 4.50 7.30
CA PHE A 33 13.87 5.65 7.04
C PHE A 33 14.70 6.01 8.26
N VAL A 34 15.72 6.84 8.05
CA VAL A 34 16.43 7.48 9.14
C VAL A 34 15.97 8.93 9.23
N ILE A 35 15.29 9.27 10.32
CA ILE A 35 14.56 10.53 10.42
C ILE A 35 15.08 11.33 11.60
N ARG A 36 14.70 12.62 11.61
CA ARG A 36 14.86 13.48 12.78
C ARG A 36 13.82 14.58 12.69
N GLU A 37 13.62 15.28 13.80
CA GLU A 37 12.62 16.33 13.92
C GLU A 37 11.23 15.93 13.44
N PRO A 38 10.61 14.92 14.04
CA PRO A 38 9.22 14.62 13.69
C PRO A 38 8.26 15.61 14.32
N PHE A 39 7.09 15.75 13.73
CA PHE A 39 6.03 16.53 14.37
C PHE A 39 4.69 16.11 13.80
N ILE A 40 3.63 16.49 14.50
CA ILE A 40 2.27 16.05 14.22
C ILE A 40 1.39 17.26 13.97
N SER A 41 0.52 17.16 12.97
CA SER A 41 -0.42 18.23 12.66
C SER A 41 -1.71 17.62 12.15
N CYS A 42 -2.84 18.25 12.49
CA CYS A 42 -4.15 17.67 12.26
C CYS A 42 -5.00 18.55 11.36
N SER A 43 -5.70 17.92 10.43
CA SER A 43 -6.65 18.58 9.55
C SER A 43 -8.03 18.53 10.20
N HIS A 44 -9.07 18.80 9.43
CA HIS A 44 -10.42 18.63 9.96
C HIS A 44 -10.95 17.22 9.76
N LEU A 45 -10.13 16.27 9.32
CA LEU A 45 -10.53 14.88 9.17
C LEU A 45 -9.56 13.87 9.75
N GLU A 46 -8.28 14.19 9.86
CA GLU A 46 -7.30 13.21 10.32
C GLU A 46 -6.09 13.94 10.89
N CYS A 47 -5.12 13.15 11.35
CA CYS A 47 -3.85 13.66 11.85
C CYS A 47 -2.72 12.89 11.19
N ARG A 48 -1.63 13.59 10.88
CA ARG A 48 -0.49 12.99 10.19
C ARG A 48 0.79 13.34 10.90
N THR A 49 1.86 12.62 10.56
CA THR A 49 3.18 12.85 11.14
C THR A 49 4.16 13.25 10.04
N PHE A 50 4.86 14.37 10.23
CA PHE A 50 5.83 14.85 9.27
C PHE A 50 7.24 14.64 9.82
N PHE A 51 8.21 14.46 8.93
CA PHE A 51 9.57 14.22 9.36
C PHE A 51 10.54 14.59 8.24
N LEU A 52 11.82 14.66 8.60
CA LEU A 52 12.87 15.06 7.67
C LEU A 52 13.84 13.89 7.48
N THR A 53 13.91 13.24 6.34
CA THR A 53 14.88 12.15 6.07
C THR A 53 16.05 12.64 5.23
N GLN A 54 17.15 11.87 5.11
CA GLN A 54 18.34 12.21 4.31
C GLN A 54 18.50 11.20 3.18
N GLY A 55 17.52 10.38 2.92
CA GLY A 55 17.58 9.40 1.82
C GLY A 55 18.15 8.06 2.18
N ALA A 56 18.23 7.70 3.44
CA ALA A 56 18.92 6.47 3.84
C ALA A 56 18.02 5.59 4.67
N LEU A 57 18.17 4.28 4.54
CA LEU A 57 17.36 3.30 5.30
C LEU A 57 18.18 2.83 6.50
N LEU A 58 17.52 2.70 7.63
CA LEU A 58 18.18 2.25 8.83
C LEU A 58 18.89 0.93 8.58
N ASN A 59 20.06 0.76 9.20
CA ASN A 59 20.87 -0.44 9.10
C ASN A 59 21.44 -0.65 7.71
N ASP A 60 21.92 0.41 7.08
CA ASP A 60 22.47 0.40 5.74
C ASP A 60 23.74 1.24 5.70
N LYS A 61 24.59 0.99 4.70
CA LYS A 61 25.87 1.68 4.67
C LYS A 61 25.72 3.15 4.31
N HIS A 62 24.60 3.55 3.72
CA HIS A 62 24.41 4.96 3.42
C HIS A 62 23.98 5.77 4.62
N SER A 63 23.71 5.09 5.74
CA SER A 63 23.32 5.80 7.00
C SER A 63 24.59 6.26 7.72
N ASN A 64 25.76 6.17 7.10
CA ASN A 64 27.03 6.60 7.72
C ASN A 64 26.95 8.10 7.86
N GLY A 65 26.95 8.59 9.06
CA GLY A 65 26.85 10.03 9.39
C GLY A 65 27.96 10.99 9.11
N THR A 66 28.47 11.03 7.88
CA THR A 66 29.47 12.05 7.52
C THR A 66 28.75 13.09 6.64
N VAL A 67 27.50 12.82 6.29
CA VAL A 67 26.66 13.81 5.55
C VAL A 67 26.28 14.92 6.53
N LYS A 68 26.36 16.18 6.12
CA LYS A 68 26.08 17.33 7.01
C LYS A 68 24.58 17.38 7.27
N ASP A 69 24.11 18.12 8.26
CA ASP A 69 22.65 18.25 8.45
C ASP A 69 22.04 19.01 7.30
N ARG A 70 22.67 20.07 6.85
CA ARG A 70 22.18 20.83 5.69
C ARG A 70 22.76 20.20 4.43
N SER A 71 22.20 19.09 3.94
CA SER A 71 22.76 18.36 2.82
C SER A 71 21.74 18.37 1.69
N PRO A 72 22.18 18.17 0.44
CA PRO A 72 21.22 18.23 -0.67
C PRO A 72 20.37 16.99 -0.80
N TYR A 73 20.30 16.14 0.20
CA TYR A 73 19.55 14.89 0.11
C TYR A 73 18.32 14.86 0.98
N ARG A 74 18.22 15.72 1.99
CA ARG A 74 17.10 15.67 2.91
C ARG A 74 15.80 16.03 2.23
N THR A 75 14.71 15.44 2.68
CA THR A 75 13.39 15.69 2.14
C THR A 75 12.38 15.72 3.28
N LEU A 76 11.21 16.27 3.01
CA LEU A 76 10.11 16.27 3.98
C LEU A 76 9.05 15.30 3.50
N MET A 77 8.58 14.43 4.38
CA MET A 77 7.54 13.47 4.04
C MET A 77 6.51 13.38 5.15
N SER A 78 5.53 12.51 4.98
CA SER A 78 4.50 12.35 5.99
C SER A 78 3.84 10.98 5.88
N CYS A 79 3.42 10.45 7.02
CA CYS A 79 2.76 9.17 7.11
C CYS A 79 1.68 9.28 8.18
N PRO A 80 0.69 8.39 8.18
CA PRO A 80 -0.37 8.47 9.18
C PRO A 80 0.21 8.33 10.58
N VAL A 81 -0.47 8.95 11.55
CA VAL A 81 0.06 8.96 12.91
C VAL A 81 0.12 7.54 13.44
N GLY A 82 1.20 7.23 14.14
CA GLY A 82 1.35 5.94 14.79
C GLY A 82 1.92 4.83 13.93
N GLU A 83 2.57 5.15 12.83
CA GLU A 83 3.13 4.11 11.97
C GLU A 83 4.61 4.33 11.72
N ALA A 84 5.32 3.25 11.47
CA ALA A 84 6.75 3.33 11.21
C ALA A 84 7.01 3.92 9.84
N PRO A 85 7.82 4.96 9.74
CA PRO A 85 8.01 5.66 8.47
C PRO A 85 8.85 4.87 7.49
N SER A 86 8.22 4.33 6.46
CA SER A 86 8.89 3.50 5.48
C SER A 86 8.59 4.00 4.08
N PRO A 87 9.43 3.68 3.10
CA PRO A 87 9.21 4.19 1.75
C PRO A 87 7.98 3.60 1.06
N TYR A 88 7.30 2.63 1.67
CA TYR A 88 6.14 2.02 1.05
C TYR A 88 4.82 2.54 1.60
N ASN A 89 4.84 3.44 2.59
CA ASN A 89 3.62 4.04 3.09
C ASN A 89 3.76 5.52 3.42
N SER A 90 4.63 6.25 2.73
CA SER A 90 4.89 7.65 3.02
C SER A 90 4.59 8.50 1.79
N ARG A 91 4.26 9.76 2.02
CA ARG A 91 3.96 10.69 0.94
C ARG A 91 5.08 11.71 0.83
N PHE A 92 5.40 12.12 -0.39
CA PHE A 92 6.43 13.13 -0.59
C PHE A 92 5.84 14.52 -0.42
N GLU A 93 6.52 15.39 0.31
CA GLU A 93 6.02 16.74 0.56
C GLU A 93 6.87 17.82 -0.11
N SER A 94 8.17 17.87 0.17
CA SER A 94 9.02 18.93 -0.34
C SER A 94 10.47 18.59 -0.09
N VAL A 95 11.37 19.33 -0.72
CA VAL A 95 12.80 19.15 -0.53
C VAL A 95 13.31 20.23 0.40
N ALA A 96 13.81 19.85 1.57
CA ALA A 96 14.14 20.83 2.58
C ALA A 96 15.05 20.24 3.64
N TRP A 97 15.81 21.09 4.32
CA TRP A 97 16.46 20.74 5.57
C TRP A 97 15.96 21.58 6.74
N SER A 98 14.80 22.23 6.60
CA SER A 98 14.11 22.92 7.68
C SER A 98 12.72 23.22 7.19
N ALA A 99 11.70 22.93 8.00
CA ALA A 99 10.35 22.92 7.46
C ALA A 99 9.29 23.15 8.53
N SER A 100 8.06 23.35 8.06
CA SER A 100 6.86 23.37 8.88
C SER A 100 5.66 23.22 7.96
N ALA A 101 4.49 22.95 8.53
CA ALA A 101 3.29 22.72 7.73
C ALA A 101 2.04 22.84 8.57
N CYS A 102 0.99 23.44 8.00
CA CYS A 102 -0.31 23.46 8.68
C CYS A 102 -1.44 23.42 7.67
N HIS A 103 -2.64 23.09 8.16
CA HIS A 103 -3.83 22.87 7.36
C HIS A 103 -4.90 23.89 7.73
N ASP A 104 -5.43 24.59 6.73
CA ASP A 104 -6.35 25.69 6.99
C ASP A 104 -7.82 25.30 6.92
N GLY A 105 -8.12 24.03 6.72
CA GLY A 105 -9.48 23.57 6.55
C GLY A 105 -9.84 23.21 5.12
N ILE A 106 -9.00 23.55 4.16
CA ILE A 106 -9.25 23.26 2.76
C ILE A 106 -8.11 22.46 2.14
N SER A 107 -6.86 22.84 2.40
CA SER A 107 -5.73 22.14 1.80
C SER A 107 -4.48 22.33 2.64
N TRP A 108 -3.50 21.48 2.41
CA TRP A 108 -2.25 21.49 3.18
C TRP A 108 -1.32 22.57 2.67
N LEU A 109 -0.66 23.25 3.59
CA LEU A 109 0.40 24.21 3.26
C LEU A 109 1.71 23.69 3.84
N THR A 110 2.77 23.69 3.04
CA THR A 110 4.07 23.25 3.50
C THR A 110 5.14 24.27 3.14
N ILE A 111 6.12 24.42 4.01
CA ILE A 111 7.23 25.35 3.82
C ILE A 111 8.52 24.57 3.92
N GLY A 112 9.40 24.74 2.94
CA GLY A 112 10.65 23.99 2.93
C GLY A 112 11.85 24.81 2.49
N ILE A 113 12.94 24.73 3.25
CA ILE A 113 14.11 25.57 3.02
C ILE A 113 15.26 24.70 2.53
N SER A 114 15.91 25.11 1.44
CA SER A 114 17.03 24.39 0.87
C SER A 114 17.95 25.39 0.19
N GLY A 115 19.21 25.00 -0.01
CA GLY A 115 20.18 25.87 -0.62
C GLY A 115 21.41 26.08 0.22
N PRO A 116 22.35 26.88 -0.27
CA PRO A 116 23.59 27.12 0.48
C PRO A 116 23.33 27.98 1.71
N ASP A 117 24.35 28.07 2.57
CA ASP A 117 24.16 28.73 3.85
C ASP A 117 24.07 30.23 3.73
N ASN A 118 24.49 30.80 2.61
CA ASN A 118 24.36 32.24 2.42
C ASN A 118 23.30 32.63 1.40
N GLY A 119 22.53 31.66 0.90
CA GLY A 119 21.50 31.97 -0.07
C GLY A 119 20.24 31.13 0.03
N ALA A 120 19.93 30.59 1.20
CA ALA A 120 18.83 29.64 1.30
C ALA A 120 17.51 30.29 0.89
N VAL A 121 16.66 29.50 0.24
CA VAL A 121 15.40 29.98 -0.32
C VAL A 121 14.28 29.06 0.16
N ALA A 122 13.22 29.65 0.69
CA ALA A 122 12.08 28.87 1.20
C ALA A 122 11.01 28.79 0.14
N VAL A 123 10.54 27.57 -0.13
CA VAL A 123 9.56 27.32 -1.18
C VAL A 123 8.23 26.96 -0.53
N LEU A 124 7.19 27.71 -0.84
CA LEU A 124 5.87 27.52 -0.24
C LEU A 124 4.96 26.80 -1.23
N LYS A 125 4.38 25.69 -0.78
CA LYS A 125 3.47 24.91 -1.59
C LYS A 125 2.10 24.90 -0.96
N TYR A 126 1.07 25.07 -1.79
CA TYR A 126 -0.32 25.00 -1.32
C TYR A 126 -1.04 23.99 -2.17
N ASN A 127 -1.38 22.86 -1.58
CA ASN A 127 -2.06 21.77 -2.26
C ASN A 127 -1.16 21.10 -3.29
N GLY A 128 0.15 21.13 -3.06
CA GLY A 128 1.08 20.49 -3.97
C GLY A 128 1.53 21.33 -5.15
N ILE A 129 1.18 22.61 -5.19
CA ILE A 129 1.55 23.49 -6.29
C ILE A 129 2.38 24.63 -5.73
N ILE A 130 3.55 24.88 -6.32
CA ILE A 130 4.40 25.96 -5.83
C ILE A 130 3.71 27.29 -6.05
N THR A 131 3.71 28.14 -5.03
CA THR A 131 3.02 29.42 -5.11
C THR A 131 3.89 30.63 -4.84
N ASP A 132 4.85 30.55 -3.93
CA ASP A 132 5.63 31.72 -3.56
C ASP A 132 6.97 31.25 -3.00
N THR A 133 7.93 32.17 -2.91
CA THR A 133 9.22 31.89 -2.32
C THR A 133 9.66 33.06 -1.45
N ILE A 134 10.51 32.76 -0.48
CA ILE A 134 11.12 33.75 0.41
C ILE A 134 12.61 33.51 0.41
N LYS A 135 13.40 34.55 0.20
CA LYS A 135 14.84 34.42 0.19
C LYS A 135 15.46 35.06 1.42
N SER A 136 16.58 34.50 1.87
CA SER A 136 17.26 34.98 3.06
C SER A 136 17.62 36.45 2.92
N TRP A 137 17.38 37.21 3.99
CA TRP A 137 17.62 38.64 3.96
C TRP A 137 18.87 39.07 4.73
N ARG A 138 19.60 38.24 5.46
CA ARG A 138 20.77 38.77 6.22
C ARG A 138 21.96 37.89 5.89
N ASN A 139 21.78 36.96 4.96
CA ASN A 139 22.84 36.08 4.43
C ASN A 139 23.53 35.17 5.45
N ASN A 140 22.85 34.67 6.47
CA ASN A 140 23.42 33.59 7.33
C ASN A 140 22.49 32.42 7.09
N ILE A 141 22.19 31.56 8.05
CA ILE A 141 21.27 30.45 7.69
C ILE A 141 19.83 30.90 7.94
N LEU A 142 18.89 30.71 7.01
CA LEU A 142 17.44 30.97 7.24
C LEU A 142 16.85 29.68 7.81
N ARG A 143 16.25 29.68 8.99
CA ARG A 143 15.65 28.54 9.67
C ARG A 143 14.27 28.89 10.17
N THR A 144 13.48 27.86 10.43
CA THR A 144 12.05 28.01 10.73
C THR A 144 11.68 27.08 11.89
N GLN A 145 10.37 26.86 12.08
CA GLN A 145 9.86 26.39 13.36
C GLN A 145 10.24 24.95 13.66
N GLU A 146 10.13 24.06 12.68
CA GLU A 146 10.25 22.61 12.87
C GLU A 146 9.04 22.01 13.56
N SER A 147 7.91 22.72 13.56
CA SER A 147 6.65 22.17 14.03
C SER A 147 5.52 22.92 13.34
N GLU A 148 4.30 22.57 13.70
CA GLU A 148 3.16 23.04 12.93
C GLU A 148 2.96 24.54 13.08
N CYS A 149 2.52 25.16 12.00
CA CYS A 149 2.11 26.54 11.96
C CYS A 149 0.62 26.66 12.32
N ALA A 150 0.20 27.87 12.69
CA ALA A 150 -1.10 28.08 13.31
C ALA A 150 -2.02 28.86 12.40
N CYS A 151 -3.21 28.33 12.14
CA CYS A 151 -4.16 28.93 11.22
C CYS A 151 -5.41 29.39 11.96
N VAL A 152 -5.82 30.64 11.70
CA VAL A 152 -7.05 31.21 12.32
C VAL A 152 -7.84 31.92 11.21
N ASN A 153 -9.06 31.50 10.91
CA ASN A 153 -9.96 32.14 9.91
C ASN A 153 -9.35 32.13 8.51
N GLY A 154 -8.64 31.08 8.15
CA GLY A 154 -8.11 30.99 6.76
C GLY A 154 -6.71 31.53 6.58
N SER A 155 -6.20 32.29 7.55
CA SER A 155 -4.84 32.79 7.47
C SER A 155 -3.95 31.98 8.37
N CYS A 156 -2.70 31.76 7.95
CA CYS A 156 -1.76 30.93 8.70
C CYS A 156 -0.48 31.71 8.97
N PHE A 157 0.10 31.50 10.15
CA PHE A 157 1.17 32.34 10.66
C PHE A 157 2.40 31.52 11.01
N THR A 158 3.58 32.12 10.87
CA THR A 158 4.84 31.46 11.17
C THR A 158 5.92 32.49 11.46
N VAL A 159 7.02 32.02 12.05
CA VAL A 159 8.11 32.87 12.50
C VAL A 159 9.42 32.33 11.96
N MET A 160 10.31 33.23 11.53
CA MET A 160 11.56 32.83 10.90
C MET A 160 12.72 33.62 11.47
N THR A 161 13.91 33.03 11.40
CA THR A 161 15.12 33.59 12.00
C THR A 161 16.23 33.59 10.96
N ASP A 162 17.12 34.57 11.03
CA ASP A 162 18.26 34.63 10.11
C ASP A 162 19.36 35.47 10.72
N GLY A 163 20.46 34.82 11.08
CA GLY A 163 21.58 35.48 11.70
C GLY A 163 22.38 34.54 12.57
N PRO A 164 23.27 35.10 13.39
CA PRO A 164 24.14 34.26 14.23
C PRO A 164 23.33 33.45 15.23
N SER A 165 23.85 32.29 15.61
CA SER A 165 23.23 31.47 16.65
C SER A 165 23.90 31.62 17.99
N ASN A 166 24.76 32.61 18.17
CA ASN A 166 25.32 32.94 19.47
C ASN A 166 25.41 34.45 19.66
N GLY A 167 24.50 35.20 19.06
CA GLY A 167 24.52 36.64 19.16
C GLY A 167 23.19 37.20 18.69
N GLN A 168 23.18 38.51 18.48
CA GLN A 168 21.96 39.16 18.03
C GLN A 168 21.59 38.71 16.63
N ALA A 169 20.30 38.51 16.39
CA ALA A 169 19.83 38.05 15.08
C ALA A 169 18.70 38.93 14.55
N SER A 170 18.04 38.48 13.50
CA SER A 170 16.92 39.21 12.90
C SER A 170 15.71 38.29 12.83
N TYR A 171 14.53 38.84 13.12
CA TYR A 171 13.37 38.00 13.39
C TYR A 171 12.21 38.53 12.56
N LYS A 172 11.35 37.67 12.05
CA LYS A 172 10.23 38.11 11.25
C LYS A 172 8.99 37.27 11.50
N ILE A 173 7.81 37.87 11.32
CA ILE A 173 6.54 37.18 11.42
C ILE A 173 5.81 37.29 10.08
N PHE A 174 5.33 36.17 9.57
CA PHE A 174 4.72 36.11 8.25
C PHE A 174 3.26 35.73 8.34
N LYS A 175 2.44 36.34 7.51
CA LYS A 175 1.03 36.02 7.38
C LYS A 175 0.76 35.52 5.98
N ILE A 176 0.17 34.33 5.87
CA ILE A 176 0.04 33.63 4.60
C ILE A 176 -1.42 33.31 4.36
N GLU A 177 -1.91 33.61 3.16
CA GLU A 177 -3.28 33.28 2.78
C GLU A 177 -3.26 32.57 1.44
N LYS A 178 -3.66 31.30 1.43
CA LYS A 178 -3.70 30.48 0.22
C LYS A 178 -2.33 30.41 -0.45
N GLY A 179 -1.29 30.23 0.36
CA GLY A 179 0.04 30.06 -0.17
C GLY A 179 0.73 31.32 -0.64
N LYS A 180 0.13 32.49 -0.44
CA LYS A 180 0.72 33.76 -0.84
C LYS A 180 1.04 34.55 0.43
N VAL A 181 2.22 35.16 0.47
CA VAL A 181 2.57 35.98 1.62
C VAL A 181 1.88 37.32 1.49
N VAL A 182 1.12 37.69 2.51
CA VAL A 182 0.31 38.91 2.46
C VAL A 182 0.90 40.05 3.28
N LYS A 183 1.53 39.77 4.42
CA LYS A 183 2.04 40.82 5.28
C LYS A 183 3.17 40.24 6.13
N SER A 184 4.12 41.10 6.50
CA SER A 184 5.22 40.69 7.35
C SER A 184 5.84 41.89 8.03
N VAL A 185 6.21 41.71 9.30
CA VAL A 185 6.93 42.73 10.06
C VAL A 185 8.10 42.05 10.73
N GLU A 186 9.12 42.83 11.11
CA GLU A 186 10.27 42.25 11.79
C GLU A 186 10.32 42.74 13.22
N MET A 187 10.56 41.80 14.13
CA MET A 187 10.51 42.07 15.56
C MET A 187 11.62 43.01 15.96
N ASN A 188 11.34 43.89 16.91
CA ASN A 188 12.35 44.78 17.49
C ASN A 188 12.61 44.35 18.92
N ALA A 189 13.53 43.40 19.09
CA ALA A 189 13.81 42.80 20.39
C ALA A 189 15.30 42.77 20.66
N PRO A 190 15.85 43.83 21.24
CA PRO A 190 17.24 43.80 21.66
C PRO A 190 17.43 42.94 22.90
N ASN A 191 18.47 42.13 22.89
CA ASN A 191 18.83 41.15 23.93
C ASN A 191 17.85 39.98 24.02
N TYR A 192 17.17 39.63 22.95
CA TYR A 192 16.35 38.42 22.93
C TYR A 192 16.85 37.49 21.84
N HIS A 193 16.55 36.21 21.99
CA HIS A 193 16.90 35.23 20.97
C HIS A 193 15.75 34.26 20.79
N TYR A 194 15.34 34.06 19.55
CA TYR A 194 14.20 33.20 19.22
C TYR A 194 14.62 32.17 18.19
N GLU A 195 14.43 30.90 18.52
CA GLU A 195 14.65 29.82 17.57
C GLU A 195 13.63 28.73 17.79
N GLU A 196 13.18 28.12 16.70
CA GLU A 196 12.32 26.94 16.73
C GLU A 196 11.12 27.14 17.63
N CYS A 197 10.28 28.10 17.26
CA CYS A 197 9.10 28.43 18.05
C CYS A 197 8.00 27.40 17.82
N SER A 198 7.19 27.18 18.85
CA SER A 198 6.02 26.32 18.75
C SER A 198 4.79 27.14 19.09
N CYS A 199 3.92 27.33 18.10
CA CYS A 199 2.82 28.28 18.18
C CYS A 199 1.48 27.56 18.22
N TYR A 200 0.51 28.14 18.92
CA TYR A 200 -0.84 27.63 19.00
C TYR A 200 -1.82 28.79 19.07
N PRO A 201 -3.03 28.63 18.54
CA PRO A 201 -4.01 29.70 18.60
C PRO A 201 -4.88 29.61 19.84
N ASP A 202 -5.29 30.77 20.34
CA ASP A 202 -6.06 30.81 21.58
C ASP A 202 -6.90 32.09 21.59
N ALA A 203 -8.22 31.94 21.49
CA ALA A 203 -9.16 33.05 21.57
C ALA A 203 -8.90 34.09 20.48
N GLY A 204 -8.55 33.62 19.29
CA GLY A 204 -8.39 34.49 18.15
C GLY A 204 -7.02 35.10 18.00
N ASP A 205 -6.10 34.84 18.92
CA ASP A 205 -4.73 35.33 18.82
C ASP A 205 -3.77 34.15 18.73
N ILE A 206 -2.48 34.47 18.65
CA ILE A 206 -1.43 33.46 18.52
C ILE A 206 -0.45 33.67 19.66
N MET A 207 0.05 32.56 20.23
CA MET A 207 1.08 32.59 21.25
C MET A 207 2.15 31.58 20.89
N CYS A 208 3.41 32.00 20.96
CA CYS A 208 4.54 31.16 20.59
C CYS A 208 5.55 31.13 21.72
N VAL A 209 6.11 29.96 22.00
CA VAL A 209 7.16 29.79 23.00
C VAL A 209 8.38 29.20 22.30
N CYS A 210 9.53 29.85 22.48
CA CYS A 210 10.69 29.54 21.65
C CYS A 210 11.91 29.17 22.48
N ARG A 211 13.07 29.07 21.84
CA ARG A 211 14.30 28.59 22.47
C ARG A 211 15.38 29.65 22.39
N ASP A 212 15.97 29.99 23.54
CA ASP A 212 17.00 31.02 23.62
C ASP A 212 18.36 30.34 23.64
N ASN A 213 19.14 30.55 22.58
CA ASN A 213 20.38 29.83 22.39
C ASN A 213 21.62 30.68 22.63
N TRP A 214 21.45 31.91 23.12
CA TRP A 214 22.57 32.82 23.28
C TRP A 214 22.97 33.00 24.74
N HIS A 215 22.07 33.50 25.57
CA HIS A 215 22.35 33.55 27.00
C HIS A 215 21.14 33.27 27.88
N GLY A 216 20.35 32.27 27.55
CA GLY A 216 19.15 32.03 28.32
C GLY A 216 18.90 30.60 28.70
N SER A 217 18.45 30.39 29.94
CA SER A 217 18.08 29.08 30.45
C SER A 217 16.60 28.98 30.75
N ASN A 218 15.85 30.06 30.56
CA ASN A 218 14.40 30.04 30.58
C ASN A 218 13.84 30.44 29.21
N ARG A 219 12.52 30.46 29.10
CA ARG A 219 12.16 30.54 27.69
C ARG A 219 11.52 31.87 27.34
N PRO A 220 11.68 32.33 26.11
CA PRO A 220 10.99 33.54 25.66
C PRO A 220 9.67 33.22 24.98
N TRP A 221 8.83 34.24 24.84
CA TRP A 221 7.54 34.10 24.20
C TRP A 221 7.18 35.36 23.43
N VAL A 222 6.21 35.23 22.52
CA VAL A 222 5.72 36.34 21.72
C VAL A 222 4.27 36.07 21.35
N SER A 223 3.42 37.09 21.41
CA SER A 223 2.01 36.95 21.08
C SER A 223 1.56 38.11 20.22
N PHE A 224 0.67 37.83 19.27
CA PHE A 224 0.24 38.85 18.32
C PHE A 224 -1.16 38.51 17.82
N ASN A 225 -1.84 39.52 17.29
CA ASN A 225 -3.16 39.32 16.72
C ASN A 225 -3.08 39.20 15.20
N GLN A 226 -4.23 39.19 14.53
CA GLN A 226 -4.27 38.96 13.10
C GLN A 226 -3.73 40.13 12.29
N ASN A 227 -3.47 41.27 12.92
CA ASN A 227 -2.89 42.41 12.24
C ASN A 227 -1.40 42.55 12.53
N LEU A 228 -0.81 41.57 13.20
CA LEU A 228 0.61 41.56 13.55
C LEU A 228 0.99 42.72 14.45
N GLU A 229 0.43 42.77 15.66
CA GLU A 229 0.91 43.67 16.71
C GLU A 229 1.32 42.84 17.91
N TYR A 230 2.62 42.83 18.21
CA TYR A 230 3.22 41.80 19.05
C TYR A 230 3.59 42.34 20.42
N GLN A 231 3.85 41.40 21.32
CA GLN A 231 4.33 41.66 22.67
C GLN A 231 5.37 40.61 23.02
N ILE A 232 6.36 41.00 23.81
CA ILE A 232 7.50 40.12 24.05
C ILE A 232 7.82 40.04 25.54
N GLY A 233 8.54 38.99 25.91
CA GLY A 233 8.90 38.80 27.30
C GLY A 233 9.49 37.43 27.50
N TYR A 234 9.71 37.09 28.77
CA TYR A 234 10.24 35.80 29.18
C TYR A 234 9.31 35.19 30.23
N ILE A 235 9.40 33.87 30.39
CA ILE A 235 8.55 33.21 31.39
C ILE A 235 9.11 33.47 32.78
N CYS A 236 8.29 34.04 33.66
CA CYS A 236 8.75 34.64 34.88
C CYS A 236 8.84 33.64 36.02
N SER A 237 8.55 32.36 35.76
CA SER A 237 8.59 31.33 36.80
C SER A 237 10.02 30.99 37.20
N GLY A 238 10.14 30.37 38.37
CA GLY A 238 11.38 29.85 38.90
C GLY A 238 11.65 28.39 38.61
N ILE A 239 10.78 27.74 37.84
CA ILE A 239 11.02 26.37 37.37
C ILE A 239 11.56 26.51 35.96
N PHE A 240 12.89 26.49 35.83
CA PHE A 240 13.49 26.74 34.53
C PHE A 240 13.13 25.64 33.55
N GLY A 241 13.10 25.99 32.28
CA GLY A 241 12.56 25.09 31.29
C GLY A 241 13.51 24.62 30.21
N ASP A 242 14.63 25.31 30.05
CA ASP A 242 15.56 24.96 28.98
C ASP A 242 16.45 23.79 29.41
N ASN A 243 17.44 23.48 28.58
CA ASN A 243 18.39 22.42 28.87
C ASN A 243 19.67 22.65 28.08
N PRO A 244 20.81 22.92 28.73
CA PRO A 244 21.14 22.92 30.15
C PRO A 244 20.57 24.08 30.93
N ARG A 245 20.48 23.94 32.24
CA ARG A 245 19.87 24.92 33.11
C ARG A 245 20.43 24.74 34.50
N PRO A 246 20.37 25.76 35.34
CA PRO A 246 20.79 25.63 36.73
C PRO A 246 19.75 24.85 37.53
N ASN A 247 20.00 24.75 38.83
CA ASN A 247 19.01 24.16 39.72
C ASN A 247 17.85 25.12 39.95
N ASP A 248 16.73 24.58 40.42
CA ASP A 248 15.56 25.41 40.68
C ASP A 248 15.86 26.42 41.78
N GLY A 249 15.40 27.65 41.58
CA GLY A 249 15.67 28.72 42.52
C GLY A 249 14.74 29.89 42.30
N THR A 250 15.27 31.11 42.42
CA THR A 250 14.48 32.30 42.18
C THR A 250 14.59 32.70 40.71
N GLY A 251 13.47 32.72 40.02
CA GLY A 251 13.47 32.97 38.59
C GLY A 251 13.45 34.44 38.27
N SER A 252 13.46 34.79 36.96
CA SER A 252 13.31 36.22 36.54
C SER A 252 12.78 36.41 35.11
N CYS A 253 12.14 37.55 34.82
CA CYS A 253 11.50 37.82 33.49
C CYS A 253 12.45 38.42 32.45
N SER A 254 13.69 38.74 32.81
CA SER A 254 14.70 39.20 31.83
C SER A 254 15.62 38.03 31.61
N PRO A 255 16.40 37.92 30.53
CA PRO A 255 17.13 36.69 30.29
C PRO A 255 17.90 36.19 31.52
N MET A 256 17.76 34.90 31.89
CA MET A 256 18.53 34.31 33.01
C MET A 256 19.89 33.89 32.46
N PRO A 257 21.05 34.29 33.02
CA PRO A 257 22.35 34.03 32.36
C PRO A 257 22.99 32.70 32.70
N SER A 258 22.72 32.12 33.86
CA SER A 258 23.45 30.94 34.29
C SER A 258 23.16 29.74 33.38
N ASN A 259 24.21 29.09 32.90
CA ASN A 259 24.09 27.94 32.01
C ASN A 259 23.17 28.22 30.84
N GLY A 260 23.33 29.38 30.20
CA GLY A 260 22.40 29.80 29.15
C GLY A 260 22.69 29.31 27.75
N ALA A 261 23.93 29.28 27.31
CA ALA A 261 24.21 28.94 25.91
C ALA A 261 23.79 27.51 25.57
N TYR A 262 23.25 27.26 24.38
CA TYR A 262 22.74 25.95 23.95
C TYR A 262 21.30 25.79 24.46
N GLY A 263 20.59 24.74 24.04
CA GLY A 263 19.23 24.54 24.52
C GLY A 263 18.59 23.36 23.89
N VAL A 264 17.27 23.21 24.04
CA VAL A 264 16.50 22.17 23.31
C VAL A 264 15.17 22.84 22.92
N LYS A 265 14.52 22.50 21.80
CA LYS A 265 13.20 22.97 21.42
C LYS A 265 12.13 22.46 22.40
N GLY A 266 11.25 23.36 22.82
CA GLY A 266 10.25 23.01 23.83
C GLY A 266 8.93 23.74 23.69
N PHE A 267 8.08 23.69 24.71
CA PHE A 267 6.75 24.29 24.62
C PHE A 267 6.23 24.62 26.02
N SER A 268 5.05 25.24 26.03
CA SER A 268 4.33 25.57 27.26
C SER A 268 2.96 26.10 26.88
N PHE A 269 2.02 26.00 27.83
CA PHE A 269 0.65 26.45 27.62
C PHE A 269 0.31 27.46 28.70
N LYS A 270 -0.48 28.47 28.36
CA LYS A 270 -0.83 29.53 29.30
C LYS A 270 -2.28 29.42 29.70
N TYR A 271 -2.54 29.46 31.01
CA TYR A 271 -3.90 29.40 31.56
C TYR A 271 -4.05 30.55 32.55
N GLY A 272 -4.42 31.72 32.07
CA GLY A 272 -4.55 32.84 32.99
C GLY A 272 -3.19 33.30 33.45
N ASN A 273 -2.87 33.01 34.72
CA ASN A 273 -1.52 33.25 35.22
C ASN A 273 -0.72 31.99 35.42
N GLY A 274 -1.33 30.81 35.33
CA GLY A 274 -0.60 29.58 35.47
C GLY A 274 0.09 29.20 34.19
N VAL A 275 0.74 28.04 34.21
CA VAL A 275 1.47 27.56 33.04
C VAL A 275 1.75 26.07 33.21
N TRP A 276 1.65 25.33 32.11
CA TRP A 276 2.06 23.93 32.08
C TRP A 276 3.43 23.88 31.41
N ILE A 277 4.43 23.38 32.13
CA ILE A 277 5.81 23.38 31.68
C ILE A 277 6.22 21.94 31.39
N GLY A 278 6.81 21.71 30.23
CA GLY A 278 7.33 20.40 29.87
C GLY A 278 8.84 20.46 29.65
N ARG A 279 9.57 19.69 30.43
CA ARG A 279 11.02 19.78 30.48
C ARG A 279 11.63 18.43 30.80
N THR A 280 12.92 18.29 30.49
CA THR A 280 13.64 17.06 30.77
C THR A 280 14.01 16.98 32.25
N LYS A 281 14.18 15.75 32.73
CA LYS A 281 14.49 15.54 34.14
C LYS A 281 15.93 15.90 34.47
N SER A 282 16.87 15.58 33.59
CA SER A 282 18.27 15.85 33.86
C SER A 282 18.62 17.28 33.48
N THR A 283 19.46 17.93 34.31
CA THR A 283 19.78 19.33 34.09
C THR A 283 20.96 19.55 33.17
N SER A 284 21.60 18.48 32.68
CA SER A 284 22.79 18.63 31.85
C SER A 284 22.75 17.84 30.56
N SER A 285 21.99 16.76 30.47
CA SER A 285 21.86 16.00 29.25
C SER A 285 20.40 15.70 28.99
N ARG A 286 20.10 15.24 27.78
CA ARG A 286 18.72 15.04 27.36
C ARG A 286 18.22 13.68 27.82
N SER A 287 17.83 13.61 29.09
CA SER A 287 17.30 12.38 29.66
C SER A 287 16.03 12.67 30.44
N GLY A 288 15.00 11.86 30.20
CA GLY A 288 13.76 11.97 30.95
C GLY A 288 12.79 12.98 30.38
N PHE A 289 11.62 13.11 30.99
CA PHE A 289 10.64 14.12 30.62
C PHE A 289 9.55 14.14 31.67
N GLU A 290 8.94 15.30 31.89
CA GLU A 290 7.92 15.45 32.91
C GLU A 290 7.08 16.68 32.61
N MET A 291 5.91 16.75 33.22
CA MET A 291 5.00 17.88 33.07
C MET A 291 4.72 18.50 34.41
N ILE A 292 4.81 19.82 34.50
CA ILE A 292 4.68 20.57 35.74
C ILE A 292 3.52 21.54 35.61
N TRP A 293 2.85 21.85 36.72
CA TRP A 293 1.77 22.81 36.75
C TRP A 293 2.03 23.82 37.86
N ASP A 294 2.43 25.02 37.49
CA ASP A 294 2.69 26.09 38.46
C ASP A 294 1.56 27.10 38.36
N PRO A 295 0.68 27.20 39.35
CA PRO A 295 -0.51 28.04 39.20
C PRO A 295 -0.24 29.53 39.07
N ASN A 296 0.94 30.02 39.43
CA ASN A 296 1.27 31.42 39.21
C ASN A 296 2.55 31.60 38.41
N GLY A 297 2.83 30.71 37.47
CA GLY A 297 4.14 30.66 36.85
C GLY A 297 4.37 31.67 35.75
N TRP A 298 3.32 32.26 35.19
CA TRP A 298 3.56 33.15 34.06
C TRP A 298 4.04 34.52 34.50
N THR A 299 3.84 34.89 35.76
CA THR A 299 4.17 36.22 36.23
C THR A 299 4.89 36.29 37.56
N GLU A 300 5.03 35.18 38.28
CA GLU A 300 5.67 35.19 39.59
C GLU A 300 6.94 34.38 39.58
N THR A 301 7.88 34.76 40.44
CA THR A 301 9.24 34.25 40.39
C THR A 301 9.56 33.21 41.47
N ASP A 302 8.56 32.69 42.18
CA ASP A 302 8.86 31.65 43.14
C ASP A 302 9.11 30.33 42.41
N SER A 303 9.53 29.32 43.18
CA SER A 303 9.86 27.99 42.60
C SER A 303 9.00 26.91 43.23
N SER A 304 7.75 27.22 43.55
CA SER A 304 6.82 26.23 44.14
C SER A 304 5.79 25.80 43.09
N PHE A 305 5.46 24.51 43.02
CA PHE A 305 4.53 23.97 42.00
C PHE A 305 3.40 23.17 42.65
N SER A 306 2.37 22.76 41.88
CA SER A 306 1.27 21.91 42.42
C SER A 306 1.27 20.46 41.93
N VAL A 307 1.39 20.17 40.63
CA VAL A 307 1.24 18.78 40.14
C VAL A 307 2.37 18.39 39.18
N LYS A 308 2.91 17.18 39.31
CA LYS A 308 3.93 16.67 38.41
C LYS A 308 3.50 15.31 37.90
N GLN A 309 3.75 15.05 36.62
CA GLN A 309 3.42 13.78 36.01
C GLN A 309 4.60 13.29 35.17
N ASP A 310 4.97 12.03 35.35
CA ASP A 310 6.16 11.50 34.67
C ASP A 310 5.81 10.93 33.30
N ILE A 311 6.73 11.10 32.35
CA ILE A 311 6.55 10.64 30.99
C ILE A 311 7.63 9.63 30.59
N VAL A 312 8.89 9.93 30.91
CA VAL A 312 10.01 9.03 30.65
C VAL A 312 10.94 9.11 31.85
N GLU A 313 11.52 7.98 32.25
CA GLU A 313 12.42 7.98 33.40
C GLU A 313 13.74 8.66 33.08
N ILE A 314 14.49 8.99 34.14
CA ILE A 314 15.70 9.78 34.01
C ILE A 314 16.85 8.98 33.41
N THR A 315 16.69 7.68 33.26
CA THR A 315 17.76 6.87 32.72
C THR A 315 17.65 6.65 31.21
N ASP A 316 16.66 7.26 30.57
CA ASP A 316 16.40 7.01 29.15
C ASP A 316 16.46 8.30 28.35
N TRP A 317 16.71 8.16 27.06
CA TRP A 317 17.01 9.31 26.22
C TRP A 317 15.75 9.97 25.69
N SER A 318 15.79 11.29 25.56
CA SER A 318 14.70 12.05 24.97
C SER A 318 15.27 13.15 24.09
N GLY A 319 14.46 14.13 23.72
CA GLY A 319 14.93 15.15 22.80
C GLY A 319 13.99 16.32 22.62
N TYR A 320 13.75 16.70 21.36
CA TYR A 320 12.84 17.77 21.01
C TYR A 320 11.43 17.50 21.52
N SER A 321 10.62 18.55 21.60
CA SER A 321 9.20 18.42 21.89
C SER A 321 8.48 19.69 21.48
N GLY A 322 7.19 19.56 21.19
CA GLY A 322 6.41 20.69 20.70
C GLY A 322 4.94 20.47 20.94
N SER A 323 4.13 21.41 20.46
CA SER A 323 2.70 21.38 20.75
C SER A 323 1.87 21.39 19.48
N PHE A 324 0.66 20.86 19.59
CA PHE A 324 -0.34 20.94 18.54
C PHE A 324 -1.73 20.86 19.17
N VAL A 325 -2.74 21.27 18.42
CA VAL A 325 -4.10 21.37 18.94
C VAL A 325 -5.06 20.66 18.00
N GLN A 326 -6.26 20.38 18.49
CA GLN A 326 -7.32 19.73 17.72
C GLN A 326 -8.55 20.64 17.71
N HIS A 327 -8.94 21.12 16.54
CA HIS A 327 -9.96 22.13 16.44
C HIS A 327 -11.35 21.55 16.69
N PRO A 328 -12.31 22.39 17.08
CA PRO A 328 -13.67 21.88 17.30
C PRO A 328 -14.29 21.26 16.08
N GLU A 329 -13.92 21.70 14.88
CA GLU A 329 -14.46 21.09 13.67
C GLU A 329 -14.05 19.63 13.54
N LEU A 330 -12.95 19.23 14.18
CA LEU A 330 -12.50 17.85 14.17
C LEU A 330 -13.05 17.05 15.32
N THR A 331 -12.95 17.58 16.53
CA THR A 331 -13.27 16.81 17.72
C THR A 331 -14.72 16.92 18.17
N GLY A 332 -15.45 17.92 17.68
CA GLY A 332 -16.85 18.04 18.01
C GLY A 332 -17.15 18.72 19.32
N LEU A 333 -16.15 19.06 20.11
CA LEU A 333 -16.35 19.76 21.40
C LEU A 333 -16.44 21.25 21.10
N ASP A 334 -16.62 22.11 22.12
CA ASP A 334 -16.73 23.57 21.92
C ASP A 334 -15.54 24.27 22.54
N CYS A 335 -14.35 23.67 22.48
CA CYS A 335 -13.12 24.27 23.03
C CYS A 335 -11.95 23.78 22.19
N MET A 336 -10.81 24.47 22.19
CA MET A 336 -9.62 23.95 21.51
C MET A 336 -8.90 22.99 22.45
N ARG A 337 -8.58 21.77 22.00
CA ARG A 337 -7.88 20.79 22.83
C ARG A 337 -6.37 20.91 22.66
N PRO A 338 -5.59 20.90 23.74
CA PRO A 338 -4.13 20.91 23.61
C PRO A 338 -3.54 19.52 23.65
N CYS A 339 -2.44 19.32 22.93
CA CYS A 339 -1.69 18.07 22.92
C CYS A 339 -0.21 18.37 22.79
N PHE A 340 0.63 17.34 22.79
CA PHE A 340 2.05 17.52 22.56
C PHE A 340 2.71 16.21 22.15
N TRP A 341 3.94 16.30 21.64
CA TRP A 341 4.73 15.16 21.21
C TRP A 341 6.16 15.27 21.73
N VAL A 342 6.86 14.14 21.76
CA VAL A 342 8.23 14.07 22.23
C VAL A 342 9.03 13.21 21.27
N GLU A 343 10.32 13.52 21.11
CA GLU A 343 11.20 12.76 20.24
C GLU A 343 12.29 12.07 21.06
N LEU A 344 12.57 10.82 20.76
CA LEU A 344 13.50 10.00 21.52
C LEU A 344 14.70 9.66 20.64
N ILE A 345 15.85 10.26 20.93
CA ILE A 345 17.01 10.16 20.05
C ILE A 345 17.88 8.98 20.47
N ARG A 346 18.30 8.18 19.51
CA ARG A 346 19.24 7.09 19.73
C ARG A 346 20.38 7.18 18.74
N GLY A 347 21.59 6.90 19.22
CA GLY A 347 22.76 6.94 18.36
C GLY A 347 23.76 8.00 18.78
N ARG A 348 24.63 8.40 17.88
CA ARG A 348 25.63 9.42 18.17
C ARG A 348 24.94 10.65 18.73
N PRO A 349 25.58 11.57 19.49
CA PRO A 349 26.96 11.41 19.94
C PRO A 349 27.11 10.68 21.27
N LYS A 350 26.01 10.35 21.93
CA LYS A 350 26.07 9.76 23.26
C LYS A 350 26.27 8.26 23.23
N GLU A 351 26.24 7.63 22.06
CA GLU A 351 26.41 6.19 21.96
C GLU A 351 27.33 5.85 20.78
N ASN A 352 27.83 4.63 20.78
CA ASN A 352 28.89 4.24 19.85
C ASN A 352 28.29 3.52 18.65
N THR A 353 27.83 4.32 17.70
CA THR A 353 27.31 3.83 16.43
C THR A 353 27.87 4.70 15.32
N ILE A 354 27.30 4.58 14.12
CA ILE A 354 27.66 5.46 13.03
C ILE A 354 26.49 6.31 12.56
N TRP A 355 25.30 6.12 13.12
CA TRP A 355 24.09 6.80 12.67
C TRP A 355 23.42 7.48 13.86
N THR A 356 22.32 8.15 13.58
CA THR A 356 21.48 8.75 14.61
C THR A 356 20.06 8.89 14.07
N SER A 357 19.07 8.66 14.93
CA SER A 357 17.69 8.62 14.52
C SER A 357 16.80 8.92 15.72
N GLY A 358 15.49 8.93 15.49
CA GLY A 358 14.54 9.19 16.56
C GLY A 358 13.17 8.64 16.25
N SER A 359 12.45 8.28 17.31
CA SER A 359 11.06 7.89 17.26
C SER A 359 10.25 8.84 18.12
N SER A 360 8.93 8.63 18.18
CA SER A 360 8.07 9.63 18.80
C SER A 360 6.97 8.99 19.63
N ILE A 361 6.51 9.75 20.63
CA ILE A 361 5.29 9.46 21.38
C ILE A 361 4.53 10.77 21.52
N SER A 362 3.23 10.67 21.80
CA SER A 362 2.42 11.88 21.89
C SER A 362 1.25 11.67 22.82
N PHE A 363 0.81 12.76 23.44
CA PHE A 363 -0.21 12.75 24.49
C PHE A 363 -1.22 13.83 24.21
N CYS A 364 -2.42 13.68 24.75
CA CYS A 364 -3.48 14.67 24.60
C CYS A 364 -4.18 14.90 25.93
N GLY A 365 -4.49 16.16 26.24
CA GLY A 365 -4.95 16.49 27.58
C GLY A 365 -6.44 16.25 27.75
N VAL A 366 -6.81 15.75 28.94
CA VAL A 366 -8.18 15.38 29.27
C VAL A 366 -8.54 15.95 30.63
N ASN A 367 -9.76 15.65 31.07
CA ASN A 367 -10.26 16.13 32.35
C ASN A 367 -10.60 14.99 33.32
N SER A 368 -10.52 13.74 32.88
CA SER A 368 -10.76 12.60 33.75
C SER A 368 -9.44 12.07 34.31
N ASP A 369 -9.48 10.86 34.87
CA ASP A 369 -8.34 10.31 35.58
C ASP A 369 -7.22 9.92 34.63
N THR A 370 -5.98 9.98 35.12
CA THR A 370 -4.77 9.64 34.37
C THR A 370 -3.74 9.01 35.30
N VAL A 371 -2.61 8.59 34.72
CA VAL A 371 -1.56 7.90 35.47
C VAL A 371 -0.22 8.30 34.88
N GLY A 372 0.83 8.18 35.69
CA GLY A 372 2.18 8.45 35.23
C GLY A 372 3.06 7.21 35.22
N TRP A 373 3.77 7.01 34.11
CA TRP A 373 4.57 5.81 33.90
C TRP A 373 5.76 6.22 33.04
N SER A 374 6.41 5.26 32.41
CA SER A 374 7.53 5.54 31.51
C SER A 374 7.35 4.74 30.23
N TRP A 375 7.40 5.41 29.09
CA TRP A 375 7.23 4.81 27.78
C TRP A 375 8.47 5.09 26.95
N PRO A 376 9.57 4.41 27.22
CA PRO A 376 10.84 4.71 26.55
C PRO A 376 10.89 4.10 25.17
N ASP A 377 12.06 4.21 24.53
CA ASP A 377 12.19 3.74 23.16
C ASP A 377 12.33 2.23 23.09
N GLY A 378 13.36 1.68 23.71
CA GLY A 378 13.47 0.25 23.89
C GLY A 378 14.32 -0.50 22.89
N ALA A 379 14.99 0.17 21.96
CA ALA A 379 15.86 -0.51 21.04
C ALA A 379 17.13 -0.98 21.75
N GLU A 380 17.72 -2.09 21.28
CA GLU A 380 18.97 -2.67 21.85
C GLU A 380 20.13 -2.42 20.90
N LEU A 381 20.96 -1.39 21.13
CA LEU A 381 22.09 -1.00 20.32
C LEU A 381 23.34 -1.75 20.74
N PRO A 382 24.36 -1.90 19.88
CA PRO A 382 24.50 -1.44 18.49
C PRO A 382 23.91 -2.40 17.47
N PHE A 383 23.70 -1.92 16.25
CA PHE A 383 23.11 -2.73 15.19
C PHE A 383 24.18 -3.51 14.45
N THR A 384 23.74 -4.28 13.45
CA THR A 384 24.67 -5.12 12.70
C THR A 384 25.67 -4.31 11.91
N ILE A 385 25.23 -3.21 11.29
CA ILE A 385 26.12 -2.41 10.45
C ILE A 385 27.27 -1.84 11.27
N ASP A 386 27.08 -1.66 12.57
CA ASP A 386 28.09 -1.05 13.43
C ASP A 386 29.22 -2.01 13.80
N LYS A 387 29.05 -3.30 13.53
CA LYS A 387 29.97 -4.30 14.05
C LYS A 387 31.04 -4.65 13.04
N VAL B 1 -26.97 5.12 9.68
CA VAL B 1 -27.83 4.79 10.80
C VAL B 1 -27.21 3.67 11.63
N THR B 2 -27.80 3.39 12.78
CA THR B 2 -27.20 2.49 13.74
C THR B 2 -27.78 1.08 13.59
N LEU B 3 -26.99 0.09 14.01
CA LEU B 3 -27.43 -1.30 13.95
C LEU B 3 -28.53 -1.54 14.97
N ALA B 4 -29.69 -2.03 14.51
CA ALA B 4 -30.83 -2.18 15.40
C ALA B 4 -30.63 -3.32 16.40
N GLY B 5 -30.22 -4.49 15.92
CA GLY B 5 -29.90 -5.59 16.81
C GLY B 5 -31.03 -6.10 17.67
N ASN B 6 -32.23 -6.16 17.08
CA ASN B 6 -33.43 -6.69 17.75
C ASN B 6 -33.89 -7.98 17.08
N SER B 7 -32.97 -8.83 16.60
CA SER B 7 -33.33 -10.08 15.98
C SER B 7 -32.61 -11.24 16.65
N SER B 8 -33.03 -12.46 16.32
CA SER B 8 -32.51 -13.64 16.97
C SER B 8 -31.52 -14.39 16.08
N LEU B 9 -30.72 -15.24 16.71
CA LEU B 9 -29.81 -16.11 15.96
C LEU B 9 -30.64 -17.06 15.13
N CYS B 10 -30.19 -17.33 13.90
CA CYS B 10 -31.00 -18.19 13.05
C CYS B 10 -30.42 -19.60 13.00
N PRO B 11 -31.23 -20.61 12.70
CA PRO B 11 -30.79 -21.99 12.91
C PRO B 11 -29.65 -22.37 11.98
N ILE B 12 -28.75 -23.21 12.49
CA ILE B 12 -27.60 -23.70 11.76
C ILE B 12 -27.48 -25.20 12.01
N SER B 13 -26.71 -25.87 11.15
CA SER B 13 -26.41 -27.28 11.34
C SER B 13 -24.94 -27.61 11.21
N GLY B 14 -24.10 -26.64 10.87
CA GLY B 14 -22.69 -26.90 10.70
C GLY B 14 -21.97 -25.60 10.44
N TRP B 15 -20.65 -25.69 10.29
CA TRP B 15 -19.80 -24.52 10.16
C TRP B 15 -18.96 -24.65 8.90
N ALA B 16 -18.80 -23.55 8.17
CA ALA B 16 -18.00 -23.52 6.96
C ALA B 16 -16.82 -22.58 7.15
N ILE B 17 -15.70 -22.88 6.51
CA ILE B 17 -14.48 -22.11 6.74
C ILE B 17 -14.59 -20.76 6.06
N TYR B 18 -14.02 -19.74 6.70
CA TYR B 18 -14.15 -18.35 6.27
C TYR B 18 -12.85 -17.69 5.91
N SER B 19 -11.77 -17.90 6.67
CA SER B 19 -10.52 -17.24 6.37
C SER B 19 -9.35 -18.02 6.97
N LYS B 20 -8.16 -17.72 6.47
CA LYS B 20 -6.92 -18.32 6.97
C LYS B 20 -5.77 -17.47 6.43
N ASP B 21 -4.91 -16.96 7.30
CA ASP B 21 -3.98 -15.94 6.86
C ASP B 21 -2.55 -16.43 6.65
N ASN B 22 -2.14 -17.53 7.26
CA ASN B 22 -0.79 -18.08 7.11
C ASN B 22 0.27 -17.08 7.55
N GLY B 23 0.20 -16.65 8.80
CA GLY B 23 1.08 -15.59 9.24
C GLY B 23 2.53 -16.01 9.35
N ILE B 24 2.79 -17.13 10.02
CA ILE B 24 4.16 -17.51 10.33
C ILE B 24 4.90 -18.03 9.10
N ARG B 25 4.22 -18.84 8.29
CA ARG B 25 4.84 -19.36 7.08
C ARG B 25 5.34 -18.23 6.18
N ILE B 26 4.55 -17.18 6.05
CA ILE B 26 5.00 -16.02 5.30
C ILE B 26 6.07 -15.26 6.07
N GLY B 27 5.92 -15.16 7.39
CA GLY B 27 6.84 -14.39 8.19
C GLY B 27 8.23 -14.98 8.32
N SER B 28 8.42 -16.21 7.83
CA SER B 28 9.77 -16.76 7.80
C SER B 28 10.73 -15.91 6.99
N LYS B 29 10.26 -15.32 5.88
CA LYS B 29 11.11 -14.48 5.03
C LYS B 29 10.65 -13.03 5.00
N GLY B 30 9.35 -12.77 4.91
CA GLY B 30 8.87 -11.41 4.82
C GLY B 30 8.87 -10.70 6.16
N ASP B 31 8.28 -9.50 6.15
CA ASP B 31 8.21 -8.67 7.36
C ASP B 31 6.82 -8.81 7.96
N VAL B 32 6.71 -9.52 9.08
CA VAL B 32 5.45 -9.78 9.74
C VAL B 32 5.61 -9.55 11.23
N PHE B 33 4.64 -8.89 11.84
CA PHE B 33 4.68 -8.60 13.27
C PHE B 33 4.70 -9.88 14.10
N VAL B 34 5.04 -9.72 15.38
CA VAL B 34 4.84 -10.78 16.36
C VAL B 34 3.63 -10.43 17.20
N ILE B 35 2.55 -11.22 17.07
CA ILE B 35 1.25 -10.87 17.61
C ILE B 35 0.78 -11.91 18.60
N ARG B 36 -0.25 -11.55 19.36
CA ARG B 36 -1.01 -12.49 20.16
C ARG B 36 -2.40 -11.91 20.38
N GLU B 37 -3.32 -12.75 20.82
CA GLU B 37 -4.72 -12.40 21.03
C GLU B 37 -5.37 -11.70 19.83
N PRO B 38 -5.43 -12.36 18.67
CA PRO B 38 -6.17 -11.76 17.56
C PRO B 38 -7.67 -11.91 17.75
N PHE B 39 -8.43 -11.03 17.11
CA PHE B 39 -9.88 -11.21 17.08
C PHE B 39 -10.45 -10.45 15.89
N ILE B 40 -11.69 -10.78 15.56
CA ILE B 40 -12.35 -10.28 14.35
C ILE B 40 -13.63 -9.56 14.75
N SER B 41 -13.90 -8.43 14.09
CA SER B 41 -15.12 -7.68 14.34
C SER B 41 -15.55 -7.03 13.03
N CYS B 42 -16.87 -6.94 12.83
CA CYS B 42 -17.43 -6.54 11.55
C CYS B 42 -18.28 -5.29 11.69
N SER B 43 -18.13 -4.38 10.73
CA SER B 43 -18.95 -3.18 10.62
C SER B 43 -20.15 -3.48 9.75
N HIS B 44 -20.83 -2.44 9.28
CA HIS B 44 -21.91 -2.65 8.33
C HIS B 44 -21.42 -2.66 6.88
N LEU B 45 -20.11 -2.66 6.65
CA LEU B 45 -19.56 -2.73 5.30
C LEU B 45 -18.43 -3.74 5.13
N GLU B 46 -17.69 -4.08 6.19
CA GLU B 46 -16.55 -4.97 6.05
C GLU B 46 -16.25 -5.62 7.39
N CYS B 47 -15.23 -6.47 7.39
CA CYS B 47 -14.74 -7.12 8.60
C CYS B 47 -13.24 -6.95 8.69
N ARG B 48 -12.73 -6.75 9.90
CA ARG B 48 -11.32 -6.51 10.13
C ARG B 48 -10.79 -7.41 11.22
N THR B 49 -9.47 -7.50 11.32
CA THR B 49 -8.81 -8.31 12.33
C THR B 49 -7.95 -7.42 13.22
N PHE B 50 -8.15 -7.51 14.54
CA PHE B 50 -7.39 -6.72 15.49
C PHE B 50 -6.40 -7.62 16.22
N PHE B 51 -5.28 -7.05 16.66
CA PHE B 51 -4.27 -7.84 17.34
C PHE B 51 -3.40 -6.94 18.19
N LEU B 52 -2.61 -7.55 19.07
CA LEU B 52 -1.75 -6.84 20.01
C LEU B 52 -0.30 -7.16 19.70
N THR B 53 0.53 -6.26 19.17
CA THR B 53 1.96 -6.51 18.95
C THR B 53 2.85 -5.92 20.04
N GLN B 54 4.12 -6.32 20.15
CA GLN B 54 5.10 -5.79 21.13
C GLN B 54 6.14 -4.95 20.43
N GLY B 55 5.96 -4.62 19.16
CA GLY B 55 6.90 -3.78 18.42
C GLY B 55 7.99 -4.51 17.71
N ALA B 56 7.91 -5.81 17.59
CA ALA B 56 9.03 -6.59 17.04
C ALA B 56 8.58 -7.37 15.83
N LEU B 57 9.45 -7.48 14.83
CA LEU B 57 9.13 -8.33 13.69
C LEU B 57 9.59 -9.75 13.93
N LEU B 58 8.93 -10.68 13.25
CA LEU B 58 9.29 -12.09 13.35
C LEU B 58 10.67 -12.31 12.76
N ASN B 59 11.43 -13.22 13.38
CA ASN B 59 12.77 -13.59 12.94
C ASN B 59 13.78 -12.45 13.09
N ASP B 60 13.71 -11.73 14.20
CA ASP B 60 14.57 -10.60 14.50
C ASP B 60 15.04 -10.68 15.94
N LYS B 61 16.14 -9.99 16.25
CA LYS B 61 16.70 -10.11 17.59
C LYS B 61 15.85 -9.41 18.63
N HIS B 62 14.98 -8.49 18.23
CA HIS B 62 14.11 -7.84 19.20
C HIS B 62 12.94 -8.70 19.59
N SER B 63 12.77 -9.85 18.94
CA SER B 63 11.67 -10.79 19.26
C SER B 63 12.10 -11.69 20.41
N ASN B 64 13.28 -11.51 20.98
CA ASN B 64 13.74 -12.31 22.13
C ASN B 64 12.77 -12.04 23.22
N GLY B 65 12.18 -13.06 23.75
CA GLY B 65 11.09 -12.92 24.74
C GLY B 65 11.40 -12.77 26.21
N THR B 66 12.16 -11.74 26.58
CA THR B 66 12.39 -11.46 28.02
C THR B 66 11.54 -10.22 28.35
N VAL B 67 10.90 -9.64 27.34
CA VAL B 67 9.96 -8.52 27.58
C VAL B 67 8.70 -9.10 28.24
N LYS B 68 8.14 -8.43 29.25
CA LYS B 68 6.98 -8.94 30.00
C LYS B 68 5.74 -8.81 29.11
N ASP B 69 4.63 -9.46 29.43
CA ASP B 69 3.41 -9.26 28.62
C ASP B 69 2.89 -7.85 28.79
N ARG B 70 2.91 -7.32 30.00
CA ARG B 70 2.49 -5.94 30.25
C ARG B 70 3.70 -5.02 30.09
N SER B 71 4.06 -4.63 28.86
CA SER B 71 5.28 -3.86 28.61
C SER B 71 4.88 -2.56 27.95
N PRO B 72 5.72 -1.53 28.03
CA PRO B 72 5.35 -0.23 27.46
C PRO B 72 5.47 -0.18 25.95
N TYR B 73 5.59 -1.31 25.27
CA TYR B 73 5.80 -1.32 23.83
C TYR B 73 4.61 -1.86 23.05
N ARG B 74 3.70 -2.59 23.70
CA ARG B 74 2.60 -3.21 22.98
C ARG B 74 1.63 -2.17 22.44
N THR B 75 1.02 -2.48 21.30
CA THR B 75 0.07 -1.60 20.65
C THR B 75 -1.06 -2.42 20.08
N LEU B 76 -2.16 -1.77 19.78
CA LEU B 76 -3.30 -2.42 19.12
C LEU B 76 -3.37 -1.93 17.68
N MET B 77 -3.50 -2.86 16.74
CA MET B 77 -3.61 -2.49 15.33
C MET B 77 -4.68 -3.32 14.65
N SER B 78 -4.85 -3.12 13.36
CA SER B 78 -5.86 -3.88 12.61
C SER B 78 -5.50 -3.91 11.14
N CYS B 79 -5.88 -5.01 10.50
CA CYS B 79 -5.66 -5.23 9.08
C CYS B 79 -6.88 -5.96 8.52
N PRO B 80 -7.09 -5.93 7.21
CA PRO B 80 -8.25 -6.60 6.64
C PRO B 80 -8.21 -8.09 6.93
N VAL B 81 -9.38 -8.71 7.02
CA VAL B 81 -9.44 -10.11 7.39
C VAL B 81 -8.75 -10.95 6.34
N GLY B 82 -7.98 -11.94 6.80
CA GLY B 82 -7.34 -12.88 5.90
C GLY B 82 -5.99 -12.46 5.37
N GLU B 83 -5.32 -11.49 5.98
CA GLU B 83 -4.02 -11.04 5.50
C GLU B 83 -2.96 -11.12 6.60
N ALA B 84 -1.72 -11.29 6.17
CA ALA B 84 -0.62 -11.38 7.13
C ALA B 84 -0.32 -10.00 7.72
N PRO B 85 -0.29 -9.87 9.03
CA PRO B 85 -0.15 -8.56 9.65
C PRO B 85 1.26 -8.01 9.53
N SER B 86 1.43 -7.01 8.68
CA SER B 86 2.74 -6.43 8.43
C SER B 86 2.69 -4.92 8.60
N PRO B 87 3.82 -4.27 8.84
CA PRO B 87 3.79 -2.82 9.05
C PRO B 87 3.44 -2.02 7.82
N TYR B 88 3.31 -2.64 6.65
CA TYR B 88 2.99 -1.92 5.43
C TYR B 88 1.54 -2.01 5.03
N ASN B 89 0.71 -2.75 5.77
CA ASN B 89 -0.71 -2.79 5.49
C ASN B 89 -1.58 -2.81 6.75
N SER B 90 -1.13 -2.20 7.84
CA SER B 90 -1.85 -2.21 9.10
C SER B 90 -2.17 -0.80 9.54
N ARG B 91 -3.23 -0.64 10.32
CA ARG B 91 -3.64 0.66 10.84
C ARG B 91 -3.37 0.72 12.33
N PHE B 92 -2.96 1.89 12.82
CA PHE B 92 -2.72 2.05 14.24
C PHE B 92 -4.04 2.37 14.95
N GLU B 93 -4.27 1.71 16.09
CA GLU B 93 -5.50 1.89 16.84
C GLU B 93 -5.29 2.56 18.19
N SER B 94 -4.44 2.00 19.05
CA SER B 94 -4.26 2.52 20.39
C SER B 94 -3.06 1.85 21.04
N VAL B 95 -2.62 2.41 22.16
CA VAL B 95 -1.50 1.84 22.92
C VAL B 95 -2.06 1.09 24.10
N ALA B 96 -1.85 -0.22 24.15
CA ALA B 96 -2.51 -1.03 25.16
C ALA B 96 -1.83 -2.39 25.29
N TRP B 97 -1.98 -3.01 26.47
CA TRP B 97 -1.71 -4.43 26.62
C TRP B 97 -2.95 -5.22 27.01
N SER B 98 -4.14 -4.67 26.77
CA SER B 98 -5.40 -5.38 26.92
C SER B 98 -6.47 -4.51 26.27
N ALA B 99 -7.32 -5.09 25.43
CA ALA B 99 -8.13 -4.27 24.56
C ALA B 99 -9.41 -4.97 24.12
N SER B 100 -10.28 -4.20 23.49
CA SER B 100 -11.47 -4.68 22.79
C SER B 100 -11.97 -3.55 21.89
N ALA B 101 -12.87 -3.89 20.96
CA ALA B 101 -13.37 -2.89 20.01
C ALA B 101 -14.64 -3.36 19.35
N CYS B 102 -15.58 -2.44 19.13
CA CYS B 102 -16.78 -2.77 18.36
C CYS B 102 -17.27 -1.54 17.60
N HIS B 103 -18.13 -1.80 16.61
CA HIS B 103 -18.63 -0.81 15.67
C HIS B 103 -20.14 -0.68 15.80
N ASP B 104 -20.62 0.55 15.99
CA ASP B 104 -22.03 0.77 16.29
C ASP B 104 -22.87 1.11 15.06
N GLY B 105 -22.29 1.07 13.87
CA GLY B 105 -22.98 1.45 12.67
C GLY B 105 -22.57 2.80 12.12
N ILE B 106 -21.82 3.59 12.88
CA ILE B 106 -21.39 4.92 12.46
C ILE B 106 -19.87 5.04 12.53
N SER B 107 -19.25 4.59 13.62
CA SER B 107 -17.80 4.73 13.75
C SER B 107 -17.26 3.68 14.71
N TRP B 108 -15.95 3.47 14.65
CA TRP B 108 -15.28 2.45 15.45
C TRP B 108 -15.05 2.95 16.87
N LEU B 109 -15.27 2.08 17.85
CA LEU B 109 -14.93 2.35 19.23
C LEU B 109 -13.85 1.38 19.67
N THR B 110 -12.79 1.88 20.31
CA THR B 110 -11.70 1.04 20.78
C THR B 110 -11.40 1.36 22.24
N ILE B 111 -11.03 0.33 23.00
CA ILE B 111 -10.69 0.47 24.40
C ILE B 111 -9.30 -0.11 24.60
N GLY B 112 -8.42 0.64 25.26
CA GLY B 112 -7.06 0.18 25.46
C GLY B 112 -6.49 0.49 26.82
N ILE B 113 -5.89 -0.49 27.48
CA ILE B 113 -5.43 -0.37 28.86
C ILE B 113 -3.91 -0.38 28.88
N SER B 114 -3.32 0.59 29.56
CA SER B 114 -1.87 0.70 29.69
C SER B 114 -1.55 1.35 31.02
N GLY B 115 -0.32 1.14 31.50
CA GLY B 115 0.10 1.70 32.76
C GLY B 115 0.62 0.65 33.72
N PRO B 116 1.01 1.07 34.92
CA PRO B 116 1.54 0.12 35.90
C PRO B 116 0.45 -0.78 36.45
N ASP B 117 0.89 -1.81 37.18
CA ASP B 117 -0.07 -2.84 37.60
C ASP B 117 -0.97 -2.35 38.73
N ASN B 118 -0.63 -1.26 39.40
CA ASN B 118 -1.50 -0.74 40.44
C ASN B 118 -2.18 0.57 40.04
N GLY B 119 -2.03 1.01 38.80
CA GLY B 119 -2.66 2.24 38.37
C GLY B 119 -3.14 2.25 36.94
N ALA B 120 -3.44 1.10 36.35
CA ALA B 120 -3.74 1.06 34.93
C ALA B 120 -4.96 1.90 34.59
N VAL B 121 -4.92 2.54 33.43
CA VAL B 121 -5.95 3.46 32.99
C VAL B 121 -6.41 3.07 31.59
N ALA B 122 -7.72 2.96 31.40
CA ALA B 122 -8.28 2.57 30.11
C ALA B 122 -8.68 3.82 29.33
N VAL B 123 -8.23 3.90 28.09
CA VAL B 123 -8.47 5.08 27.25
C VAL B 123 -9.46 4.69 26.16
N LEU B 124 -10.57 5.41 26.08
CA LEU B 124 -11.64 5.12 25.14
C LEU B 124 -11.57 6.09 23.97
N LYS B 125 -11.51 5.56 22.75
CA LYS B 125 -11.46 6.36 21.55
C LYS B 125 -12.69 6.10 20.70
N TYR B 126 -13.29 7.15 20.18
CA TYR B 126 -14.43 7.04 19.28
C TYR B 126 -14.10 7.79 18.01
N ASN B 127 -13.89 7.04 16.92
CA ASN B 127 -13.53 7.59 15.63
C ASN B 127 -12.14 8.22 15.65
N GLY B 128 -11.25 7.70 16.49
CA GLY B 128 -9.90 8.19 16.56
C GLY B 128 -9.67 9.39 17.45
N ILE B 129 -10.65 9.80 18.23
CA ILE B 129 -10.54 10.95 19.11
C ILE B 129 -10.77 10.47 20.54
N ILE B 130 -9.85 10.80 21.45
CA ILE B 130 -10.00 10.38 22.83
C ILE B 130 -11.21 11.06 23.43
N THR B 131 -12.05 10.28 24.12
CA THR B 131 -13.28 10.82 24.69
C THR B 131 -13.43 10.63 26.19
N ASP B 132 -12.96 9.51 26.75
CA ASP B 132 -13.18 9.24 28.16
C ASP B 132 -12.10 8.29 28.65
N THR B 133 -11.95 8.19 29.97
CA THR B 133 -11.01 7.26 30.58
C THR B 133 -11.65 6.60 31.79
N ILE B 134 -11.17 5.41 32.11
CA ILE B 134 -11.58 4.66 33.29
C ILE B 134 -10.32 4.24 34.03
N LYS B 135 -10.27 4.49 35.34
CA LYS B 135 -9.11 4.12 36.14
C LYS B 135 -9.44 2.96 37.06
N SER B 136 -8.43 2.14 37.32
CA SER B 136 -8.58 0.96 38.16
C SER B 136 -9.13 1.34 39.53
N TRP B 137 -10.10 0.56 40.00
CA TRP B 137 -10.75 0.85 41.27
C TRP B 137 -10.32 -0.07 42.40
N ARG B 138 -9.40 -1.01 42.23
CA ARG B 138 -8.91 -1.84 43.35
C ARG B 138 -7.38 -1.99 43.29
N ASN B 139 -6.68 -1.24 42.41
CA ASN B 139 -5.22 -1.21 42.42
C ASN B 139 -4.64 -2.61 42.28
N ASN B 140 -5.10 -3.33 41.27
CA ASN B 140 -4.56 -4.63 40.89
C ASN B 140 -4.70 -4.64 39.36
N ILE B 141 -4.20 -5.70 38.73
CA ILE B 141 -4.15 -5.73 37.28
C ILE B 141 -5.55 -5.58 36.71
N LEU B 142 -5.79 -4.52 35.94
CA LEU B 142 -7.08 -4.30 35.31
C LEU B 142 -7.10 -4.92 33.93
N ARG B 143 -8.18 -5.60 33.57
CA ARG B 143 -8.18 -6.34 32.33
C ARG B 143 -9.59 -6.40 31.75
N THR B 144 -9.66 -6.70 30.46
CA THR B 144 -10.91 -6.61 29.70
C THR B 144 -11.02 -7.84 28.78
N GLN B 145 -11.93 -7.75 27.79
CA GLN B 145 -12.46 -8.94 27.13
C GLN B 145 -11.43 -9.64 26.26
N GLU B 146 -10.67 -8.89 25.47
CA GLU B 146 -9.80 -9.42 24.41
C GLU B 146 -10.58 -9.92 23.22
N SER B 147 -11.83 -9.49 23.07
CA SER B 147 -12.59 -9.78 21.86
C SER B 147 -13.64 -8.68 21.72
N GLU B 148 -14.48 -8.81 20.69
CA GLU B 148 -15.35 -7.70 20.32
C GLU B 148 -16.41 -7.46 21.38
N CYS B 149 -16.74 -6.19 21.56
CA CYS B 149 -17.86 -5.75 22.38
C CYS B 149 -19.14 -5.70 21.56
N ALA B 150 -20.29 -5.69 22.24
CA ALA B 150 -21.58 -5.91 21.61
C ALA B 150 -22.42 -4.65 21.63
N CYS B 151 -22.91 -4.24 20.46
CA CYS B 151 -23.67 -3.01 20.31
C CYS B 151 -25.10 -3.31 19.91
N VAL B 152 -26.06 -2.69 20.62
CA VAL B 152 -27.51 -2.85 20.30
C VAL B 152 -28.14 -1.45 20.35
N ASN B 153 -28.77 -0.98 19.28
CA ASN B 153 -29.45 0.34 19.19
C ASN B 153 -28.51 1.50 19.51
N GLY B 154 -27.27 1.41 19.09
CA GLY B 154 -26.33 2.54 19.29
C GLY B 154 -25.47 2.41 20.53
N SER B 155 -25.95 1.70 21.55
CA SER B 155 -25.20 1.56 22.80
C SER B 155 -24.35 0.31 22.74
N CYS B 156 -23.17 0.36 23.33
CA CYS B 156 -22.23 -0.75 23.29
C CYS B 156 -21.81 -1.14 24.70
N PHE B 157 -21.65 -2.44 24.94
CA PHE B 157 -21.51 -2.98 26.29
C PHE B 157 -20.23 -3.79 26.41
N THR B 158 -19.65 -3.80 27.63
CA THR B 158 -18.43 -4.54 27.88
C THR B 158 -18.32 -4.84 29.38
N VAL B 159 -17.43 -5.77 29.72
CA VAL B 159 -17.25 -6.26 31.08
C VAL B 159 -15.78 -6.17 31.46
N MET B 160 -15.51 -5.77 32.70
CA MET B 160 -14.13 -5.56 33.16
C MET B 160 -13.92 -6.21 34.51
N THR B 161 -12.67 -6.56 34.80
CA THR B 161 -12.28 -7.28 36.00
C THR B 161 -11.11 -6.57 36.66
N ASP B 162 -11.05 -6.63 37.99
CA ASP B 162 -9.95 -6.01 38.72
C ASP B 162 -9.80 -6.66 40.08
N GLY B 163 -8.72 -7.41 40.27
CA GLY B 163 -8.49 -8.12 41.50
C GLY B 163 -7.63 -9.34 41.30
N PRO B 164 -7.55 -10.20 42.31
CA PRO B 164 -6.69 -11.39 42.21
C PRO B 164 -7.15 -12.32 41.11
N SER B 165 -6.20 -13.07 40.55
CA SER B 165 -6.53 -14.08 39.55
C SER B 165 -6.56 -15.48 40.12
N ASN B 166 -6.56 -15.63 41.44
CA ASN B 166 -6.76 -16.92 42.09
C ASN B 166 -7.64 -16.78 43.32
N GLY B 167 -8.54 -15.82 43.33
CA GLY B 167 -9.41 -15.59 44.45
C GLY B 167 -10.57 -14.71 44.06
N GLN B 168 -11.27 -14.21 45.07
CA GLN B 168 -12.41 -13.35 44.80
C GLN B 168 -11.96 -12.04 44.17
N ALA B 169 -12.73 -11.55 43.20
CA ALA B 169 -12.39 -10.32 42.51
C ALA B 169 -13.56 -9.35 42.49
N SER B 170 -13.46 -8.29 41.68
CA SER B 170 -14.52 -7.30 41.54
C SER B 170 -14.86 -7.14 40.07
N TYR B 171 -16.15 -7.01 39.76
CA TYR B 171 -16.62 -7.19 38.40
C TYR B 171 -17.52 -6.01 38.06
N LYS B 172 -17.48 -5.52 36.83
CA LYS B 172 -18.33 -4.39 36.46
C LYS B 172 -18.82 -4.52 35.03
N ILE B 173 -20.00 -3.93 34.77
CA ILE B 173 -20.58 -3.89 33.43
C ILE B 173 -20.75 -2.43 33.04
N PHE B 174 -20.28 -2.08 31.83
CA PHE B 174 -20.26 -0.70 31.38
C PHE B 174 -21.16 -0.54 30.16
N LYS B 175 -21.86 0.59 30.10
CA LYS B 175 -22.69 0.97 28.97
C LYS B 175 -22.14 2.25 28.37
N ILE B 176 -21.85 2.23 27.08
CA ILE B 176 -21.11 3.30 26.41
C ILE B 176 -21.94 3.79 25.23
N GLU B 177 -22.09 5.11 25.12
CA GLU B 177 -22.80 5.73 24.00
C GLU B 177 -21.93 6.83 23.43
N LYS B 178 -21.49 6.64 22.18
CA LYS B 178 -20.64 7.61 21.49
C LYS B 178 -19.37 7.90 22.26
N GLY B 179 -18.75 6.86 22.80
CA GLY B 179 -17.48 6.99 23.48
C GLY B 179 -17.55 7.56 24.88
N LYS B 180 -18.73 7.79 25.42
CA LYS B 180 -18.92 8.29 26.77
C LYS B 180 -19.55 7.21 27.63
N VAL B 181 -19.03 7.02 28.84
CA VAL B 181 -19.63 6.04 29.74
C VAL B 181 -20.89 6.64 30.35
N VAL B 182 -22.00 5.94 30.19
CA VAL B 182 -23.29 6.45 30.63
C VAL B 182 -23.78 5.79 31.92
N LYS B 183 -23.53 4.50 32.12
CA LYS B 183 -24.04 3.80 33.28
C LYS B 183 -23.15 2.61 33.57
N SER B 184 -23.07 2.22 34.84
CA SER B 184 -22.27 1.06 35.23
C SER B 184 -22.73 0.54 36.58
N VAL B 185 -22.77 -0.78 36.71
CA VAL B 185 -23.08 -1.45 37.96
C VAL B 185 -22.03 -2.52 38.19
N GLU B 186 -21.85 -2.94 39.44
CA GLU B 186 -20.88 -3.98 39.73
C GLU B 186 -21.59 -5.24 40.19
N MET B 187 -21.16 -6.37 39.63
CA MET B 187 -21.82 -7.64 39.84
C MET B 187 -21.67 -8.07 41.29
N ASN B 188 -22.70 -8.71 41.84
CA ASN B 188 -22.67 -9.29 43.17
C ASN B 188 -22.68 -10.80 43.04
N ALA B 189 -21.50 -11.39 42.88
CA ALA B 189 -21.37 -12.82 42.61
C ALA B 189 -20.33 -13.44 43.53
N PRO B 190 -20.74 -13.88 44.72
CA PRO B 190 -19.81 -14.61 45.58
C PRO B 190 -19.58 -16.03 45.07
N ASN B 191 -18.32 -16.46 45.08
CA ASN B 191 -17.82 -17.74 44.57
C ASN B 191 -17.90 -17.86 43.05
N TYR B 192 -17.85 -16.76 42.32
CA TYR B 192 -17.76 -16.81 40.86
C TYR B 192 -16.48 -16.11 40.42
N HIS B 193 -16.01 -16.48 39.23
CA HIS B 193 -14.85 -15.81 38.66
C HIS B 193 -15.08 -15.59 37.18
N TYR B 194 -14.85 -14.36 36.72
CA TYR B 194 -15.11 -13.98 35.34
C TYR B 194 -13.85 -13.34 34.76
N GLU B 195 -13.36 -13.89 33.66
CA GLU B 195 -12.26 -13.28 32.92
C GLU B 195 -12.46 -13.50 31.43
N GLU B 196 -12.07 -12.49 30.65
CA GLU B 196 -12.04 -12.59 29.21
C GLU B 196 -13.35 -13.11 28.64
N CYS B 197 -14.41 -12.34 28.85
CA CYS B 197 -15.73 -12.73 28.39
C CYS B 197 -15.88 -12.49 26.90
N SER B 198 -16.69 -13.32 26.26
CA SER B 198 -17.03 -13.15 24.85
C SER B 198 -18.54 -12.98 24.73
N CYS B 199 -18.98 -11.80 24.29
CA CYS B 199 -20.37 -11.40 24.36
C CYS B 199 -20.96 -11.29 22.96
N TYR B 200 -22.25 -11.59 22.84
CA TYR B 200 -22.97 -11.46 21.59
C TYR B 200 -24.40 -11.02 21.89
N PRO B 201 -25.03 -10.27 20.99
CA PRO B 201 -26.42 -9.85 21.22
C PRO B 201 -27.41 -10.85 20.64
N ASP B 202 -28.56 -10.96 21.30
CA ASP B 202 -29.56 -11.93 20.89
C ASP B 202 -30.93 -11.45 21.36
N ALA B 203 -31.79 -11.07 20.43
CA ALA B 203 -33.17 -10.68 20.71
C ALA B 203 -33.23 -9.48 21.65
N GLY B 204 -32.31 -8.54 21.46
CA GLY B 204 -32.32 -7.31 22.21
C GLY B 204 -31.60 -7.35 23.54
N ASP B 205 -31.07 -8.49 23.94
CA ASP B 205 -30.29 -8.62 25.16
C ASP B 205 -28.87 -9.03 24.84
N ILE B 206 -28.07 -9.19 25.89
CA ILE B 206 -26.66 -9.54 25.77
C ILE B 206 -26.42 -10.81 26.57
N MET B 207 -25.59 -11.70 26.03
CA MET B 207 -25.17 -12.91 26.73
C MET B 207 -23.67 -13.06 26.60
N CYS B 208 -22.99 -13.32 27.71
CA CYS B 208 -21.54 -13.43 27.75
C CYS B 208 -21.15 -14.76 28.39
N VAL B 209 -20.14 -15.41 27.83
CA VAL B 209 -19.58 -16.64 28.38
C VAL B 209 -18.11 -16.42 28.67
N CYS B 210 -17.68 -16.70 29.90
CA CYS B 210 -16.37 -16.26 30.36
C CYS B 210 -15.52 -17.43 30.86
N ARG B 211 -14.38 -17.12 31.49
CA ARG B 211 -13.40 -18.11 31.89
C ARG B 211 -13.20 -18.05 33.39
N ASP B 212 -13.32 -19.20 34.06
CA ASP B 212 -13.18 -19.30 35.51
C ASP B 212 -11.78 -19.79 35.83
N ASN B 213 -10.98 -18.92 36.45
CA ASN B 213 -9.57 -19.19 36.66
C ASN B 213 -9.23 -19.53 38.09
N TRP B 214 -10.22 -19.68 38.97
CA TRP B 214 -9.97 -19.89 40.39
C TRP B 214 -10.25 -21.31 40.81
N HIS B 215 -11.49 -21.78 40.67
CA HIS B 215 -11.77 -23.19 40.94
C HIS B 215 -12.80 -23.79 39.98
N GLY B 216 -12.69 -23.52 38.70
CA GLY B 216 -13.70 -24.01 37.78
C GLY B 216 -13.18 -24.64 36.51
N SER B 217 -13.79 -25.76 36.12
CA SER B 217 -13.48 -26.44 34.86
C SER B 217 -14.62 -26.39 33.87
N ASN B 218 -15.73 -25.79 34.24
CA ASN B 218 -16.81 -25.47 33.32
C ASN B 218 -17.02 -23.95 33.25
N ARG B 219 -17.98 -23.52 32.44
CA ARG B 219 -17.83 -22.09 32.23
C ARG B 219 -18.98 -21.31 32.86
N PRO B 220 -18.72 -20.08 33.29
CA PRO B 220 -19.79 -19.23 33.79
C PRO B 220 -20.36 -18.34 32.69
N TRP B 221 -21.54 -17.78 32.97
CA TRP B 221 -22.21 -16.90 32.02
C TRP B 221 -22.95 -15.80 32.77
N VAL B 222 -23.31 -14.74 32.03
CA VAL B 222 -24.06 -13.61 32.56
C VAL B 222 -24.85 -12.98 31.43
N SER B 223 -26.10 -12.61 31.71
CA SER B 223 -26.97 -12.00 30.71
C SER B 223 -27.70 -10.81 31.31
N PHE B 224 -27.88 -9.77 30.51
CA PHE B 224 -28.49 -8.54 31.00
C PHE B 224 -29.17 -7.81 29.86
N ASN B 225 -30.09 -6.91 30.20
CA ASN B 225 -30.78 -6.11 29.20
C ASN B 225 -30.15 -4.72 29.12
N GLN B 226 -30.78 -3.81 28.36
CA GLN B 226 -30.20 -2.50 28.13
C GLN B 226 -30.22 -1.60 29.35
N ASN B 227 -30.89 -2.01 30.42
CA ASN B 227 -30.91 -1.24 31.65
C ASN B 227 -29.98 -1.83 32.70
N LEU B 228 -29.19 -2.84 32.32
CA LEU B 228 -28.24 -3.51 33.21
C LEU B 228 -28.92 -4.20 34.38
N GLU B 229 -29.76 -5.18 34.11
CA GLU B 229 -30.28 -6.08 35.14
C GLU B 229 -29.87 -7.50 34.78
N TYR B 230 -29.00 -8.10 35.59
CA TYR B 230 -28.23 -9.26 35.19
C TYR B 230 -28.72 -10.54 35.88
N GLN B 231 -28.34 -11.68 35.28
CA GLN B 231 -28.64 -13.03 35.83
C GLN B 231 -27.36 -13.85 35.69
N ILE B 232 -26.97 -14.70 36.67
CA ILE B 232 -25.69 -15.39 36.70
C ILE B 232 -25.90 -16.89 36.88
N GLY B 233 -24.87 -17.65 36.51
CA GLY B 233 -24.95 -19.09 36.63
C GLY B 233 -23.77 -19.74 35.94
N TYR B 234 -23.82 -21.06 35.85
CA TYR B 234 -22.81 -21.86 35.18
C TYR B 234 -23.48 -22.77 34.16
N ILE B 235 -22.72 -23.25 33.18
CA ILE B 235 -23.28 -24.13 32.17
C ILE B 235 -23.46 -25.52 32.77
N CYS B 236 -24.70 -26.02 32.72
CA CYS B 236 -25.10 -27.16 33.52
C CYS B 236 -24.83 -28.48 32.83
N SER B 237 -24.21 -28.45 31.65
CA SER B 237 -23.92 -29.68 30.90
C SER B 237 -22.80 -30.48 31.52
N GLY B 238 -22.73 -31.74 31.15
CA GLY B 238 -21.66 -32.65 31.54
C GLY B 238 -20.52 -32.77 30.55
N ILE B 239 -20.54 -31.99 29.48
CA ILE B 239 -19.42 -31.91 28.54
C ILE B 239 -18.62 -30.67 28.96
N PHE B 240 -17.58 -30.87 29.77
CA PHE B 240 -16.85 -29.73 30.31
C PHE B 240 -16.16 -28.97 29.19
N GLY B 241 -15.97 -27.67 29.41
CA GLY B 241 -15.53 -26.81 28.33
C GLY B 241 -14.20 -26.14 28.54
N ASP B 242 -13.70 -26.09 29.76
CA ASP B 242 -12.47 -25.39 30.04
C ASP B 242 -11.27 -26.26 29.69
N ASN B 243 -10.08 -25.79 30.04
CA ASN B 243 -8.84 -26.53 29.81
C ASN B 243 -7.77 -26.03 30.77
N PRO B 244 -7.30 -26.85 31.71
CA PRO B 244 -7.52 -28.27 31.96
C PRO B 244 -8.87 -28.60 32.53
N ARG B 245 -9.27 -29.86 32.40
CA ARG B 245 -10.59 -30.31 32.81
C ARG B 245 -10.52 -31.80 33.07
N PRO B 246 -11.44 -32.34 33.85
CA PRO B 246 -11.49 -33.80 34.05
C PRO B 246 -12.07 -34.48 32.82
N ASN B 247 -12.27 -35.79 32.93
CA ASN B 247 -12.94 -36.52 31.87
C ASN B 247 -14.44 -36.25 31.91
N ASP B 248 -15.11 -36.56 30.81
CA ASP B 248 -16.55 -36.33 30.74
C ASP B 248 -17.27 -37.21 31.74
N GLY B 249 -18.26 -36.63 32.41
CA GLY B 249 -19.00 -37.34 33.43
C GLY B 249 -20.30 -36.67 33.77
N THR B 250 -20.66 -36.62 35.05
CA THR B 250 -21.86 -35.93 35.48
C THR B 250 -21.52 -34.50 35.81
N GLY B 251 -22.15 -33.56 35.11
CA GLY B 251 -21.83 -32.16 35.27
C GLY B 251 -22.60 -31.51 36.40
N SER B 252 -22.35 -30.20 36.57
CA SER B 252 -22.96 -29.39 37.67
C SER B 252 -23.41 -28.01 37.18
N CYS B 253 -24.23 -27.27 37.95
CA CYS B 253 -24.64 -25.87 37.59
C CYS B 253 -23.96 -24.85 38.51
N SER B 254 -23.00 -25.27 39.33
CA SER B 254 -22.27 -24.40 40.28
C SER B 254 -20.84 -24.79 40.00
N PRO B 255 -19.79 -24.12 40.50
CA PRO B 255 -18.45 -24.47 40.04
C PRO B 255 -18.07 -25.94 40.17
N MET B 256 -17.49 -26.55 39.13
CA MET B 256 -16.97 -27.94 39.19
C MET B 256 -15.53 -27.84 39.70
N PRO B 257 -15.14 -28.39 40.87
CA PRO B 257 -13.81 -28.14 41.45
C PRO B 257 -12.67 -28.92 40.83
N SER B 258 -12.91 -30.08 40.24
CA SER B 258 -11.81 -30.93 39.78
C SER B 258 -11.05 -30.27 38.64
N ASN B 259 -9.72 -30.21 38.78
CA ASN B 259 -8.85 -29.60 37.78
C ASN B 259 -9.31 -28.21 37.39
N GLY B 260 -9.78 -27.43 38.35
CA GLY B 260 -10.40 -26.18 38.00
C GLY B 260 -9.46 -25.00 37.89
N ALA B 261 -8.31 -25.05 38.54
CA ALA B 261 -7.63 -23.81 38.88
C ALA B 261 -6.79 -23.26 37.74
N TYR B 262 -7.37 -23.07 36.57
CA TYR B 262 -6.74 -22.40 35.41
C TYR B 262 -7.80 -22.50 34.30
N GLY B 263 -7.49 -22.13 33.07
CA GLY B 263 -8.42 -22.17 31.96
C GLY B 263 -7.82 -21.58 30.70
N VAL B 264 -8.71 -21.35 29.73
CA VAL B 264 -8.36 -20.70 28.47
C VAL B 264 -9.63 -20.03 27.95
N LYS B 265 -9.46 -18.90 27.26
CA LYS B 265 -10.60 -18.13 26.79
C LYS B 265 -11.42 -18.91 25.76
N GLY B 266 -12.74 -18.90 25.91
CA GLY B 266 -13.61 -19.69 25.05
C GLY B 266 -14.96 -19.08 24.79
N PHE B 267 -15.90 -19.86 24.25
CA PHE B 267 -17.21 -19.32 23.89
C PHE B 267 -18.24 -20.43 23.86
N SER B 268 -19.50 -20.04 23.61
CA SER B 268 -20.62 -20.94 23.45
C SER B 268 -21.84 -20.14 23.00
N PHE B 269 -22.77 -20.83 22.36
CA PHE B 269 -23.99 -20.22 21.85
C PHE B 269 -25.19 -20.92 22.46
N LYS B 270 -26.25 -20.18 22.74
CA LYS B 270 -27.43 -20.75 23.38
C LYS B 270 -28.59 -20.81 22.40
N TYR B 271 -29.23 -21.98 22.31
CA TYR B 271 -30.39 -22.19 21.44
C TYR B 271 -31.50 -22.83 22.26
N GLY B 272 -32.29 -22.03 22.94
CA GLY B 272 -33.34 -22.61 23.75
C GLY B 272 -32.75 -23.28 24.97
N ASN B 273 -32.74 -24.61 24.98
CA ASN B 273 -32.06 -25.34 26.03
C ASN B 273 -30.78 -26.01 25.55
N GLY B 274 -30.53 -26.05 24.25
CA GLY B 274 -29.31 -26.62 23.74
C GLY B 274 -28.15 -25.67 23.84
N VAL B 275 -27.00 -26.11 23.34
CA VAL B 275 -25.80 -25.27 23.39
C VAL B 275 -24.78 -25.84 22.41
N TRP B 276 -24.06 -24.94 21.73
CA TRP B 276 -22.93 -25.32 20.90
C TRP B 276 -21.65 -25.04 21.69
N ILE B 277 -20.86 -26.07 21.95
CA ILE B 277 -19.68 -25.97 22.79
C ILE B 277 -18.44 -26.11 21.92
N GLY B 278 -17.49 -25.21 22.08
CA GLY B 278 -16.22 -25.30 21.37
C GLY B 278 -15.07 -25.43 22.34
N ARG B 279 -14.33 -26.52 22.22
CA ARG B 279 -13.32 -26.88 23.21
C ARG B 279 -12.19 -27.64 22.55
N THR B 280 -11.04 -27.68 23.22
CA THR B 280 -9.88 -28.39 22.73
C THR B 280 -10.03 -29.90 22.94
N LYS B 281 -9.35 -30.67 22.09
CA LYS B 281 -9.46 -32.12 22.17
C LYS B 281 -8.71 -32.70 23.35
N SER B 282 -7.53 -32.17 23.66
CA SER B 282 -6.73 -32.69 24.77
C SER B 282 -7.19 -32.10 26.09
N THR B 283 -7.21 -32.92 27.13
CA THR B 283 -7.72 -32.47 28.42
C THR B 283 -6.66 -31.84 29.30
N SER B 284 -5.41 -31.77 28.86
CA SER B 284 -4.34 -31.24 29.69
C SER B 284 -3.48 -30.18 29.02
N SER B 285 -3.40 -30.17 27.69
CA SER B 285 -2.64 -29.14 26.98
C SER B 285 -3.48 -28.63 25.83
N ARG B 286 -3.03 -27.51 25.25
CA ARG B 286 -3.81 -26.84 24.22
C ARG B 286 -3.53 -27.46 22.85
N SER B 287 -4.20 -28.58 22.59
CA SER B 287 -4.07 -29.28 21.32
C SER B 287 -5.44 -29.64 20.78
N GLY B 288 -5.65 -29.36 19.50
CA GLY B 288 -6.88 -29.74 18.84
C GLY B 288 -8.01 -28.74 18.99
N PHE B 289 -9.15 -29.02 18.39
CA PHE B 289 -10.35 -28.20 18.54
C PHE B 289 -11.52 -28.93 17.92
N GLU B 290 -12.71 -28.74 18.45
CA GLU B 290 -13.90 -29.42 17.96
C GLU B 290 -15.14 -28.65 18.38
N MET B 291 -16.25 -28.94 17.72
CA MET B 291 -17.54 -28.32 18.03
C MET B 291 -18.54 -29.40 18.39
N ILE B 292 -19.27 -29.19 19.48
CA ILE B 292 -20.21 -30.18 20.02
C ILE B 292 -21.60 -29.54 20.05
N TRP B 293 -22.63 -30.37 19.90
CA TRP B 293 -24.02 -29.92 19.97
C TRP B 293 -24.77 -30.81 20.95
N ASP B 294 -25.06 -30.29 22.14
CA ASP B 294 -25.80 -31.03 23.16
C ASP B 294 -27.19 -30.43 23.25
N PRO B 295 -28.23 -31.14 22.80
CA PRO B 295 -29.56 -30.52 22.71
C PRO B 295 -30.18 -30.12 24.03
N ASN B 296 -29.71 -30.64 25.17
CA ASN B 296 -30.21 -30.19 26.46
C ASN B 296 -29.10 -29.70 27.37
N GLY B 297 -28.06 -29.08 26.82
CA GLY B 297 -26.86 -28.81 27.59
C GLY B 297 -26.92 -27.60 28.49
N TRP B 298 -27.86 -26.69 28.29
CA TRP B 298 -27.83 -25.48 29.09
C TRP B 298 -28.42 -25.70 30.47
N THR B 299 -29.19 -26.77 30.67
CA THR B 299 -29.87 -26.98 31.94
C THR B 299 -29.82 -28.40 32.47
N GLU B 300 -29.29 -29.36 31.72
CA GLU B 300 -29.26 -30.74 32.16
C GLU B 300 -27.83 -31.23 32.32
N THR B 301 -27.64 -32.18 33.23
CA THR B 301 -26.31 -32.57 33.68
C THR B 301 -25.83 -33.90 33.10
N ASP B 302 -26.49 -34.44 32.09
CA ASP B 302 -25.98 -35.65 31.49
C ASP B 302 -24.79 -35.33 30.60
N SER B 303 -24.23 -36.35 29.94
CA SER B 303 -23.05 -36.14 29.06
C SER B 303 -23.23 -36.73 27.66
N SER B 304 -24.43 -36.65 27.09
CA SER B 304 -24.69 -37.31 25.78
C SER B 304 -24.89 -36.27 24.68
N PHE B 305 -24.10 -36.32 23.62
CA PHE B 305 -24.16 -35.31 22.53
C PHE B 305 -24.92 -35.84 21.34
N SER B 306 -24.92 -35.10 20.23
CA SER B 306 -25.64 -35.51 19.01
C SER B 306 -24.75 -35.31 17.80
N VAL B 307 -23.93 -34.26 17.80
CA VAL B 307 -23.12 -33.97 16.61
C VAL B 307 -21.77 -33.44 17.04
N LYS B 308 -20.72 -33.89 16.37
CA LYS B 308 -19.37 -33.39 16.59
C LYS B 308 -18.73 -33.12 15.24
N GLN B 309 -17.98 -32.03 15.15
CA GLN B 309 -17.27 -31.65 13.93
C GLN B 309 -15.84 -31.26 14.26
N ASP B 310 -14.89 -31.79 13.52
CA ASP B 310 -13.49 -31.56 13.82
C ASP B 310 -12.96 -30.31 13.13
N ILE B 311 -12.07 -29.59 13.81
CA ILE B 311 -11.48 -28.36 13.29
C ILE B 311 -9.97 -28.47 13.17
N VAL B 312 -9.32 -29.01 14.19
CA VAL B 312 -7.87 -29.23 14.18
C VAL B 312 -7.61 -30.56 14.87
N GLU B 313 -6.65 -31.34 14.36
CA GLU B 313 -6.36 -32.63 14.95
C GLU B 313 -5.67 -32.49 16.30
N ILE B 314 -5.64 -33.60 17.04
CA ILE B 314 -5.16 -33.60 18.42
C ILE B 314 -3.65 -33.47 18.49
N THR B 315 -2.95 -33.60 17.37
CA THR B 315 -1.50 -33.51 17.39
C THR B 315 -0.98 -32.12 17.11
N ASP B 316 -1.85 -31.12 16.95
CA ASP B 316 -1.44 -29.79 16.55
C ASP B 316 -1.89 -28.76 17.58
N TRP B 317 -1.20 -27.63 17.58
CA TRP B 317 -1.37 -26.64 18.65
C TRP B 317 -2.51 -25.70 18.35
N SER B 318 -3.21 -25.28 19.41
CA SER B 318 -4.28 -24.29 19.30
C SER B 318 -4.21 -23.34 20.49
N GLY B 319 -5.27 -22.58 20.75
CA GLY B 319 -5.21 -21.59 21.81
C GLY B 319 -6.53 -20.93 22.13
N TYR B 320 -6.52 -19.62 22.24
CA TYR B 320 -7.71 -18.82 22.49
C TYR B 320 -8.76 -19.04 21.41
N SER B 321 -10.00 -18.67 21.73
CA SER B 321 -11.08 -18.64 20.75
C SER B 321 -12.23 -17.80 21.29
N GLY B 322 -13.01 -17.24 20.37
CA GLY B 322 -14.09 -16.34 20.76
C GLY B 322 -15.14 -16.27 19.66
N SER B 323 -16.13 -15.42 19.89
CA SER B 323 -17.26 -15.36 18.98
C SER B 323 -17.48 -13.96 18.42
N PHE B 324 -18.10 -13.89 17.26
CA PHE B 324 -18.56 -12.64 16.66
C PHE B 324 -19.74 -12.93 15.76
N VAL B 325 -20.49 -11.88 15.42
CA VAL B 325 -21.73 -12.03 14.67
C VAL B 325 -21.73 -11.06 13.49
N GLN B 326 -22.63 -11.32 12.54
CA GLN B 326 -22.78 -10.48 11.35
C GLN B 326 -24.22 -9.98 11.29
N HIS B 327 -24.40 -8.67 11.38
CA HIS B 327 -25.73 -8.10 11.54
C HIS B 327 -26.50 -8.14 10.23
N PRO B 328 -27.83 -8.10 10.29
CA PRO B 328 -28.63 -8.09 9.05
C PRO B 328 -28.31 -6.93 8.13
N GLU B 329 -27.91 -5.80 8.67
CA GLU B 329 -27.56 -4.65 7.83
C GLU B 329 -26.37 -4.95 6.94
N LEU B 330 -25.52 -5.91 7.33
CA LEU B 330 -24.38 -6.32 6.54
C LEU B 330 -24.69 -7.46 5.60
N THR B 331 -25.33 -8.50 6.11
CA THR B 331 -25.50 -9.73 5.35
C THR B 331 -26.79 -9.77 4.54
N GLY B 332 -27.76 -8.92 4.85
CA GLY B 332 -28.98 -8.87 4.09
C GLY B 332 -30.04 -9.89 4.46
N LEU B 333 -29.77 -10.75 5.43
CA LEU B 333 -30.75 -11.73 5.88
C LEU B 333 -31.74 -11.08 6.82
N ASP B 334 -32.44 -11.91 7.59
CA ASP B 334 -33.41 -11.41 8.60
C ASP B 334 -33.03 -11.97 9.96
N CYS B 335 -31.80 -12.45 10.12
CA CYS B 335 -31.39 -13.11 11.37
C CYS B 335 -29.95 -12.74 11.68
N MET B 336 -29.53 -12.83 12.95
CA MET B 336 -28.13 -12.56 13.33
C MET B 336 -27.34 -13.83 13.10
N ARG B 337 -26.30 -13.77 12.28
CA ARG B 337 -25.48 -14.93 11.97
C ARG B 337 -24.37 -15.11 13.00
N PRO B 338 -24.14 -16.32 13.50
CA PRO B 338 -23.01 -16.53 14.43
C PRO B 338 -21.77 -17.03 13.70
N CYS B 339 -20.61 -16.64 14.22
CA CYS B 339 -19.32 -17.10 13.70
C CYS B 339 -18.35 -17.26 14.87
N PHE B 340 -17.12 -17.69 14.58
CA PHE B 340 -16.09 -17.77 15.62
C PHE B 340 -14.71 -17.83 14.98
N TRP B 341 -13.69 -17.64 15.82
CA TRP B 341 -12.29 -17.67 15.40
C TRP B 341 -11.46 -18.47 16.40
N VAL B 342 -10.29 -18.93 15.95
CA VAL B 342 -9.38 -19.72 16.76
C VAL B 342 -7.97 -19.19 16.57
N GLU B 343 -7.13 -19.29 17.59
CA GLU B 343 -5.75 -18.84 17.53
C GLU B 343 -4.82 -20.02 17.71
N LEU B 344 -3.77 -20.08 16.89
CA LEU B 344 -2.85 -21.22 16.86
C LEU B 344 -1.48 -20.74 17.31
N ILE B 345 -1.06 -21.15 18.50
CA ILE B 345 0.15 -20.62 19.13
C ILE B 345 1.34 -21.50 18.77
N ARG B 346 2.44 -20.87 18.37
CA ARG B 346 3.70 -21.55 18.10
C ARG B 346 4.82 -20.86 18.87
N GLY B 347 5.73 -21.66 19.42
CA GLY B 347 6.85 -21.13 20.15
C GLY B 347 6.85 -21.52 21.62
N ARG B 348 7.56 -20.79 22.45
CA ARG B 348 7.62 -21.09 23.88
C ARG B 348 6.19 -21.19 24.41
N PRO B 349 5.89 -21.81 25.56
CA PRO B 349 6.87 -22.60 26.31
C PRO B 349 6.96 -24.06 25.88
N LYS B 350 6.12 -24.49 24.95
CA LYS B 350 6.08 -25.89 24.56
C LYS B 350 7.11 -26.26 23.51
N GLU B 351 7.84 -25.30 22.97
CA GLU B 351 8.84 -25.55 21.95
C GLU B 351 10.09 -24.74 22.23
N ASN B 352 11.19 -25.13 21.58
CA ASN B 352 12.50 -24.60 21.91
C ASN B 352 12.87 -23.48 20.95
N THR B 353 12.37 -22.29 21.24
CA THR B 353 12.69 -21.08 20.51
C THR B 353 12.95 -19.96 21.51
N ILE B 354 13.00 -18.73 21.02
CA ILE B 354 13.10 -17.58 21.90
C ILE B 354 11.90 -16.66 21.81
N TRP B 355 10.94 -16.95 20.94
CA TRP B 355 9.79 -16.09 20.70
C TRP B 355 8.51 -16.90 20.85
N THR B 356 7.38 -16.21 20.67
CA THR B 356 6.07 -16.86 20.66
C THR B 356 5.11 -15.98 19.86
N SER B 357 4.23 -16.63 19.09
CA SER B 357 3.35 -15.91 18.19
C SER B 357 2.13 -16.76 17.91
N GLY B 358 1.22 -16.24 17.09
CA GLY B 358 0.02 -16.96 16.73
C GLY B 358 -0.58 -16.46 15.43
N SER B 359 -1.25 -17.38 14.74
CA SER B 359 -2.04 -17.08 13.55
C SER B 359 -3.48 -17.49 13.82
N SER B 360 -4.36 -17.28 12.84
CA SER B 360 -5.78 -17.43 13.10
C SER B 360 -6.51 -18.11 11.94
N ILE B 361 -7.61 -18.76 12.27
CA ILE B 361 -8.60 -19.25 11.31
C ILE B 361 -9.97 -18.91 11.85
N SER B 362 -10.98 -18.89 10.98
CA SER B 362 -12.31 -18.50 11.42
C SER B 362 -13.38 -19.15 10.55
N PHE B 363 -14.54 -19.39 11.15
CA PHE B 363 -15.62 -20.14 10.53
C PHE B 363 -16.93 -19.39 10.74
N CYS B 364 -17.91 -19.65 9.88
CA CYS B 364 -19.22 -19.03 9.99
C CYS B 364 -20.30 -20.07 9.77
N GLY B 365 -21.37 -20.01 10.57
CA GLY B 365 -22.34 -21.08 10.58
C GLY B 365 -23.36 -20.95 9.46
N VAL B 366 -23.73 -22.10 8.88
CA VAL B 366 -24.65 -22.17 7.74
C VAL B 366 -25.70 -23.24 8.02
N ASN B 367 -26.56 -23.44 7.03
CA ASN B 367 -27.64 -24.42 7.11
C ASN B 367 -27.55 -25.51 6.06
N SER B 368 -26.62 -25.41 5.11
CA SER B 368 -26.40 -26.41 4.10
C SER B 368 -25.31 -27.39 4.53
N ASP B 369 -24.82 -28.18 3.58
CA ASP B 369 -23.87 -29.25 3.87
C ASP B 369 -22.50 -28.70 4.25
N THR B 370 -21.77 -29.45 5.08
CA THR B 370 -20.44 -29.09 5.54
C THR B 370 -19.59 -30.35 5.72
N VAL B 371 -18.32 -30.17 6.08
CA VAL B 371 -17.39 -31.28 6.22
C VAL B 371 -16.42 -30.96 7.35
N GLY B 372 -15.84 -32.00 7.94
CA GLY B 372 -14.84 -31.82 8.98
C GLY B 372 -13.47 -32.30 8.56
N TRP B 373 -12.46 -31.47 8.82
CA TRP B 373 -11.11 -31.72 8.38
C TRP B 373 -10.17 -31.11 9.41
N SER B 374 -8.92 -30.88 9.04
CA SER B 374 -7.95 -30.25 9.93
C SER B 374 -7.19 -29.17 9.16
N TRP B 375 -7.20 -27.95 9.69
CA TRP B 375 -6.53 -26.81 9.06
C TRP B 375 -5.50 -26.26 10.04
N PRO B 376 -4.36 -26.92 10.20
CA PRO B 376 -3.39 -26.53 11.21
C PRO B 376 -2.55 -25.36 10.73
N ASP B 377 -1.53 -25.02 11.51
CA ASP B 377 -0.71 -23.86 11.21
C ASP B 377 0.30 -24.17 10.10
N GLY B 378 1.18 -25.13 10.34
CA GLY B 378 2.03 -25.65 9.29
C GLY B 378 3.44 -25.07 9.21
N ALA B 379 3.83 -24.20 10.13
CA ALA B 379 5.19 -23.69 10.11
C ALA B 379 6.17 -24.76 10.55
N GLU B 380 7.40 -24.75 10.04
CA GLU B 380 8.48 -25.73 10.39
C GLU B 380 9.52 -25.05 11.27
N LEU B 381 9.47 -25.18 12.60
CA LEU B 381 10.35 -24.60 13.58
C LEU B 381 11.58 -25.47 13.80
N PRO B 382 12.70 -24.93 14.30
CA PRO B 382 12.99 -23.55 14.69
C PRO B 382 13.45 -22.66 13.55
N PHE B 383 13.41 -21.34 13.76
CA PHE B 383 13.78 -20.39 12.73
C PHE B 383 15.28 -20.12 12.76
N THR B 384 15.72 -19.24 11.87
CA THR B 384 17.15 -18.95 11.75
C THR B 384 17.68 -18.25 13.00
N ILE B 385 16.92 -17.31 13.56
CA ILE B 385 17.39 -16.56 14.71
C ILE B 385 17.64 -17.46 15.91
N ASP B 386 16.98 -18.61 15.97
CA ASP B 386 17.09 -19.53 17.10
C ASP B 386 18.36 -20.35 17.06
N LYS B 387 19.08 -20.35 15.95
CA LYS B 387 20.18 -21.29 15.76
C LYS B 387 21.51 -20.66 16.12
N VAL C 1 -26.24 -1.48 -12.52
CA VAL C 1 -27.06 -2.41 -13.28
C VAL C 1 -26.22 -3.59 -13.74
N THR C 2 -26.87 -4.60 -14.29
CA THR C 2 -26.22 -5.86 -14.59
C THR C 2 -25.79 -5.91 -16.06
N LEU C 3 -24.77 -6.71 -16.34
CA LEU C 3 -24.27 -6.88 -17.70
C LEU C 3 -25.29 -7.64 -18.54
N ALA C 4 -25.72 -7.03 -19.65
CA ALA C 4 -26.78 -7.63 -20.45
C ALA C 4 -26.31 -8.88 -21.18
N GLY C 5 -25.13 -8.80 -21.83
CA GLY C 5 -24.53 -9.97 -22.48
C GLY C 5 -25.37 -10.60 -23.58
N ASN C 6 -26.03 -9.76 -24.37
CA ASN C 6 -26.83 -10.20 -25.54
C ASN C 6 -26.15 -9.76 -26.82
N SER C 7 -24.82 -9.63 -26.82
CA SER C 7 -24.09 -9.26 -28.07
C SER C 7 -23.21 -10.40 -28.57
N SER C 8 -22.77 -10.33 -29.83
CA SER C 8 -21.92 -11.34 -30.41
C SER C 8 -20.46 -10.90 -30.42
N LEU C 9 -19.57 -11.89 -30.55
CA LEU C 9 -18.15 -11.59 -30.70
C LEU C 9 -17.93 -10.83 -31.99
N CYS C 10 -17.04 -9.84 -31.96
CA CYS C 10 -16.87 -9.04 -33.17
C CYS C 10 -15.61 -9.46 -33.91
N PRO C 11 -15.53 -9.21 -35.22
CA PRO C 11 -14.46 -9.83 -36.01
C PRO C 11 -13.08 -9.32 -35.62
N ILE C 12 -12.10 -10.21 -35.72
CA ILE C 12 -10.72 -9.90 -35.41
C ILE C 12 -9.85 -10.51 -36.49
N SER C 13 -8.61 -10.04 -36.57
CA SER C 13 -7.63 -10.61 -37.48
C SER C 13 -6.29 -10.92 -36.82
N GLY C 14 -6.12 -10.56 -35.56
CA GLY C 14 -4.85 -10.80 -34.88
C GLY C 14 -4.98 -10.43 -33.44
N TRP C 15 -3.90 -10.62 -32.69
CA TRP C 15 -3.90 -10.44 -31.25
C TRP C 15 -2.78 -9.48 -30.87
N ALA C 16 -3.06 -8.58 -29.94
CA ALA C 16 -2.08 -7.62 -29.45
C ALA C 16 -1.80 -7.88 -27.98
N ILE C 17 -0.58 -7.59 -27.54
CA ILE C 17 -0.20 -7.94 -26.18
C ILE C 17 -0.84 -6.96 -25.20
N TYR C 18 -1.21 -7.46 -24.03
CA TYR C 18 -1.97 -6.70 -23.05
C TYR C 18 -1.25 -6.53 -21.72
N SER C 19 -0.59 -7.55 -21.20
CA SER C 19 0.06 -7.43 -19.90
C SER C 19 1.19 -8.43 -19.78
N LYS C 20 2.07 -8.19 -18.83
CA LYS C 20 3.18 -9.09 -18.49
C LYS C 20 3.72 -8.65 -17.14
N ASP C 21 3.79 -9.57 -16.18
CA ASP C 21 4.03 -9.14 -14.80
C ASP C 21 5.45 -9.40 -14.31
N ASN C 22 6.19 -10.33 -14.90
CA ASN C 22 7.57 -10.62 -14.50
C ASN C 22 7.63 -11.07 -13.04
N GLY C 23 6.92 -12.14 -12.70
CA GLY C 23 6.81 -12.53 -11.31
C GLY C 23 8.10 -13.07 -10.74
N ILE C 24 8.73 -14.01 -11.44
CA ILE C 24 9.87 -14.73 -10.87
C ILE C 24 11.12 -13.86 -10.86
N ARG C 25 11.35 -13.10 -11.94
CA ARG C 25 12.52 -12.24 -12.00
C ARG C 25 12.54 -11.26 -10.84
N ILE C 26 11.38 -10.70 -10.50
CA ILE C 26 11.28 -9.83 -9.33
C ILE C 26 11.40 -10.65 -8.06
N GLY C 27 10.79 -11.83 -8.04
CA GLY C 27 10.76 -12.63 -6.83
C GLY C 27 12.10 -13.21 -6.43
N SER C 28 13.12 -13.09 -7.28
CA SER C 28 14.46 -13.50 -6.88
C SER C 28 14.94 -12.77 -5.64
N LYS C 29 14.62 -11.48 -5.51
CA LYS C 29 15.04 -10.69 -4.36
C LYS C 29 13.87 -10.22 -3.50
N GLY C 30 12.79 -9.76 -4.11
CA GLY C 30 11.67 -9.25 -3.35
C GLY C 30 10.82 -10.34 -2.75
N ASP C 31 9.69 -9.94 -2.17
CA ASP C 31 8.75 -10.87 -1.52
C ASP C 31 7.60 -11.13 -2.48
N VAL C 32 7.57 -12.32 -3.06
CA VAL C 32 6.55 -12.70 -4.04
C VAL C 32 6.05 -14.09 -3.69
N PHE C 33 4.74 -14.29 -3.78
CA PHE C 33 4.13 -15.57 -3.48
C PHE C 33 4.61 -16.66 -4.43
N VAL C 34 4.36 -17.91 -4.05
CA VAL C 34 4.50 -19.03 -4.98
C VAL C 34 3.11 -19.45 -5.43
N ILE C 35 2.81 -19.26 -6.73
CA ILE C 35 1.45 -19.37 -7.22
C ILE C 35 1.38 -20.43 -8.31
N ARG C 36 0.15 -20.82 -8.65
CA ARG C 36 -0.13 -21.62 -9.83
C ARG C 36 -1.58 -21.35 -10.23
N GLU C 37 -1.92 -21.75 -11.45
CA GLU C 37 -3.24 -21.52 -12.03
C GLU C 37 -3.73 -20.07 -11.93
N PRO C 38 -3.03 -19.12 -12.52
CA PRO C 38 -3.55 -17.75 -12.54
C PRO C 38 -4.64 -17.62 -13.59
N PHE C 39 -5.51 -16.63 -13.40
CA PHE C 39 -6.48 -16.29 -14.44
C PHE C 39 -6.95 -14.86 -14.24
N ILE C 40 -7.58 -14.32 -15.28
CA ILE C 40 -7.95 -12.91 -15.34
C ILE C 40 -9.46 -12.81 -15.56
N SER C 41 -10.09 -11.88 -14.86
CA SER C 41 -11.52 -11.64 -15.02
C SER C 41 -11.79 -10.16 -14.83
N CYS C 42 -12.76 -9.64 -15.58
CA CYS C 42 -12.98 -8.20 -15.66
C CYS C 42 -14.40 -7.84 -15.20
N SER C 43 -14.49 -6.76 -14.44
CA SER C 43 -15.76 -6.19 -14.00
C SER C 43 -16.19 -5.14 -15.02
N HIS C 44 -17.15 -4.30 -14.64
CA HIS C 44 -17.51 -3.20 -15.51
C HIS C 44 -16.68 -1.95 -15.25
N LEU C 45 -15.61 -2.04 -14.45
CA LEU C 45 -14.72 -0.93 -14.21
C LEU C 45 -13.24 -1.27 -14.30
N GLU C 46 -12.84 -2.51 -14.08
CA GLU C 46 -11.43 -2.86 -14.05
C GLU C 46 -11.27 -4.35 -14.35
N CYS C 47 -10.02 -4.79 -14.37
CA CYS C 47 -9.68 -6.19 -14.54
C CYS C 47 -8.68 -6.60 -13.46
N ARG C 48 -8.81 -7.81 -12.96
CA ARG C 48 -7.97 -8.30 -11.88
C ARG C 48 -7.43 -9.68 -12.23
N THR C 49 -6.41 -10.11 -11.48
CA THR C 49 -5.78 -11.41 -11.66
C THR C 49 -5.96 -12.25 -10.41
N PHE C 50 -6.49 -13.46 -10.55
CA PHE C 50 -6.69 -14.36 -9.44
C PHE C 50 -5.67 -15.49 -9.50
N PHE C 51 -5.31 -16.03 -8.34
CA PHE C 51 -4.32 -17.11 -8.31
C PHE C 51 -4.48 -17.92 -7.03
N LEU C 52 -3.82 -19.07 -7.00
CA LEU C 52 -3.90 -20.00 -5.87
C LEU C 52 -2.53 -20.12 -5.22
N THR C 53 -2.28 -19.63 -4.01
CA THR C 53 -0.99 -19.82 -3.32
C THR C 53 -1.05 -20.94 -2.27
N GLN C 54 0.09 -21.43 -1.77
CA GLN C 54 0.18 -22.46 -0.72
C GLN C 54 0.70 -21.87 0.57
N GLY C 55 0.81 -20.56 0.67
CA GLY C 55 1.27 -19.90 1.90
C GLY C 55 2.75 -19.65 1.97
N ALA C 56 3.49 -19.78 0.89
CA ALA C 56 4.96 -19.70 0.95
C ALA C 56 5.47 -18.64 0.02
N LEU C 57 6.52 -17.93 0.41
CA LEU C 57 7.16 -16.97 -0.47
C LEU C 57 8.25 -17.64 -1.30
N LEU C 58 8.51 -17.06 -2.46
CA LEU C 58 9.56 -17.56 -3.33
C LEU C 58 10.92 -17.38 -2.67
N ASN C 59 11.80 -18.35 -2.89
CA ASN C 59 13.16 -18.35 -2.36
C ASN C 59 13.20 -18.47 -0.84
N ASP C 60 12.38 -19.34 -0.28
CA ASP C 60 12.26 -19.56 1.15
C ASP C 60 12.18 -21.06 1.42
N LYS C 61 12.50 -21.45 2.66
CA LYS C 61 12.55 -22.87 2.96
C LYS C 61 11.17 -23.49 3.01
N HIS C 62 10.12 -22.69 3.18
CA HIS C 62 8.78 -23.25 3.18
C HIS C 62 8.26 -23.54 1.79
N SER C 63 9.03 -23.15 0.76
CA SER C 63 8.62 -23.42 -0.65
C SER C 63 9.08 -24.83 -1.05
N ASN C 64 9.51 -25.71 -0.16
CA ASN C 64 9.85 -27.09 -0.58
C ASN C 64 8.62 -27.66 -1.26
N GLY C 65 8.76 -28.75 -1.99
CA GLY C 65 7.62 -29.25 -2.78
C GLY C 65 7.08 -30.58 -2.31
N THR C 66 7.14 -30.83 -1.01
CA THR C 66 6.61 -32.09 -0.43
C THR C 66 5.16 -31.85 0.03
N VAL C 67 4.70 -30.60 0.04
CA VAL C 67 3.27 -30.32 0.34
C VAL C 67 2.45 -30.78 -0.87
N LYS C 68 1.32 -31.45 -0.65
CA LYS C 68 0.50 -32.00 -1.75
C LYS C 68 -0.20 -30.84 -2.45
N ASP C 69 -0.76 -31.03 -3.64
CA ASP C 69 -1.52 -29.94 -4.27
C ASP C 69 -2.79 -29.64 -3.48
N ARG C 70 -3.47 -30.67 -3.02
CA ARG C 70 -4.67 -30.47 -2.19
C ARG C 70 -4.24 -30.39 -0.72
N SER C 71 -3.76 -29.23 -0.23
CA SER C 71 -3.22 -29.11 1.10
C SER C 71 -4.06 -28.09 1.86
N PRO C 72 -4.05 -28.13 3.19
CA PRO C 72 -4.89 -27.20 3.95
C PRO C 72 -4.34 -25.79 4.02
N TYR C 73 -3.37 -25.45 3.19
CA TYR C 73 -2.73 -24.14 3.26
C TYR C 73 -3.05 -23.24 2.08
N ARG C 74 -3.51 -23.80 0.97
CA ARG C 74 -3.73 -23.00 -0.24
C ARG C 74 -4.88 -22.03 -0.04
N THR C 75 -4.79 -20.88 -0.70
CA THR C 75 -5.79 -19.83 -0.61
C THR C 75 -5.97 -19.22 -1.99
N LEU C 76 -7.07 -18.51 -2.17
CA LEU C 76 -7.33 -17.78 -3.40
C LEU C 76 -7.19 -16.29 -3.12
N MET C 77 -6.44 -15.58 -3.95
CA MET C 77 -6.27 -14.14 -3.78
C MET C 77 -6.36 -13.44 -5.12
N SER C 78 -6.18 -12.12 -5.11
CA SER C 78 -6.25 -11.36 -6.34
C SER C 78 -5.48 -10.06 -6.21
N CYS C 79 -4.91 -9.61 -7.32
CA CYS C 79 -4.15 -8.38 -7.40
C CYS C 79 -4.46 -7.73 -8.74
N PRO C 80 -4.20 -6.43 -8.89
CA PRO C 80 -4.49 -5.77 -10.16
C PRO C 80 -3.68 -6.40 -11.30
N VAL C 81 -4.24 -6.34 -12.50
CA VAL C 81 -3.60 -7.01 -13.62
C VAL C 81 -2.24 -6.37 -13.88
N GLY C 82 -1.24 -7.21 -14.17
CA GLY C 82 0.08 -6.74 -14.53
C GLY C 82 1.00 -6.45 -13.37
N GLU C 83 0.75 -6.97 -12.19
CA GLU C 83 1.62 -6.73 -11.05
C GLU C 83 2.08 -8.04 -10.42
N ALA C 84 3.25 -7.98 -9.79
CA ALA C 84 3.81 -9.16 -9.14
C ALA C 84 3.05 -9.46 -7.86
N PRO C 85 2.55 -10.68 -7.70
CA PRO C 85 1.69 -11.00 -6.56
C PRO C 85 2.47 -11.10 -5.26
N SER C 86 2.30 -10.11 -4.39
CA SER C 86 3.03 -10.05 -3.14
C SER C 86 2.05 -9.85 -1.99
N PRO C 87 2.45 -10.19 -0.77
CA PRO C 87 1.51 -10.07 0.36
C PRO C 87 1.20 -8.63 0.74
N TYR C 88 1.85 -7.64 0.13
CA TYR C 88 1.59 -6.24 0.46
C TYR C 88 0.69 -5.54 -0.55
N ASN C 89 0.26 -6.21 -1.61
CA ASN C 89 -0.69 -5.61 -2.54
C ASN C 89 -1.74 -6.60 -3.05
N SER C 90 -2.12 -7.59 -2.25
CA SER C 90 -3.06 -8.62 -2.67
C SER C 90 -4.26 -8.63 -1.74
N ARG C 91 -5.40 -9.08 -2.26
CA ARG C 91 -6.62 -9.17 -1.47
C ARG C 91 -6.96 -10.63 -1.21
N PHE C 92 -7.49 -10.92 -0.03
CA PHE C 92 -7.88 -12.28 0.30
C PHE C 92 -9.27 -12.58 -0.25
N GLU C 93 -9.44 -13.74 -0.87
CA GLU C 93 -10.71 -14.10 -1.48
C GLU C 93 -11.38 -15.27 -0.77
N SER C 94 -10.70 -16.42 -0.65
CA SER C 94 -11.32 -17.61 -0.10
C SER C 94 -10.25 -18.66 0.15
N VAL C 95 -10.61 -19.69 0.91
CA VAL C 95 -9.71 -20.80 1.18
C VAL C 95 -10.08 -21.97 0.28
N ALA C 96 -9.17 -22.36 -0.62
CA ALA C 96 -9.53 -23.34 -1.63
C ALA C 96 -8.29 -23.94 -2.26
N TRP C 97 -8.43 -25.15 -2.80
CA TRP C 97 -7.45 -25.69 -3.74
C TRP C 97 -8.04 -25.94 -5.12
N SER C 98 -9.17 -25.31 -5.44
CA SER C 98 -9.75 -25.31 -6.76
C SER C 98 -10.83 -24.24 -6.77
N ALA C 99 -10.85 -23.39 -7.79
CA ALA C 99 -11.66 -22.18 -7.67
C ALA C 99 -12.05 -21.62 -9.03
N SER C 100 -12.95 -20.64 -8.99
CA SER C 100 -13.32 -19.80 -10.12
C SER C 100 -14.06 -18.57 -9.59
N ALA C 101 -14.22 -17.55 -10.44
CA ALA C 101 -14.85 -16.31 -9.99
C ALA C 101 -15.32 -15.49 -11.19
N CYS C 102 -16.48 -14.85 -11.05
CA CYS C 102 -16.94 -13.92 -12.08
C CYS C 102 -17.75 -12.79 -11.46
N HIS C 103 -17.92 -11.72 -12.23
CA HIS C 103 -18.55 -10.48 -11.79
C HIS C 103 -19.80 -10.23 -12.61
N ASP C 104 -20.94 -10.01 -11.95
CA ASP C 104 -22.21 -9.89 -12.64
C ASP C 104 -22.62 -8.46 -12.95
N GLY C 105 -21.78 -7.48 -12.65
CA GLY C 105 -22.12 -6.10 -12.82
C GLY C 105 -22.42 -5.37 -11.52
N ILE C 106 -22.57 -6.08 -10.42
CA ILE C 106 -22.87 -5.49 -9.13
C ILE C 106 -21.83 -5.88 -8.08
N SER C 107 -21.46 -7.16 -8.01
CA SER C 107 -20.51 -7.60 -7.00
C SER C 107 -19.82 -8.87 -7.45
N TRP C 108 -18.70 -9.18 -6.81
CA TRP C 108 -17.87 -10.32 -7.16
C TRP C 108 -18.46 -11.60 -6.58
N LEU C 109 -18.44 -12.67 -7.35
CA LEU C 109 -18.79 -14.01 -6.89
C LEU C 109 -17.57 -14.90 -6.98
N THR C 110 -17.28 -15.64 -5.90
CA THR C 110 -16.14 -16.54 -5.86
C THR C 110 -16.58 -17.91 -5.38
N ILE C 111 -15.96 -18.95 -5.92
CA ILE C 111 -16.25 -20.33 -5.57
C ILE C 111 -14.95 -20.99 -5.15
N GLY C 112 -14.94 -21.64 -3.99
CA GLY C 112 -13.73 -22.25 -3.49
C GLY C 112 -13.94 -23.61 -2.85
N ILE C 113 -13.12 -24.60 -3.22
CA ILE C 113 -13.31 -25.98 -2.80
C ILE C 113 -12.18 -26.36 -1.87
N SER C 114 -12.52 -26.93 -0.71
CA SER C 114 -11.55 -27.37 0.28
C SER C 114 -12.12 -28.56 1.03
N GLY C 115 -11.24 -29.35 1.65
CA GLY C 115 -11.67 -30.51 2.38
C GLY C 115 -10.99 -31.78 1.92
N PRO C 116 -11.34 -32.91 2.53
CA PRO C 116 -10.71 -34.18 2.15
C PRO C 116 -11.19 -34.64 0.78
N ASP C 117 -10.51 -35.67 0.26
CA ASP C 117 -10.77 -36.09 -1.11
C ASP C 117 -12.10 -36.81 -1.26
N ASN C 118 -12.68 -37.29 -0.17
CA ASN C 118 -13.98 -37.93 -0.27
C ASN C 118 -15.11 -37.10 0.32
N GLY C 119 -14.84 -35.86 0.72
CA GLY C 119 -15.89 -35.02 1.26
C GLY C 119 -15.78 -33.55 0.94
N ALA C 120 -15.14 -33.19 -0.17
CA ALA C 120 -14.87 -31.79 -0.44
C ALA C 120 -16.16 -30.99 -0.55
N VAL C 121 -16.12 -29.75 -0.06
CA VAL C 121 -17.28 -28.88 0.01
C VAL C 121 -16.94 -27.54 -0.62
N ALA C 122 -17.79 -27.07 -1.54
CA ALA C 122 -17.55 -25.81 -2.23
C ALA C 122 -18.31 -24.70 -1.52
N VAL C 123 -17.62 -23.61 -1.22
CA VAL C 123 -18.20 -22.49 -0.48
C VAL C 123 -18.35 -21.31 -1.44
N LEU C 124 -19.58 -20.81 -1.58
CA LEU C 124 -19.89 -19.73 -2.49
C LEU C 124 -20.02 -18.43 -1.72
N LYS C 125 -19.26 -17.41 -2.14
CA LYS C 125 -19.30 -16.10 -1.52
C LYS C 125 -19.78 -15.08 -2.52
N TYR C 126 -20.67 -14.18 -2.08
CA TYR C 126 -21.15 -13.10 -2.92
C TYR C 126 -20.92 -11.80 -2.16
N ASN C 127 -19.98 -11.00 -2.65
CA ASN C 127 -19.60 -9.74 -2.04
C ASN C 127 -18.93 -9.94 -0.69
N GLY C 128 -18.25 -11.07 -0.51
CA GLY C 128 -17.54 -11.34 0.72
C GLY C 128 -18.36 -11.97 1.83
N ILE C 129 -19.58 -12.37 1.56
CA ILE C 129 -20.45 -12.98 2.56
C ILE C 129 -20.82 -14.37 2.09
N ILE C 130 -20.63 -15.37 2.96
CA ILE C 130 -20.95 -16.74 2.58
C ILE C 130 -22.45 -16.86 2.37
N THR C 131 -22.85 -17.49 1.27
CA THR C 131 -24.26 -17.62 0.94
C THR C 131 -24.75 -19.04 0.75
N ASP C 132 -23.95 -19.93 0.18
CA ASP C 132 -24.43 -21.28 -0.12
C ASP C 132 -23.23 -22.20 -0.17
N THR C 133 -23.50 -23.51 -0.12
CA THR C 133 -22.45 -24.52 -0.24
C THR C 133 -22.95 -25.67 -1.11
N ILE C 134 -22.00 -26.36 -1.74
CA ILE C 134 -22.27 -27.54 -2.54
C ILE C 134 -21.34 -28.64 -2.06
N LYS C 135 -21.87 -29.82 -1.79
CA LYS C 135 -21.06 -30.94 -1.33
C LYS C 135 -20.93 -31.99 -2.42
N SER C 136 -19.79 -32.68 -2.42
CA SER C 136 -19.51 -33.69 -3.42
C SER C 136 -20.58 -34.77 -3.42
N TRP C 137 -21.00 -35.17 -4.61
CA TRP C 137 -22.08 -36.14 -4.74
C TRP C 137 -21.59 -37.52 -5.16
N ARG C 138 -20.31 -37.79 -5.36
CA ARG C 138 -19.82 -39.17 -5.66
C ARG C 138 -18.57 -39.49 -4.82
N ASN C 139 -18.21 -38.67 -3.82
CA ASN C 139 -17.14 -39.03 -2.89
C ASN C 139 -15.85 -39.35 -3.62
N ASN C 140 -15.44 -38.46 -4.51
CA ASN C 140 -14.17 -38.52 -5.20
C ASN C 140 -13.75 -37.05 -5.35
N ILE C 141 -12.56 -36.82 -5.88
CA ILE C 141 -12.03 -35.46 -5.92
C ILE C 141 -12.98 -34.56 -6.70
N LEU C 142 -13.51 -33.53 -6.04
CA LEU C 142 -14.40 -32.57 -6.69
C LEU C 142 -13.58 -31.40 -7.23
N ARG C 143 -13.89 -30.97 -8.45
CA ARG C 143 -13.05 -29.97 -9.08
C ARG C 143 -13.88 -29.10 -10.02
N THR C 144 -13.33 -27.93 -10.34
CA THR C 144 -14.06 -26.89 -11.07
C THR C 144 -13.14 -26.28 -12.12
N GLN C 145 -13.54 -25.12 -12.66
CA GLN C 145 -13.03 -24.65 -13.93
C GLN C 145 -11.57 -24.23 -13.88
N GLU C 146 -11.17 -23.48 -12.84
CA GLU C 146 -9.86 -22.83 -12.75
C GLU C 146 -9.76 -21.62 -13.66
N SER C 147 -10.90 -21.08 -14.10
CA SER C 147 -10.92 -19.83 -14.85
C SER C 147 -12.27 -19.19 -14.65
N GLU C 148 -12.49 -18.06 -15.30
CA GLU C 148 -13.65 -17.24 -14.99
C GLU C 148 -14.94 -17.92 -15.42
N CYS C 149 -15.98 -17.73 -14.63
CA CYS C 149 -17.34 -18.13 -14.94
C CYS C 149 -18.05 -17.03 -15.74
N ALA C 150 -19.14 -17.40 -16.41
CA ALA C 150 -19.76 -16.55 -17.42
C ALA C 150 -21.13 -16.07 -16.95
N CYS C 151 -21.35 -14.76 -16.97
CA CYS C 151 -22.58 -14.17 -16.48
C CYS C 151 -23.34 -13.51 -17.62
N VAL C 152 -24.65 -13.80 -17.70
CA VAL C 152 -25.53 -13.19 -18.73
C VAL C 152 -26.84 -12.76 -18.05
N ASN C 153 -27.20 -11.48 -18.08
CA ASN C 153 -28.46 -10.93 -17.53
C ASN C 153 -28.66 -11.21 -16.04
N GLY C 154 -27.60 -11.16 -15.24
CA GLY C 154 -27.77 -11.32 -13.78
C GLY C 154 -27.62 -12.75 -13.28
N SER C 155 -27.40 -13.71 -14.18
CA SER C 155 -27.19 -15.09 -13.78
C SER C 155 -25.81 -15.53 -14.23
N CYS C 156 -25.14 -16.37 -13.44
CA CYS C 156 -23.79 -16.80 -13.73
C CYS C 156 -23.72 -18.33 -13.72
N PHE C 157 -22.92 -18.88 -14.63
CA PHE C 157 -22.95 -20.32 -14.92
C PHE C 157 -21.57 -20.93 -14.76
N THR C 158 -21.53 -22.21 -14.37
CA THR C 158 -20.27 -22.92 -14.17
C THR C 158 -20.51 -24.42 -14.29
N VAL C 159 -19.42 -25.17 -14.45
CA VAL C 159 -19.46 -26.61 -14.69
C VAL C 159 -18.53 -27.30 -13.69
N MET C 160 -18.97 -28.44 -13.17
CA MET C 160 -18.22 -29.15 -12.14
C MET C 160 -18.13 -30.63 -12.47
N THR C 161 -17.09 -31.28 -11.95
CA THR C 161 -16.78 -32.67 -12.24
C THR C 161 -16.54 -33.42 -10.93
N ASP C 162 -16.90 -34.69 -10.89
CA ASP C 162 -16.66 -35.50 -9.70
C ASP C 162 -16.64 -36.97 -10.07
N GLY C 163 -15.46 -37.58 -9.99
CA GLY C 163 -15.28 -38.95 -10.34
C GLY C 163 -13.86 -39.25 -10.79
N PRO C 164 -13.64 -40.42 -11.38
CA PRO C 164 -12.28 -40.81 -11.77
C PRO C 164 -11.72 -39.88 -12.82
N SER C 165 -10.40 -39.74 -12.84
CA SER C 165 -9.72 -38.95 -13.86
C SER C 165 -9.13 -39.80 -14.97
N ASN C 166 -9.46 -41.08 -15.03
CA ASN C 166 -9.08 -41.94 -16.14
C ASN C 166 -10.22 -42.87 -16.55
N GLY C 167 -11.46 -42.42 -16.36
CA GLY C 167 -12.61 -43.25 -16.68
C GLY C 167 -13.86 -42.39 -16.73
N GLN C 168 -15.00 -43.05 -16.74
CA GLN C 168 -16.26 -42.33 -16.78
C GLN C 168 -16.47 -41.55 -15.50
N ALA C 169 -17.02 -40.34 -15.62
CA ALA C 169 -17.25 -39.49 -14.46
C ALA C 169 -18.68 -38.96 -14.44
N SER C 170 -18.94 -37.98 -13.58
CA SER C 170 -20.26 -37.37 -13.45
C SER C 170 -20.12 -35.86 -13.60
N TYR C 171 -21.05 -35.23 -14.31
CA TYR C 171 -20.86 -33.87 -14.79
C TYR C 171 -22.10 -33.07 -14.43
N LYS C 172 -21.95 -31.81 -14.05
CA LYS C 172 -23.11 -31.00 -13.71
C LYS C 172 -22.94 -29.56 -14.18
N ILE C 173 -24.06 -28.90 -14.46
CA ILE C 173 -24.08 -27.48 -14.81
C ILE C 173 -24.92 -26.73 -13.80
N PHE C 174 -24.39 -25.64 -13.28
CA PHE C 174 -25.02 -24.89 -12.21
C PHE C 174 -25.38 -23.49 -12.66
N LYS C 175 -26.55 -23.01 -12.22
CA LYS C 175 -27.01 -21.66 -12.47
C LYS C 175 -27.13 -20.92 -11.14
N ILE C 176 -26.47 -19.78 -11.04
CA ILE C 176 -26.33 -19.08 -9.76
C ILE C 176 -26.84 -17.66 -9.92
N GLU C 177 -27.69 -17.22 -8.99
CA GLU C 177 -28.20 -15.85 -8.98
C GLU C 177 -27.99 -15.26 -7.60
N LYS C 178 -27.15 -14.23 -7.51
CA LYS C 178 -26.84 -13.56 -6.24
C LYS C 178 -26.32 -14.53 -5.20
N GLY C 179 -25.44 -15.43 -5.62
CA GLY C 179 -24.79 -16.34 -4.70
C GLY C 179 -25.63 -17.51 -4.26
N LYS C 180 -26.83 -17.69 -4.81
CA LYS C 180 -27.70 -18.80 -4.47
C LYS C 180 -27.83 -19.70 -5.68
N VAL C 181 -27.74 -21.02 -5.47
CA VAL C 181 -27.91 -21.95 -6.58
C VAL C 181 -29.39 -22.09 -6.87
N VAL C 182 -29.77 -21.83 -8.12
CA VAL C 182 -31.17 -21.82 -8.51
C VAL C 182 -31.58 -23.07 -9.29
N LYS C 183 -30.71 -23.62 -10.14
CA LYS C 183 -31.07 -24.76 -10.96
C LYS C 183 -29.81 -25.52 -11.32
N SER C 184 -29.94 -26.82 -11.54
CA SER C 184 -28.81 -27.64 -11.94
C SER C 184 -29.30 -28.93 -12.59
N VAL C 185 -28.60 -29.34 -13.64
CA VAL C 185 -28.85 -30.61 -14.32
C VAL C 185 -27.53 -31.31 -14.50
N GLU C 186 -27.56 -32.63 -14.66
CA GLU C 186 -26.33 -33.37 -14.87
C GLU C 186 -26.28 -33.92 -16.28
N MET C 187 -25.13 -33.76 -16.92
CA MET C 187 -24.96 -34.10 -18.32
C MET C 187 -25.07 -35.61 -18.52
N ASN C 188 -25.65 -36.01 -19.64
CA ASN C 188 -25.73 -37.42 -20.02
C ASN C 188 -24.82 -37.63 -21.22
N ALA C 189 -23.55 -37.90 -20.95
CA ALA C 189 -22.53 -38.01 -22.00
C ALA C 189 -21.70 -39.27 -21.82
N PRO C 190 -22.14 -40.39 -22.37
CA PRO C 190 -21.31 -41.60 -22.34
C PRO C 190 -20.15 -41.49 -23.32
N ASN C 191 -18.97 -41.89 -22.87
CA ASN C 191 -17.70 -41.82 -23.58
C ASN C 191 -17.18 -40.40 -23.78
N TYR C 192 -17.53 -39.47 -22.92
CA TYR C 192 -16.95 -38.13 -22.93
C TYR C 192 -16.26 -37.85 -21.62
N HIS C 193 -15.31 -36.93 -21.65
CA HIS C 193 -14.63 -36.52 -20.43
C HIS C 193 -14.44 -35.02 -20.44
N TYR C 194 -14.84 -34.36 -19.36
CA TYR C 194 -14.80 -32.91 -19.26
C TYR C 194 -14.04 -32.51 -18.00
N GLU C 195 -12.99 -31.72 -18.15
CA GLU C 195 -12.28 -31.15 -17.03
C GLU C 195 -11.81 -29.75 -17.36
N GLU C 196 -11.85 -28.87 -16.36
CA GLU C 196 -11.28 -27.53 -16.47
C GLU C 196 -11.78 -26.81 -17.71
N CYS C 197 -13.08 -26.57 -17.75
CA CYS C 197 -13.69 -25.92 -18.90
C CYS C 197 -13.45 -24.42 -18.86
N SER C 198 -13.37 -23.80 -20.02
CA SER C 198 -13.24 -22.36 -20.14
C SER C 198 -14.43 -21.84 -20.96
N CYS C 199 -15.30 -21.07 -20.32
CA CYS C 199 -16.59 -20.70 -20.87
C CYS C 199 -16.63 -19.21 -21.19
N TYR C 200 -17.38 -18.85 -22.23
CA TYR C 200 -17.59 -17.47 -22.62
C TYR C 200 -19.01 -17.32 -23.16
N PRO C 201 -19.61 -16.15 -22.99
CA PRO C 201 -20.97 -15.93 -23.51
C PRO C 201 -20.95 -15.38 -24.93
N ASP C 202 -21.95 -15.75 -25.71
CA ASP C 202 -22.01 -15.35 -27.12
C ASP C 202 -23.45 -15.36 -27.58
N ALA C 203 -24.00 -14.18 -27.84
CA ALA C 203 -25.36 -14.03 -28.38
C ALA C 203 -26.40 -14.63 -27.45
N GLY C 204 -26.20 -14.45 -26.15
CA GLY C 204 -27.17 -14.88 -25.16
C GLY C 204 -27.04 -16.31 -24.70
N ASP C 205 -26.12 -17.08 -25.25
CA ASP C 205 -25.87 -18.45 -24.83
C ASP C 205 -24.46 -18.58 -24.28
N ILE C 206 -24.12 -19.80 -23.87
CA ILE C 206 -22.82 -20.09 -23.28
C ILE C 206 -22.17 -21.21 -24.10
N MET C 207 -20.87 -21.10 -24.30
CA MET C 207 -20.08 -22.14 -24.96
C MET C 207 -18.83 -22.40 -24.15
N CYS C 208 -18.54 -23.67 -23.90
CA CYS C 208 -17.41 -24.08 -23.08
C CYS C 208 -16.56 -25.08 -23.84
N VAL C 209 -15.24 -24.95 -23.75
CA VAL C 209 -14.29 -25.88 -24.35
C VAL C 209 -13.43 -26.46 -23.25
N CYS C 210 -13.35 -27.78 -23.17
CA CYS C 210 -12.77 -28.43 -21.99
C CYS C 210 -11.63 -29.37 -22.35
N ARG C 211 -11.17 -30.16 -21.39
CA ARG C 211 -9.99 -31.01 -21.54
C ARG C 211 -10.37 -32.46 -21.32
N ASP C 212 -10.02 -33.33 -22.28
CA ASP C 212 -10.33 -34.74 -22.21
C ASP C 212 -9.11 -35.50 -21.71
N ASN C 213 -9.21 -36.08 -20.53
CA ASN C 213 -8.07 -36.67 -19.86
C ASN C 213 -8.11 -38.18 -19.86
N TRP C 214 -9.05 -38.81 -20.56
CA TRP C 214 -9.21 -40.25 -20.52
C TRP C 214 -8.73 -40.92 -21.81
N HIS C 215 -9.34 -40.59 -22.95
CA HIS C 215 -8.83 -41.10 -24.21
C HIS C 215 -8.93 -40.09 -25.36
N GLY C 216 -8.58 -38.83 -25.11
CA GLY C 216 -8.75 -37.85 -26.16
C GLY C 216 -7.57 -36.92 -26.37
N SER C 217 -7.25 -36.65 -27.64
CA SER C 217 -6.21 -35.71 -28.02
C SER C 217 -6.76 -34.48 -28.72
N ASN C 218 -8.07 -34.42 -28.93
CA ASN C 218 -8.76 -33.23 -29.37
C ASN C 218 -9.76 -32.76 -28.31
N ARG C 219 -10.45 -31.67 -28.61
CA ARG C 219 -11.10 -31.18 -27.40
C ARG C 219 -12.63 -31.32 -27.48
N PRO C 220 -13.28 -31.51 -26.34
CA PRO C 220 -14.74 -31.52 -26.32
C PRO C 220 -15.32 -30.15 -26.03
N TRP C 221 -16.61 -30.00 -26.30
CA TRP C 221 -17.32 -28.75 -26.06
C TRP C 221 -18.75 -29.02 -25.64
N VAL C 222 -19.38 -28.01 -25.06
CA VAL C 222 -20.77 -28.07 -24.63
C VAL C 222 -21.36 -26.66 -24.66
N SER C 223 -22.59 -26.54 -25.13
CA SER C 223 -23.26 -25.25 -25.23
C SER C 223 -24.69 -25.37 -24.74
N PHE C 224 -25.17 -24.33 -24.06
CA PHE C 224 -26.49 -24.37 -23.46
C PHE C 224 -27.05 -22.95 -23.35
N ASN C 225 -28.37 -22.85 -23.21
CA ASN C 225 -29.02 -21.57 -23.03
C ASN C 225 -29.32 -21.31 -21.56
N GLN C 226 -30.07 -20.25 -21.28
CA GLN C 226 -30.32 -19.86 -19.89
C GLN C 226 -31.26 -20.81 -19.16
N ASN C 227 -31.88 -21.74 -19.86
CA ASN C 227 -32.74 -22.73 -19.23
C ASN C 227 -32.04 -24.08 -19.08
N LEU C 228 -30.75 -24.13 -19.39
CA LEU C 228 -29.94 -25.35 -19.30
C LEU C 228 -30.45 -26.46 -20.21
N GLU C 229 -30.41 -26.23 -21.52
CA GLU C 229 -30.61 -27.28 -22.50
C GLU C 229 -29.37 -27.37 -23.39
N TYR C 230 -28.65 -28.48 -23.28
CA TYR C 230 -27.26 -28.55 -23.73
C TYR C 230 -27.12 -29.37 -25.00
N GLN C 231 -25.95 -29.22 -25.62
CA GLN C 231 -25.55 -29.98 -26.79
C GLN C 231 -24.07 -30.32 -26.64
N ILE C 232 -23.70 -31.51 -27.10
CA ILE C 232 -22.34 -32.01 -26.81
C ILE C 232 -21.68 -32.47 -28.11
N GLY C 233 -20.34 -32.52 -28.15
CA GLY C 233 -19.60 -32.95 -29.32
C GLY C 233 -18.13 -32.73 -29.12
N TYR C 234 -17.36 -32.93 -30.20
CA TYR C 234 -15.93 -32.72 -30.22
C TYR C 234 -15.57 -31.80 -31.38
N ILE C 235 -14.40 -31.18 -31.31
CA ILE C 235 -13.98 -30.29 -32.38
C ILE C 235 -13.51 -31.13 -33.56
N CYS C 236 -14.12 -30.90 -34.72
CA CYS C 236 -14.03 -31.82 -35.84
C CYS C 236 -12.82 -31.53 -36.73
N SER C 237 -11.99 -30.56 -36.36
CA SER C 237 -10.83 -30.20 -37.17
C SER C 237 -9.73 -31.25 -37.07
N GLY C 238 -8.82 -31.21 -38.03
CA GLY C 238 -7.63 -32.03 -38.07
C GLY C 238 -6.38 -31.40 -37.49
N ILE C 239 -6.49 -30.21 -36.92
CA ILE C 239 -5.40 -29.58 -36.18
C ILE C 239 -5.65 -29.86 -34.72
N PHE C 240 -5.03 -30.93 -34.20
CA PHE C 240 -5.33 -31.35 -32.84
C PHE C 240 -4.88 -30.28 -31.85
N GLY C 241 -5.56 -30.24 -30.71
CA GLY C 241 -5.37 -29.13 -29.80
C GLY C 241 -4.83 -29.49 -28.42
N ASP C 242 -4.90 -30.76 -28.05
CA ASP C 242 -4.48 -31.15 -26.72
C ASP C 242 -2.96 -31.30 -26.67
N ASN C 243 -2.47 -31.81 -25.55
CA ASN C 243 -1.04 -32.07 -25.37
C ASN C 243 -0.84 -33.11 -24.28
N PRO C 244 -0.32 -34.30 -24.60
CA PRO C 244 0.25 -34.82 -25.84
C PRO C 244 -0.76 -35.10 -26.92
N ARG C 245 -0.28 -35.17 -28.16
CA ARG C 245 -1.14 -35.34 -29.32
C ARG C 245 -0.31 -35.95 -30.44
N PRO C 246 -0.94 -36.59 -31.40
CA PRO C 246 -0.20 -37.10 -32.57
C PRO C 246 0.16 -35.96 -33.50
N ASN C 247 0.74 -36.32 -34.64
CA ASN C 247 1.01 -35.33 -35.67
C ASN C 247 -0.28 -34.94 -36.39
N ASP C 248 -0.23 -33.81 -37.08
CA ASP C 248 -1.41 -33.34 -37.80
C ASP C 248 -1.78 -34.32 -38.90
N GLY C 249 -3.08 -34.57 -39.05
CA GLY C 249 -3.55 -35.53 -40.03
C GLY C 249 -5.03 -35.38 -40.30
N THR C 250 -5.74 -36.50 -40.44
CA THR C 250 -7.18 -36.46 -40.64
C THR C 250 -7.87 -36.53 -39.29
N GLY C 251 -8.64 -35.50 -38.97
CA GLY C 251 -9.26 -35.41 -37.67
C GLY C 251 -10.59 -36.14 -37.61
N SER C 252 -11.22 -36.14 -36.42
CA SER C 252 -12.53 -36.83 -36.24
C SER C 252 -13.43 -36.04 -35.28
N CYS C 253 -14.75 -36.26 -35.31
CA CYS C 253 -15.72 -35.53 -34.44
C CYS C 253 -16.08 -36.35 -33.21
N SER C 254 -15.43 -37.50 -33.01
CA SER C 254 -15.68 -38.40 -31.87
C SER C 254 -14.33 -38.56 -31.21
N PRO C 255 -14.19 -39.07 -29.96
CA PRO C 255 -12.89 -39.06 -29.31
C PRO C 255 -11.76 -39.58 -30.21
N MET C 256 -10.66 -38.84 -30.36
CA MET C 256 -9.48 -39.30 -31.12
C MET C 256 -8.62 -40.13 -30.15
N PRO C 257 -8.30 -41.42 -30.37
CA PRO C 257 -7.65 -42.23 -29.34
C PRO C 257 -6.14 -42.09 -29.26
N SER C 258 -5.44 -41.74 -30.33
CA SER C 258 -3.99 -41.77 -30.32
C SER C 258 -3.43 -40.73 -29.38
N ASN C 259 -2.52 -41.16 -28.50
CA ASN C 259 -1.88 -40.28 -27.52
C ASN C 259 -2.91 -39.49 -26.72
N GLY C 260 -4.03 -40.11 -26.38
CA GLY C 260 -5.10 -39.35 -25.79
C GLY C 260 -5.04 -39.19 -24.29
N ALA C 261 -4.38 -40.09 -23.59
CA ALA C 261 -4.69 -40.28 -22.19
C ALA C 261 -4.01 -39.29 -21.28
N TYR C 262 -4.15 -38.00 -21.55
CA TYR C 262 -3.67 -36.91 -20.67
C TYR C 262 -4.04 -35.63 -21.44
N GLY C 263 -3.65 -34.45 -20.98
CA GLY C 263 -3.95 -33.19 -21.61
C GLY C 263 -3.43 -32.01 -20.82
N VAL C 264 -3.90 -30.84 -21.22
CA VAL C 264 -3.61 -29.57 -20.56
C VAL C 264 -4.77 -28.63 -20.83
N LYS C 265 -5.07 -27.76 -19.87
CA LYS C 265 -6.21 -26.86 -19.99
C LYS C 265 -6.03 -25.88 -21.14
N GLY C 266 -7.07 -25.70 -21.94
CA GLY C 266 -6.98 -24.87 -23.12
C GLY C 266 -8.26 -24.16 -23.51
N PHE C 267 -8.33 -23.60 -24.72
CA PHE C 267 -9.49 -22.81 -25.12
C PHE C 267 -9.62 -22.81 -26.64
N SER C 268 -10.70 -22.18 -27.11
CA SER C 268 -10.96 -21.97 -28.53
C SER C 268 -12.18 -21.07 -28.67
N PHE C 269 -12.27 -20.40 -29.81
CA PHE C 269 -13.37 -19.48 -30.11
C PHE C 269 -14.05 -19.94 -31.38
N LYS C 270 -15.37 -19.79 -31.46
CA LYS C 270 -16.13 -20.24 -32.61
C LYS C 270 -16.63 -19.03 -33.41
N TYR C 271 -16.41 -19.07 -34.72
CA TYR C 271 -16.86 -18.02 -35.64
C TYR C 271 -17.58 -18.68 -36.79
N GLY C 272 -18.86 -18.94 -36.64
CA GLY C 272 -19.59 -19.59 -37.72
C GLY C 272 -19.16 -21.04 -37.84
N ASN C 273 -18.39 -21.36 -38.87
CA ASN C 273 -17.79 -22.68 -38.99
C ASN C 273 -16.30 -22.69 -38.73
N GLY C 274 -15.65 -21.53 -38.66
CA GLY C 274 -14.25 -21.47 -38.36
C GLY C 274 -13.97 -21.62 -36.89
N VAL C 275 -12.70 -21.52 -36.54
CA VAL C 275 -12.30 -21.67 -35.14
C VAL C 275 -10.89 -21.11 -34.98
N TRP C 276 -10.64 -20.45 -33.85
CA TRP C 276 -9.31 -20.02 -33.47
C TRP C 276 -8.78 -21.00 -32.43
N ILE C 277 -7.68 -21.67 -32.73
CA ILE C 277 -7.13 -22.73 -31.90
C ILE C 277 -5.84 -22.23 -31.27
N GLY C 278 -5.70 -22.40 -29.97
CA GLY C 278 -4.48 -22.05 -29.26
C GLY C 278 -3.86 -23.28 -28.61
N ARG C 279 -2.63 -23.59 -29.02
CA ARG C 279 -1.99 -24.84 -28.65
C ARG C 279 -0.49 -24.66 -28.55
N THR C 280 0.16 -25.59 -27.85
CA THR C 280 1.61 -25.56 -27.70
C THR C 280 2.29 -26.07 -28.97
N LYS C 281 3.52 -25.61 -29.18
CA LYS C 281 4.26 -25.99 -30.38
C LYS C 281 4.76 -27.42 -30.33
N SER C 282 5.23 -27.87 -29.16
CA SER C 282 5.77 -29.22 -29.05
C SER C 282 4.65 -30.23 -28.82
N THR C 283 4.77 -31.39 -29.45
CA THR C 283 3.70 -32.39 -29.37
C THR C 283 3.83 -33.33 -28.18
N SER C 284 4.88 -33.19 -27.37
CA SER C 284 5.09 -34.11 -26.26
C SER C 284 5.34 -33.43 -24.92
N SER C 285 5.83 -32.20 -24.90
CA SER C 285 6.04 -31.49 -23.66
C SER C 285 5.50 -30.07 -23.81
N ARG C 286 5.37 -29.38 -22.69
CA ARG C 286 4.74 -28.06 -22.67
C ARG C 286 5.76 -26.99 -23.03
N SER C 287 5.99 -26.84 -24.32
CA SER C 287 6.91 -25.83 -24.83
C SER C 287 6.29 -25.07 -25.99
N GLY C 288 6.37 -23.74 -25.94
CA GLY C 288 5.90 -22.91 -27.03
C GLY C 288 4.43 -22.57 -26.93
N PHE C 289 3.94 -21.78 -27.88
CA PHE C 289 2.52 -21.46 -27.98
C PHE C 289 2.28 -20.75 -29.30
N GLU C 290 1.09 -20.93 -29.87
CA GLU C 290 0.77 -20.34 -31.16
C GLU C 290 -0.73 -20.27 -31.32
N MET C 291 -1.19 -19.44 -32.26
CA MET C 291 -2.60 -19.28 -32.56
C MET C 291 -2.85 -19.62 -34.01
N ILE C 292 -3.87 -20.44 -34.27
CA ILE C 292 -4.18 -20.94 -35.60
C ILE C 292 -5.58 -20.50 -35.98
N TRP C 293 -5.83 -20.30 -37.28
CA TRP C 293 -7.15 -19.93 -37.78
C TRP C 293 -7.52 -20.88 -38.91
N ASP C 294 -8.43 -21.82 -38.64
CA ASP C 294 -8.89 -22.77 -39.64
C ASP C 294 -10.30 -22.39 -40.05
N PRO C 295 -10.53 -21.88 -41.25
CA PRO C 295 -11.84 -21.32 -41.60
C PRO C 295 -12.97 -22.34 -41.63
N ASN C 296 -12.70 -23.63 -41.71
CA ASN C 296 -13.75 -24.64 -41.62
C ASN C 296 -13.50 -25.65 -40.52
N GLY C 297 -12.92 -25.24 -39.40
CA GLY C 297 -12.43 -26.18 -38.42
C GLY C 297 -13.46 -26.74 -37.49
N TRP C 298 -14.63 -26.12 -37.36
CA TRP C 298 -15.57 -26.61 -36.37
C TRP C 298 -16.34 -27.81 -36.87
N THR C 299 -16.36 -28.06 -38.17
CA THR C 299 -17.16 -29.14 -38.72
C THR C 299 -16.47 -29.99 -39.78
N GLU C 300 -15.28 -29.62 -40.23
CA GLU C 300 -14.61 -30.36 -41.28
C GLU C 300 -13.31 -30.98 -40.76
N THR C 301 -12.92 -32.10 -41.35
CA THR C 301 -11.85 -32.93 -40.82
C THR C 301 -10.53 -32.80 -41.59
N ASP C 302 -10.38 -31.81 -42.46
CA ASP C 302 -9.10 -31.65 -43.11
C ASP C 302 -8.10 -31.01 -42.14
N SER C 303 -6.87 -30.83 -42.61
CA SER C 303 -5.80 -30.30 -41.77
C SER C 303 -5.13 -29.09 -42.41
N SER C 304 -5.90 -28.25 -43.10
CA SER C 304 -5.33 -27.07 -43.73
C SER C 304 -5.88 -25.80 -43.11
N PHE C 305 -4.98 -24.85 -42.84
CA PHE C 305 -5.34 -23.63 -42.15
C PHE C 305 -4.91 -22.43 -42.99
N SER C 306 -5.07 -21.24 -42.42
CA SER C 306 -4.81 -20.01 -43.16
C SER C 306 -3.81 -19.06 -42.51
N VAL C 307 -3.86 -18.89 -41.19
CA VAL C 307 -3.04 -17.90 -40.50
C VAL C 307 -2.47 -18.52 -39.24
N LYS C 308 -1.21 -18.23 -38.95
CA LYS C 308 -0.56 -18.65 -37.73
C LYS C 308 0.20 -17.46 -37.14
N GLN C 309 0.17 -17.31 -35.82
CA GLN C 309 0.87 -16.23 -35.14
C GLN C 309 1.60 -16.81 -33.93
N ASP C 310 2.87 -16.45 -33.78
CA ASP C 310 3.68 -17.03 -32.71
C ASP C 310 3.57 -16.21 -31.43
N ILE C 311 3.61 -16.89 -30.30
CA ILE C 311 3.50 -16.27 -28.99
C ILE C 311 4.72 -16.53 -28.13
N VAL C 312 5.20 -17.78 -28.11
CA VAL C 312 6.40 -18.18 -27.39
C VAL C 312 7.15 -19.19 -28.25
N GLU C 313 8.47 -19.11 -28.27
CA GLU C 313 9.25 -20.04 -29.09
C GLU C 313 9.24 -21.44 -28.50
N ILE C 314 9.65 -22.41 -29.33
CA ILE C 314 9.55 -23.81 -28.99
C ILE C 314 10.59 -24.22 -27.95
N THR C 315 11.55 -23.35 -27.65
CA THR C 315 12.57 -23.70 -26.68
C THR C 315 12.25 -23.24 -25.26
N ASP C 316 11.08 -22.65 -25.03
CA ASP C 316 10.74 -22.07 -23.76
C ASP C 316 9.47 -22.69 -23.19
N TRP C 317 9.33 -22.61 -21.88
CA TRP C 317 8.29 -23.34 -21.18
C TRP C 317 6.98 -22.57 -21.16
N SER C 318 5.87 -23.31 -21.23
CA SER C 318 4.53 -22.73 -21.13
C SER C 318 3.65 -23.65 -20.30
N GLY C 319 2.33 -23.47 -20.35
CA GLY C 319 1.46 -24.25 -19.51
C GLY C 319 -0.01 -24.09 -19.80
N TYR C 320 -0.80 -23.88 -18.76
CA TYR C 320 -2.23 -23.66 -18.87
C TYR C 320 -2.54 -22.45 -19.73
N SER C 321 -3.78 -22.37 -20.21
CA SER C 321 -4.28 -21.17 -20.89
C SER C 321 -5.80 -21.21 -20.91
N GLY C 322 -6.41 -20.03 -21.00
CA GLY C 322 -7.86 -19.93 -20.95
C GLY C 322 -8.32 -18.64 -21.58
N SER C 323 -9.63 -18.41 -21.52
CA SER C 323 -10.21 -17.27 -22.21
C SER C 323 -11.01 -16.38 -21.27
N PHE C 324 -11.12 -15.10 -21.64
CA PHE C 324 -11.98 -14.15 -20.96
C PHE C 324 -12.41 -13.08 -21.96
N VAL C 325 -13.45 -12.34 -21.62
CA VAL C 325 -14.05 -11.37 -22.53
C VAL C 325 -14.22 -10.04 -21.81
N GLN C 326 -14.43 -8.98 -22.60
CA GLN C 326 -14.64 -7.63 -22.08
C GLN C 326 -15.98 -7.12 -22.59
N HIS C 327 -16.90 -6.86 -21.67
CA HIS C 327 -18.27 -6.56 -22.04
C HIS C 327 -18.40 -5.14 -22.59
N PRO C 328 -19.44 -4.87 -23.38
CA PRO C 328 -19.61 -3.52 -23.92
C PRO C 328 -19.76 -2.46 -22.84
N GLU C 329 -20.29 -2.81 -21.67
CA GLU C 329 -20.41 -1.84 -20.60
C GLU C 329 -19.05 -1.35 -20.12
N LEU C 330 -18.00 -2.14 -20.34
CA LEU C 330 -16.65 -1.76 -19.97
C LEU C 330 -15.91 -1.06 -21.08
N THR C 331 -15.94 -1.63 -22.28
CA THR C 331 -15.12 -1.16 -23.38
C THR C 331 -15.80 -0.09 -24.23
N GLY C 332 -17.11 0.05 -24.16
CA GLY C 332 -17.80 1.07 -24.91
C GLY C 332 -18.12 0.74 -26.35
N LEU C 333 -17.74 -0.44 -26.82
CA LEU C 333 -18.06 -0.85 -28.18
C LEU C 333 -19.48 -1.36 -28.26
N ASP C 334 -19.78 -2.02 -29.38
CA ASP C 334 -20.97 -2.86 -29.50
C ASP C 334 -20.61 -4.31 -29.79
N CYS C 335 -19.55 -4.81 -29.16
CA CYS C 335 -19.04 -6.15 -29.37
C CYS C 335 -19.21 -6.98 -28.13
N MET C 336 -18.58 -8.14 -28.16
CA MET C 336 -18.07 -8.80 -26.97
C MET C 336 -16.63 -9.18 -27.32
N ARG C 337 -15.67 -8.42 -26.81
CA ARG C 337 -14.28 -8.60 -27.22
C ARG C 337 -13.69 -9.87 -26.63
N PRO C 338 -12.98 -10.69 -27.42
CA PRO C 338 -12.32 -11.87 -26.86
C PRO C 338 -10.87 -11.60 -26.49
N CYS C 339 -10.39 -12.28 -25.46
CA CYS C 339 -9.00 -12.20 -25.03
C CYS C 339 -8.57 -13.57 -24.51
N PHE C 340 -7.30 -13.69 -24.09
CA PHE C 340 -6.83 -14.93 -23.49
C PHE C 340 -5.55 -14.68 -22.69
N TRP C 341 -5.18 -15.67 -21.87
CA TRP C 341 -3.98 -15.61 -21.05
C TRP C 341 -3.23 -16.93 -21.13
N VAL C 342 -1.94 -16.89 -20.78
CA VAL C 342 -1.07 -18.06 -20.80
C VAL C 342 -0.26 -18.09 -19.51
N GLU C 343 0.07 -19.29 -19.04
CA GLU C 343 0.87 -19.46 -17.83
C GLU C 343 2.20 -20.12 -18.17
N LEU C 344 3.28 -19.61 -17.60
CA LEU C 344 4.64 -20.05 -17.91
C LEU C 344 5.23 -20.70 -16.66
N ILE C 345 5.39 -22.02 -16.69
CA ILE C 345 5.78 -22.78 -15.51
C ILE C 345 7.30 -22.92 -15.47
N ARG C 346 7.88 -22.66 -14.30
CA ARG C 346 9.29 -22.88 -14.06
C ARG C 346 9.49 -23.70 -12.80
N GLY C 347 10.44 -24.62 -12.84
CA GLY C 347 10.73 -25.47 -11.70
C GLY C 347 10.47 -26.93 -11.96
N ARG C 348 10.29 -27.72 -10.92
CA ARG C 348 10.05 -29.16 -11.07
C ARG C 348 8.85 -29.35 -11.99
N PRO C 349 8.62 -30.50 -12.67
CA PRO C 349 9.57 -31.61 -12.65
C PRO C 349 10.62 -31.56 -13.74
N LYS C 350 10.55 -30.58 -14.64
CA LYS C 350 11.45 -30.54 -15.77
C LYS C 350 12.78 -29.87 -15.45
N GLU C 351 12.95 -29.32 -14.26
CA GLU C 351 14.18 -28.64 -13.87
C GLU C 351 14.55 -29.02 -12.45
N ASN C 352 15.81 -28.76 -12.09
CA ASN C 352 16.38 -29.27 -10.85
C ASN C 352 16.33 -28.19 -9.77
N THR C 353 15.16 -28.08 -9.14
CA THR C 353 14.94 -27.18 -8.03
C THR C 353 14.17 -27.93 -6.95
N ILE C 354 13.64 -27.20 -5.98
CA ILE C 354 12.77 -27.78 -4.98
C ILE C 354 11.36 -27.22 -5.02
N TRP C 355 11.11 -26.23 -5.87
CA TRP C 355 9.83 -25.54 -5.92
C TRP C 355 9.29 -25.55 -7.34
N THR C 356 8.12 -24.96 -7.51
CA THR C 356 7.51 -24.77 -8.83
C THR C 356 6.55 -23.59 -8.77
N SER C 357 6.51 -22.80 -9.84
CA SER C 357 5.75 -21.57 -9.86
C SER C 357 5.43 -21.20 -11.30
N GLY C 358 4.71 -20.10 -11.47
CA GLY C 358 4.35 -19.64 -12.80
C GLY C 358 4.05 -18.16 -12.83
N SER C 359 4.30 -17.56 -13.98
CA SER C 359 3.93 -16.18 -14.28
C SER C 359 3.00 -16.18 -15.49
N SER C 360 2.55 -15.00 -15.90
CA SER C 360 1.49 -14.94 -16.90
C SER C 360 1.73 -13.83 -17.91
N ILE C 361 1.17 -14.02 -19.10
CA ILE C 361 1.04 -12.99 -20.13
C ILE C 361 -0.37 -13.10 -20.69
N SER C 362 -0.84 -12.03 -21.33
CA SER C 362 -2.20 -12.03 -21.84
C SER C 362 -2.33 -11.11 -23.04
N PHE C 363 -3.26 -11.46 -23.93
CA PHE C 363 -3.43 -10.79 -25.22
C PHE C 363 -4.91 -10.50 -25.43
N CYS C 364 -5.21 -9.52 -26.27
CA CYS C 364 -6.58 -9.17 -26.60
C CYS C 364 -6.72 -8.94 -28.10
N GLY C 365 -7.81 -9.42 -28.68
CA GLY C 365 -7.92 -9.45 -30.13
C GLY C 365 -8.39 -8.11 -30.70
N VAL C 366 -7.81 -7.74 -31.83
CA VAL C 366 -8.07 -6.47 -32.50
C VAL C 366 -8.33 -6.71 -33.98
N ASN C 367 -8.54 -5.62 -34.71
CA ASN C 367 -8.79 -5.68 -36.14
C ASN C 367 -7.75 -4.95 -36.97
N SER C 368 -6.80 -4.25 -36.34
CA SER C 368 -5.73 -3.58 -37.05
C SER C 368 -4.49 -4.47 -37.10
N ASP C 369 -3.35 -3.86 -37.44
CA ASP C 369 -2.13 -4.62 -37.68
C ASP C 369 -1.54 -5.18 -36.38
N THR C 370 -0.85 -6.31 -36.50
CA THR C 370 -0.20 -6.99 -35.38
C THR C 370 1.10 -7.63 -35.84
N VAL C 371 1.82 -8.25 -34.89
CA VAL C 371 3.12 -8.86 -35.17
C VAL C 371 3.28 -10.08 -34.29
N GLY C 372 4.12 -11.01 -34.72
CA GLY C 372 4.42 -12.18 -33.92
C GLY C 372 5.86 -12.23 -33.45
N TRP C 373 6.04 -12.52 -32.18
CA TRP C 373 7.35 -12.49 -31.54
C TRP C 373 7.35 -13.55 -30.44
N SER C 374 8.27 -13.44 -29.50
CA SER C 374 8.32 -14.37 -28.37
C SER C 374 8.53 -13.58 -27.09
N TRP C 375 7.65 -13.80 -26.11
CA TRP C 375 7.69 -13.10 -24.83
C TRP C 375 7.82 -14.15 -23.73
N PRO C 376 8.99 -14.72 -23.54
CA PRO C 376 9.16 -15.81 -22.59
C PRO C 376 9.28 -15.29 -21.17
N ASP C 377 9.57 -16.21 -20.25
CA ASP C 377 9.62 -15.84 -18.84
C ASP C 377 10.91 -15.11 -18.49
N GLY C 378 12.05 -15.77 -18.68
CA GLY C 378 13.33 -15.09 -18.59
C GLY C 378 14.07 -15.22 -17.28
N ALA C 379 13.57 -15.99 -16.31
CA ALA C 379 14.28 -16.18 -15.07
C ALA C 379 15.49 -17.07 -15.29
N GLU C 380 16.56 -16.89 -14.50
CA GLU C 380 17.81 -17.69 -14.58
C GLU C 380 17.92 -18.62 -13.38
N LEU C 381 17.52 -19.89 -13.50
CA LEU C 381 17.51 -20.90 -12.46
C LEU C 381 18.87 -21.59 -12.37
N PRO C 382 19.22 -22.21 -11.24
CA PRO C 382 18.51 -22.33 -9.96
C PRO C 382 18.71 -21.17 -9.02
N PHE C 383 17.86 -21.05 -8.01
CA PHE C 383 17.92 -19.95 -7.06
C PHE C 383 18.87 -20.27 -5.92
N THR C 384 19.00 -19.34 -4.99
CA THR C 384 19.91 -19.50 -3.87
C THR C 384 19.51 -20.64 -2.96
N ILE C 385 18.20 -20.77 -2.67
CA ILE C 385 17.74 -21.81 -1.76
C ILE C 385 18.06 -23.20 -2.27
N ASP C 386 18.21 -23.36 -3.58
CA ASP C 386 18.45 -24.66 -4.19
C ASP C 386 19.89 -25.11 -4.05
N LYS C 387 20.79 -24.24 -3.64
CA LYS C 387 22.21 -24.54 -3.70
C LYS C 387 22.72 -25.05 -2.37
N VAL D 1 -14.42 17.79 -17.85
CA VAL D 1 -14.23 18.50 -19.10
C VAL D 1 -12.77 18.47 -19.51
N THR D 2 -12.49 18.93 -20.72
CA THR D 2 -11.17 18.77 -21.31
C THR D 2 -10.34 20.03 -21.11
N LEU D 3 -9.03 19.86 -21.11
CA LEU D 3 -8.11 20.98 -20.96
C LEU D 3 -8.15 21.85 -22.21
N ALA D 4 -8.44 23.15 -22.03
CA ALA D 4 -8.62 24.03 -23.18
C ALA D 4 -7.29 24.32 -23.88
N GLY D 5 -6.27 24.70 -23.12
CA GLY D 5 -4.95 24.89 -23.68
C GLY D 5 -4.84 25.96 -24.75
N ASN D 6 -5.54 27.07 -24.54
CA ASN D 6 -5.51 28.25 -25.43
C ASN D 6 -4.84 29.44 -24.73
N SER D 7 -3.84 29.22 -23.86
CA SER D 7 -3.17 30.30 -23.19
C SER D 7 -1.67 30.23 -23.41
N SER D 8 -0.97 31.29 -23.03
CA SER D 8 0.46 31.40 -23.30
C SER D 8 1.28 31.14 -22.06
N LEU D 9 2.57 30.84 -22.27
CA LEU D 9 3.50 30.68 -21.17
C LEU D 9 3.64 32.02 -20.47
N CYS D 10 3.73 32.00 -19.14
CA CYS D 10 3.78 33.27 -18.44
C CYS D 10 5.20 33.57 -18.00
N PRO D 11 5.56 34.83 -17.78
CA PRO D 11 6.97 35.19 -17.62
C PRO D 11 7.57 34.60 -16.36
N ILE D 12 8.85 34.25 -16.44
CA ILE D 12 9.60 33.69 -15.33
C ILE D 12 10.97 34.36 -15.29
N SER D 13 11.63 34.24 -14.15
CA SER D 13 12.99 34.72 -14.01
C SER D 13 13.95 33.71 -13.41
N GLY D 14 13.46 32.55 -13.00
CA GLY D 14 14.31 31.56 -12.38
C GLY D 14 13.52 30.30 -12.13
N TRP D 15 14.19 29.30 -11.59
CA TRP D 15 13.60 27.97 -11.41
C TRP D 15 13.76 27.55 -9.96
N ALA D 16 12.72 26.94 -9.40
CA ALA D 16 12.73 26.46 -8.03
C ALA D 16 12.59 24.95 -8.02
N ILE D 17 13.20 24.29 -7.03
CA ILE D 17 13.23 22.84 -7.03
C ILE D 17 11.86 22.29 -6.64
N TYR D 18 11.48 21.17 -7.24
CA TYR D 18 10.15 20.60 -7.09
C TYR D 18 10.14 19.21 -6.47
N SER D 19 11.06 18.32 -6.86
CA SER D 19 11.04 16.98 -6.31
C SER D 19 12.42 16.36 -6.40
N LYS D 20 12.62 15.30 -5.64
CA LYS D 20 13.86 14.51 -5.64
C LYS D 20 13.56 13.20 -4.94
N ASP D 21 13.82 12.07 -5.59
CA ASP D 21 13.31 10.81 -5.07
C ASP D 21 14.33 9.94 -4.37
N ASN D 22 15.63 10.11 -4.65
CA ASN D 22 16.68 9.32 -4.02
C ASN D 22 16.52 7.83 -4.29
N GLY D 23 16.49 7.45 -5.56
CA GLY D 23 16.17 6.08 -5.90
C GLY D 23 17.26 5.10 -5.51
N ILE D 24 18.50 5.39 -5.88
CA ILE D 24 19.58 4.42 -5.71
C ILE D 24 20.00 4.29 -4.25
N ARG D 25 20.10 5.43 -3.55
CA ARG D 25 20.48 5.39 -2.14
C ARG D 25 19.54 4.50 -1.34
N ILE D 26 18.24 4.60 -1.60
CA ILE D 26 17.28 3.72 -0.97
C ILE D 26 17.41 2.30 -1.50
N GLY D 27 17.64 2.16 -2.80
CA GLY D 27 17.70 0.85 -3.41
C GLY D 27 18.89 0.02 -3.03
N SER D 28 19.86 0.60 -2.32
CA SER D 28 20.96 -0.20 -1.80
C SER D 28 20.48 -1.32 -0.89
N LYS D 29 19.46 -1.08 -0.08
CA LYS D 29 18.92 -2.09 0.83
C LYS D 29 17.50 -2.51 0.49
N GLY D 30 16.62 -1.57 0.16
CA GLY D 30 15.24 -1.90 -0.12
C GLY D 30 15.04 -2.50 -1.49
N ASP D 31 13.78 -2.67 -1.86
CA ASP D 31 13.41 -3.25 -3.15
C ASP D 31 13.02 -2.13 -4.10
N VAL D 32 13.89 -1.84 -5.07
CA VAL D 32 13.67 -0.76 -6.02
C VAL D 32 14.00 -1.27 -7.41
N PHE D 33 13.17 -0.91 -8.38
CA PHE D 33 13.36 -1.35 -9.75
C PHE D 33 14.65 -0.81 -10.33
N VAL D 34 15.07 -1.37 -11.47
CA VAL D 34 16.13 -0.79 -12.28
C VAL D 34 15.50 -0.12 -13.48
N ILE D 35 15.59 1.21 -13.54
CA ILE D 35 14.81 2.01 -14.49
C ILE D 35 15.73 2.81 -15.39
N ARG D 36 15.16 3.34 -16.47
CA ARG D 36 15.80 4.34 -17.30
C ARG D 36 14.71 5.14 -18.00
N GLU D 37 15.08 6.28 -18.55
CA GLU D 37 14.17 7.20 -19.21
C GLU D 37 12.93 7.55 -18.38
N PRO D 38 13.09 8.15 -17.20
CA PRO D 38 11.92 8.60 -16.46
C PRO D 38 11.37 9.89 -17.06
N PHE D 39 10.09 10.15 -16.82
CA PHE D 39 9.51 11.44 -17.18
C PHE D 39 8.27 11.69 -16.35
N ILE D 40 7.82 12.94 -16.35
CA ILE D 40 6.75 13.41 -15.49
C ILE D 40 5.65 14.00 -16.35
N SER D 41 4.40 13.71 -16.00
CA SER D 41 3.25 14.26 -16.70
C SER D 41 2.12 14.49 -15.70
N CYS D 42 1.36 15.54 -15.91
CA CYS D 42 0.38 16.00 -14.94
C CYS D 42 -1.02 15.99 -15.52
N SER D 43 -1.98 15.54 -14.71
CA SER D 43 -3.40 15.56 -15.05
C SER D 43 -3.99 16.86 -14.53
N HIS D 44 -5.31 16.93 -14.45
CA HIS D 44 -5.94 18.08 -13.82
C HIS D 44 -6.12 17.92 -12.32
N LEU D 45 -5.55 16.88 -11.72
CA LEU D 45 -5.61 16.68 -10.28
C LEU D 45 -4.28 16.34 -9.63
N GLU D 46 -3.34 15.75 -10.36
CA GLU D 46 -2.09 15.30 -9.76
C GLU D 46 -1.02 15.21 -10.82
N CYS D 47 0.18 14.83 -10.38
CA CYS D 47 1.31 14.58 -11.27
C CYS D 47 1.93 13.23 -10.94
N ARG D 48 2.37 12.51 -11.97
CA ARG D 48 2.92 11.17 -11.80
C ARG D 48 4.24 11.07 -12.54
N THR D 49 4.99 10.00 -12.23
CA THR D 49 6.27 9.75 -12.87
C THR D 49 6.21 8.41 -13.59
N PHE D 50 6.57 8.40 -14.88
CA PHE D 50 6.58 7.20 -15.68
C PHE D 50 8.01 6.76 -15.94
N PHE D 51 8.21 5.46 -16.12
CA PHE D 51 9.56 4.95 -16.34
C PHE D 51 9.49 3.60 -17.04
N LEU D 52 10.64 3.14 -17.53
CA LEU D 52 10.74 1.90 -18.28
C LEU D 52 11.62 0.92 -17.50
N THR D 53 11.10 -0.15 -16.91
CA THR D 53 11.93 -1.17 -16.22
C THR D 53 12.18 -2.40 -17.09
N GLN D 54 13.15 -3.24 -16.76
CA GLN D 54 13.47 -4.50 -17.48
C GLN D 54 13.06 -5.70 -16.63
N GLY D 55 12.34 -5.51 -15.55
CA GLY D 55 11.87 -6.61 -14.72
C GLY D 55 12.80 -7.00 -13.61
N ALA D 56 13.81 -6.21 -13.32
CA ALA D 56 14.83 -6.63 -12.35
C ALA D 56 14.92 -5.64 -11.22
N LEU D 57 15.21 -6.13 -10.02
CA LEU D 57 15.43 -5.23 -8.90
C LEU D 57 16.90 -4.87 -8.76
N LEU D 58 17.14 -3.71 -8.17
CA LEU D 58 18.50 -3.25 -7.93
C LEU D 58 19.19 -4.17 -6.93
N ASN D 59 20.48 -4.40 -7.15
CA ASN D 59 21.31 -5.23 -6.29
C ASN D 59 20.91 -6.70 -6.32
N ASP D 60 20.61 -7.22 -7.50
CA ASP D 60 20.18 -8.59 -7.71
C ASP D 60 20.90 -9.17 -8.92
N LYS D 61 20.96 -10.50 -9.00
CA LYS D 61 21.72 -11.12 -10.08
C LYS D 61 21.04 -10.97 -11.42
N HIS D 62 19.74 -10.68 -11.44
CA HIS D 62 19.06 -10.48 -12.73
C HIS D 62 19.30 -9.11 -13.31
N SER D 63 19.95 -8.22 -12.52
CA SER D 63 20.26 -6.85 -12.97
C SER D 63 21.51 -6.89 -13.85
N ASN D 64 22.15 -8.03 -14.06
CA ASN D 64 23.32 -8.10 -14.94
C ASN D 64 22.87 -7.55 -16.27
N GLY D 65 23.73 -6.86 -16.97
CA GLY D 65 23.36 -6.17 -18.22
C GLY D 65 23.82 -6.89 -19.47
N THR D 66 23.51 -8.18 -19.62
CA THR D 66 23.84 -8.82 -20.92
C THR D 66 22.55 -8.71 -21.72
N VAL D 67 21.57 -7.98 -21.18
CA VAL D 67 20.23 -7.85 -21.80
C VAL D 67 20.20 -6.65 -22.75
N LYS D 68 19.60 -6.81 -23.92
CA LYS D 68 19.61 -5.73 -24.91
C LYS D 68 18.70 -4.62 -24.37
N ASP D 69 18.75 -3.43 -24.93
CA ASP D 69 17.77 -2.38 -24.54
C ASP D 69 16.38 -2.75 -25.06
N ARG D 70 16.32 -3.33 -26.24
CA ARG D 70 15.03 -3.72 -26.83
C ARG D 70 14.80 -5.19 -26.49
N SER D 71 14.34 -5.53 -25.29
CA SER D 71 14.23 -6.90 -24.81
C SER D 71 12.77 -7.18 -24.53
N PRO D 72 12.36 -8.44 -24.52
CA PRO D 72 10.93 -8.75 -24.29
C PRO D 72 10.51 -8.63 -22.85
N TYR D 73 11.30 -8.01 -21.98
CA TYR D 73 10.99 -7.94 -20.56
C TYR D 73 10.63 -6.54 -20.09
N ARG D 74 10.98 -5.50 -20.84
CA ARG D 74 10.75 -4.14 -20.38
C ARG D 74 9.26 -3.83 -20.33
N THR D 75 8.88 -2.97 -19.39
CA THR D 75 7.50 -2.56 -19.20
C THR D 75 7.47 -1.08 -18.86
N LEU D 76 6.29 -0.49 -19.00
CA LEU D 76 6.09 0.90 -18.61
C LEU D 76 5.23 0.94 -17.35
N MET D 77 5.65 1.69 -16.35
CA MET D 77 4.89 1.81 -15.12
C MET D 77 4.86 3.26 -14.66
N SER D 78 4.23 3.49 -13.51
CA SER D 78 4.14 4.85 -12.99
C SER D 78 3.92 4.83 -11.49
N CYS D 79 4.44 5.84 -10.81
CA CYS D 79 4.33 6.01 -9.38
C CYS D 79 4.16 7.49 -9.09
N PRO D 80 3.65 7.85 -7.92
CA PRO D 80 3.47 9.27 -7.62
C PRO D 80 4.81 10.01 -7.63
N VAL D 81 4.76 11.29 -7.96
CA VAL D 81 6.00 12.04 -8.11
C VAL D 81 6.73 12.10 -6.78
N GLY D 82 8.05 11.94 -6.81
CA GLY D 82 8.87 12.06 -5.64
C GLY D 82 9.02 10.81 -4.81
N GLU D 83 8.73 9.63 -5.35
CA GLU D 83 8.86 8.40 -4.59
C GLU D 83 9.76 7.40 -5.31
N ALA D 84 10.39 6.53 -4.52
CA ALA D 84 11.27 5.53 -5.08
C ALA D 84 10.45 4.43 -5.76
N PRO D 85 10.75 4.13 -7.01
CA PRO D 85 9.91 3.19 -7.78
C PRO D 85 10.12 1.75 -7.34
N SER D 86 9.13 1.20 -6.65
CA SER D 86 9.22 -0.16 -6.12
C SER D 86 8.00 -0.95 -6.54
N PRO D 87 8.08 -2.29 -6.53
CA PRO D 87 6.94 -3.09 -6.98
C PRO D 87 5.75 -3.04 -6.05
N TYR D 88 5.85 -2.40 -4.88
CA TYR D 88 4.75 -2.33 -3.94
C TYR D 88 4.00 -1.01 -3.98
N ASN D 89 4.42 -0.06 -4.80
CA ASN D 89 3.68 1.19 -4.94
C ASN D 89 3.64 1.70 -6.38
N SER D 90 3.67 0.82 -7.37
CA SER D 90 3.70 1.22 -8.78
C SER D 90 2.51 0.64 -9.51
N ARG D 91 2.09 1.31 -10.58
CA ARG D 91 0.99 0.84 -11.39
C ARG D 91 1.49 0.35 -12.74
N PHE D 92 0.86 -0.70 -13.26
CA PHE D 92 1.26 -1.22 -14.57
C PHE D 92 0.58 -0.43 -15.67
N GLU D 93 1.34 -0.06 -16.70
CA GLU D 93 0.80 0.74 -17.79
C GLU D 93 0.75 -0.03 -19.11
N SER D 94 1.88 -0.56 -19.58
CA SER D 94 1.92 -1.20 -20.89
C SER D 94 3.25 -1.93 -21.03
N VAL D 95 3.33 -2.77 -22.05
CA VAL D 95 4.56 -3.51 -22.35
C VAL D 95 5.26 -2.83 -23.51
N ALA D 96 6.46 -2.30 -23.28
CA ALA D 96 7.10 -1.48 -24.29
C ALA D 96 8.58 -1.31 -24.00
N TRP D 97 9.36 -1.05 -25.05
CA TRP D 97 10.71 -0.52 -24.89
C TRP D 97 10.87 0.87 -25.49
N SER D 98 9.77 1.59 -25.71
CA SER D 98 9.77 2.98 -26.10
C SER D 98 8.35 3.49 -25.93
N ALA D 99 8.18 4.65 -25.30
CA ALA D 99 6.84 5.01 -24.84
C ALA D 99 6.68 6.51 -24.69
N SER D 100 5.42 6.91 -24.48
CA SER D 100 5.03 8.26 -24.08
C SER D 100 3.60 8.21 -23.57
N ALA D 101 3.16 9.28 -22.89
CA ALA D 101 1.83 9.29 -22.31
C ALA D 101 1.40 10.72 -21.98
N CYS D 102 0.12 11.02 -22.20
CA CYS D 102 -0.42 12.31 -21.78
C CYS D 102 -1.89 12.17 -21.39
N HIS D 103 -2.38 13.17 -20.67
CA HIS D 103 -3.72 13.20 -20.09
C HIS D 103 -4.52 14.35 -20.69
N ASP D 104 -5.72 14.04 -21.20
CA ASP D 104 -6.50 15.03 -21.92
C ASP D 104 -7.54 15.74 -21.06
N GLY D 105 -7.58 15.47 -19.78
CA GLY D 105 -8.57 16.03 -18.90
C GLY D 105 -9.65 15.05 -18.48
N ILE D 106 -9.72 13.88 -19.11
CA ILE D 106 -10.71 12.87 -18.80
C ILE D 106 -10.06 11.54 -18.44
N SER D 107 -9.06 11.09 -19.21
CA SER D 107 -8.44 9.81 -18.94
C SER D 107 -7.02 9.79 -19.52
N TRP D 108 -6.24 8.82 -19.04
CA TRP D 108 -4.84 8.71 -19.44
C TRP D 108 -4.72 8.02 -20.79
N LEU D 109 -3.82 8.50 -21.63
CA LEU D 109 -3.47 7.85 -22.88
C LEU D 109 -2.01 7.43 -22.82
N THR D 110 -1.73 6.18 -23.20
CA THR D 110 -0.37 5.67 -23.19
C THR D 110 -0.06 5.01 -24.52
N ILE D 111 1.19 5.14 -24.96
CA ILE D 111 1.65 4.56 -26.22
C ILE D 111 2.87 3.70 -25.91
N GLY D 112 2.87 2.46 -26.39
CA GLY D 112 3.96 1.56 -26.10
C GLY D 112 4.38 0.70 -27.28
N ILE D 113 5.68 0.63 -27.55
CA ILE D 113 6.21 -0.03 -28.73
C ILE D 113 6.97 -1.28 -28.31
N SER D 114 6.65 -2.41 -28.94
CA SER D 114 7.31 -3.68 -28.66
C SER D 114 7.32 -4.51 -29.93
N GLY D 115 8.22 -5.49 -29.98
CA GLY D 115 8.34 -6.34 -31.14
C GLY D 115 9.74 -6.35 -31.72
N PRO D 116 9.93 -7.10 -32.80
CA PRO D 116 11.26 -7.17 -33.41
C PRO D 116 11.63 -5.88 -34.10
N ASP D 117 12.90 -5.79 -34.51
CA ASP D 117 13.40 -4.52 -35.03
C ASP D 117 12.89 -4.21 -36.42
N ASN D 118 12.36 -5.20 -37.13
CA ASN D 118 11.81 -4.93 -38.45
C ASN D 118 10.29 -5.03 -38.49
N GLY D 119 9.64 -5.19 -37.34
CA GLY D 119 8.19 -5.26 -37.32
C GLY D 119 7.53 -4.65 -36.11
N ALA D 120 8.15 -3.68 -35.46
CA ALA D 120 7.63 -3.18 -34.20
C ALA D 120 6.25 -2.58 -34.37
N VAL D 121 5.40 -2.78 -33.37
CA VAL D 121 4.00 -2.36 -33.41
C VAL D 121 3.70 -1.55 -32.16
N ALA D 122 3.09 -0.38 -32.35
CA ALA D 122 2.77 0.50 -31.24
C ALA D 122 1.32 0.28 -30.82
N VAL D 123 1.10 0.07 -29.53
CA VAL D 123 -0.22 -0.23 -28.99
C VAL D 123 -0.70 0.97 -28.19
N LEU D 124 -1.86 1.50 -28.56
CA LEU D 124 -2.42 2.69 -27.93
C LEU D 124 -3.53 2.29 -26.97
N LYS D 125 -3.42 2.73 -25.72
CA LYS D 125 -4.41 2.43 -24.70
C LYS D 125 -5.03 3.72 -24.21
N TYR D 126 -6.35 3.74 -24.07
CA TYR D 126 -7.06 4.88 -23.54
C TYR D 126 -7.90 4.40 -22.36
N ASN D 127 -7.50 4.81 -21.16
CA ASN D 127 -8.16 4.43 -19.93
C ASN D 127 -7.98 2.94 -19.63
N GLY D 128 -6.89 2.35 -20.09
CA GLY D 128 -6.61 0.96 -19.83
C GLY D 128 -7.22 -0.02 -20.79
N ILE D 129 -7.81 0.44 -21.88
CA ILE D 129 -8.43 -0.43 -22.88
C ILE D 129 -7.74 -0.21 -24.21
N ILE D 130 -7.31 -1.29 -24.85
CA ILE D 130 -6.63 -1.16 -26.13
C ILE D 130 -7.60 -0.63 -27.16
N THR D 131 -7.17 0.37 -27.93
CA THR D 131 -8.04 0.99 -28.91
C THR D 131 -7.51 0.98 -30.33
N ASP D 132 -6.21 1.11 -30.55
CA ASP D 132 -5.69 1.22 -31.91
C ASP D 132 -4.23 0.77 -31.89
N THR D 133 -3.69 0.49 -33.08
CA THR D 133 -2.29 0.12 -33.23
C THR D 133 -1.71 0.81 -34.45
N ILE D 134 -0.40 1.01 -34.41
CA ILE D 134 0.37 1.57 -35.53
C ILE D 134 1.54 0.65 -35.79
N LYS D 135 1.74 0.26 -37.05
CA LYS D 135 2.84 -0.62 -37.40
C LYS D 135 3.91 0.12 -38.18
N SER D 136 5.15 -0.31 -38.00
CA SER D 136 6.29 0.33 -38.65
C SER D 136 6.11 0.36 -40.15
N TRP D 137 6.42 1.50 -40.76
CA TRP D 137 6.24 1.67 -42.19
C TRP D 137 7.53 1.64 -42.99
N ARG D 138 8.70 1.42 -42.39
CA ARG D 138 9.96 1.29 -43.17
C ARG D 138 10.80 0.12 -42.64
N ASN D 139 10.27 -0.71 -41.74
CA ASN D 139 10.97 -1.94 -41.33
C ASN D 139 12.36 -1.64 -40.79
N ASN D 140 12.43 -0.70 -39.87
CA ASN D 140 13.64 -0.37 -39.14
C ASN D 140 13.15 0.00 -37.73
N ILE D 141 14.08 0.26 -36.83
CA ILE D 141 13.70 0.47 -35.44
C ILE D 141 12.73 1.64 -35.34
N LEU D 142 11.52 1.38 -34.86
CA LEU D 142 10.52 2.42 -34.67
C LEU D 142 10.62 3.00 -33.27
N ARG D 143 10.55 4.32 -33.14
CA ARG D 143 10.80 4.94 -31.85
C ARG D 143 9.99 6.21 -31.70
N THR D 144 9.82 6.65 -30.46
CA THR D 144 8.92 7.75 -30.12
C THR D 144 9.59 8.65 -29.09
N GLN D 145 8.80 9.50 -28.45
CA GLN D 145 9.33 10.70 -27.78
C GLN D 145 10.15 10.38 -26.54
N GLU D 146 9.67 9.46 -25.70
CA GLU D 146 10.23 9.21 -24.37
C GLU D 146 9.91 10.33 -23.38
N SER D 147 8.90 11.13 -23.68
CA SER D 147 8.41 12.12 -22.73
C SER D 147 6.96 12.41 -23.06
N GLU D 148 6.35 13.33 -22.33
CA GLU D 148 4.92 13.51 -22.41
C GLU D 148 4.50 14.08 -23.76
N CYS D 149 3.35 13.63 -24.22
CA CYS D 149 2.68 14.16 -25.39
C CYS D 149 1.77 15.34 -25.00
N ALA D 150 1.40 16.15 -25.99
CA ALA D 150 0.78 17.44 -25.73
C ALA D 150 -0.67 17.45 -26.19
N CYS D 151 -1.58 17.82 -25.30
CA CYS D 151 -3.01 17.80 -25.58
C CYS D 151 -3.58 19.20 -25.58
N VAL D 152 -4.33 19.54 -26.63
CA VAL D 152 -5.00 20.87 -26.72
C VAL D 152 -6.44 20.63 -27.17
N ASN D 153 -7.44 21.08 -26.42
CA ASN D 153 -8.89 20.91 -26.75
C ASN D 153 -9.25 19.44 -26.93
N GLY D 154 -8.68 18.57 -26.13
CA GLY D 154 -9.06 17.14 -26.22
C GLY D 154 -8.16 16.32 -27.10
N SER D 155 -7.63 16.90 -28.18
CA SER D 155 -6.80 16.17 -29.12
C SER D 155 -5.36 16.15 -28.61
N CYS D 156 -4.65 15.05 -28.83
CA CYS D 156 -3.29 14.90 -28.34
C CYS D 156 -2.36 14.53 -29.49
N PHE D 157 -1.14 15.07 -29.46
CA PHE D 157 -0.23 15.03 -30.59
C PHE D 157 1.09 14.39 -30.21
N THR D 158 1.73 13.74 -31.18
CA THR D 158 3.02 13.08 -30.95
C THR D 158 3.75 12.92 -32.27
N VAL D 159 5.05 12.63 -32.19
CA VAL D 159 5.94 12.55 -33.35
C VAL D 159 6.70 11.22 -33.28
N MET D 160 6.87 10.58 -34.43
CA MET D 160 7.49 9.27 -34.50
C MET D 160 8.52 9.23 -35.61
N THR D 161 9.51 8.33 -35.46
CA THR D 161 10.65 8.22 -36.36
C THR D 161 10.82 6.77 -36.76
N ASP D 162 11.29 6.52 -37.97
CA ASP D 162 11.52 5.16 -38.45
C ASP D 162 12.53 5.18 -39.57
N GLY D 163 13.73 4.67 -39.32
CA GLY D 163 14.78 4.66 -40.30
C GLY D 163 16.15 4.65 -39.66
N PRO D 164 17.19 4.89 -40.45
CA PRO D 164 18.56 4.86 -39.92
C PRO D 164 18.77 5.92 -38.86
N SER D 165 19.69 5.64 -37.94
CA SER D 165 20.07 6.61 -36.93
C SER D 165 21.38 7.32 -37.25
N ASN D 166 21.89 7.17 -38.47
CA ASN D 166 23.04 7.94 -38.92
C ASN D 166 22.86 8.38 -40.37
N GLY D 167 21.62 8.61 -40.79
CA GLY D 167 21.35 9.02 -42.15
C GLY D 167 19.94 9.55 -42.25
N GLN D 168 19.48 9.70 -43.49
CA GLN D 168 18.14 10.22 -43.72
C GLN D 168 17.10 9.23 -43.20
N ALA D 169 16.03 9.75 -42.59
CA ALA D 169 14.99 8.91 -42.04
C ALA D 169 13.60 9.35 -42.51
N SER D 170 12.56 8.82 -41.90
CA SER D 170 11.18 9.16 -42.23
C SER D 170 10.46 9.61 -40.97
N TYR D 171 9.63 10.66 -41.08
CA TYR D 171 9.15 11.34 -39.90
C TYR D 171 7.64 11.50 -40.04
N LYS D 172 6.89 11.39 -38.95
CA LYS D 172 5.44 11.54 -39.03
C LYS D 172 4.89 12.26 -37.80
N ILE D 173 3.77 12.95 -37.99
CA ILE D 173 3.05 13.60 -36.91
C ILE D 173 1.65 13.02 -36.81
N PHE D 174 1.24 12.64 -35.61
CA PHE D 174 -0.03 11.95 -35.39
C PHE D 174 -0.96 12.79 -34.54
N LYS D 175 -2.24 12.76 -34.87
CA LYS D 175 -3.28 13.42 -34.11
C LYS D 175 -4.24 12.36 -33.58
N ILE D 176 -4.46 12.34 -32.28
CA ILE D 176 -5.18 11.27 -31.60
C ILE D 176 -6.34 11.86 -30.82
N GLU D 177 -7.52 11.29 -30.97
CA GLU D 177 -8.69 11.72 -30.22
C GLU D 177 -9.36 10.49 -29.60
N LYS D 178 -9.34 10.44 -28.27
CA LYS D 178 -9.93 9.32 -27.53
C LYS D 178 -9.32 7.99 -27.93
N GLY D 179 -8.00 7.97 -28.09
CA GLY D 179 -7.31 6.73 -28.38
C GLY D 179 -7.39 6.26 -29.81
N LYS D 180 -8.00 7.03 -30.71
CA LYS D 180 -8.11 6.67 -32.11
C LYS D 180 -7.28 7.65 -32.92
N VAL D 181 -6.52 7.13 -33.89
CA VAL D 181 -5.73 8.01 -34.76
C VAL D 181 -6.66 8.63 -35.80
N VAL D 182 -6.68 9.95 -35.85
CA VAL D 182 -7.60 10.66 -36.73
C VAL D 182 -6.92 11.22 -37.98
N LYS D 183 -5.67 11.68 -37.89
CA LYS D 183 -5.01 12.30 -39.03
C LYS D 183 -3.51 12.16 -38.84
N SER D 184 -2.78 12.09 -39.95
CA SER D 184 -1.33 12.01 -39.90
C SER D 184 -0.73 12.45 -41.22
N VAL D 185 0.38 13.19 -41.14
CA VAL D 185 1.15 13.60 -42.31
C VAL D 185 2.61 13.28 -42.03
N GLU D 186 3.40 13.16 -43.09
CA GLU D 186 4.82 12.89 -42.91
C GLU D 186 5.64 14.09 -43.35
N MET D 187 6.62 14.43 -42.53
CA MET D 187 7.40 15.64 -42.71
C MET D 187 8.25 15.52 -43.96
N ASN D 188 8.43 16.62 -44.67
CA ASN D 188 9.32 16.69 -45.83
C ASN D 188 10.51 17.55 -45.47
N ALA D 189 11.53 16.93 -44.87
CA ALA D 189 12.70 17.64 -44.35
C ALA D 189 13.98 16.98 -44.82
N PRO D 190 14.49 17.37 -45.99
CA PRO D 190 15.80 16.85 -46.40
C PRO D 190 16.92 17.52 -45.63
N ASN D 191 17.89 16.72 -45.20
CA ASN D 191 19.04 17.09 -44.37
C ASN D 191 18.65 17.47 -42.95
N TYR D 192 17.56 16.94 -42.41
CA TYR D 192 17.22 17.13 -41.01
C TYR D 192 17.14 15.77 -40.32
N HIS D 193 17.33 15.78 -39.01
CA HIS D 193 17.19 14.55 -38.24
C HIS D 193 16.45 14.86 -36.94
N TYR D 194 15.42 14.08 -36.65
CA TYR D 194 14.58 14.30 -35.48
C TYR D 194 14.50 13.02 -34.68
N GLU D 195 14.86 13.08 -33.41
CA GLU D 195 14.69 11.96 -32.48
C GLU D 195 14.33 12.49 -31.10
N GLU D 196 13.47 11.75 -30.42
CA GLU D 196 13.14 12.00 -29.02
C GLU D 196 12.77 13.46 -28.79
N CYS D 197 11.67 13.88 -29.42
CA CYS D 197 11.22 15.25 -29.32
C CYS D 197 10.51 15.50 -27.99
N SER D 198 10.61 16.71 -27.48
CA SER D 198 9.89 17.12 -26.28
C SER D 198 8.98 18.29 -26.64
N CYS D 199 7.68 18.08 -26.55
CA CYS D 199 6.69 19.00 -27.08
C CYS D 199 5.90 19.64 -25.95
N TYR D 200 5.48 20.88 -26.16
CA TYR D 200 4.65 21.61 -25.22
C TYR D 200 3.69 22.51 -25.99
N PRO D 201 2.50 22.76 -25.45
CA PRO D 201 1.54 23.63 -26.14
C PRO D 201 1.70 25.09 -25.73
N ASP D 202 1.43 25.98 -26.67
CA ASP D 202 1.62 27.41 -26.42
C ASP D 202 0.71 28.21 -27.34
N ALA D 203 -0.31 28.85 -26.76
CA ALA D 203 -1.22 29.73 -27.50
C ALA D 203 -1.96 28.96 -28.60
N GLY D 204 -2.34 27.73 -28.30
CA GLY D 204 -3.14 26.94 -29.21
C GLY D 204 -2.36 26.16 -30.24
N ASP D 205 -1.04 26.28 -30.29
CA ASP D 205 -0.21 25.51 -31.19
C ASP D 205 0.73 24.62 -30.40
N ILE D 206 1.56 23.88 -31.13
CA ILE D 206 2.50 22.93 -30.55
C ILE D 206 3.90 23.29 -31.03
N MET D 207 4.88 23.19 -30.14
CA MET D 207 6.28 23.39 -30.47
C MET D 207 7.09 22.26 -29.89
N CYS D 208 7.97 21.67 -30.70
CA CYS D 208 8.78 20.53 -30.29
C CYS D 208 10.24 20.81 -30.57
N VAL D 209 11.12 20.44 -29.64
CA VAL D 209 12.56 20.56 -29.80
C VAL D 209 13.17 19.17 -29.68
N CYS D 210 13.97 18.77 -30.67
CA CYS D 210 14.38 17.38 -30.78
C CYS D 210 15.90 17.24 -30.82
N ARG D 211 16.39 16.04 -31.13
CA ARG D 211 17.80 15.70 -31.06
C ARG D 211 18.30 15.27 -32.43
N ASP D 212 19.38 15.88 -32.91
CA ASP D 212 19.94 15.58 -34.21
C ASP D 212 21.13 14.63 -34.03
N ASN D 213 20.99 13.42 -34.53
CA ASN D 213 21.96 12.37 -34.26
C ASN D 213 22.81 12.04 -35.47
N TRP D 214 22.70 12.79 -36.55
CA TRP D 214 23.41 12.48 -37.78
C TRP D 214 24.58 13.42 -38.05
N HIS D 215 24.32 14.72 -38.19
CA HIS D 215 25.41 15.68 -38.30
C HIS D 215 25.13 17.00 -37.61
N GLY D 216 24.58 16.97 -36.40
CA GLY D 216 24.23 18.22 -35.76
C GLY D 216 24.63 18.33 -34.30
N SER D 217 25.13 19.51 -33.92
CA SER D 217 25.48 19.82 -32.55
C SER D 217 24.60 20.90 -31.95
N ASN D 218 23.66 21.43 -32.72
CA ASN D 218 22.60 22.30 -32.22
C ASN D 218 21.24 21.64 -32.46
N ARG D 219 20.18 22.33 -32.05
CA ARG D 219 19.02 21.47 -32.04
C ARG D 219 18.00 21.88 -33.08
N PRO D 220 17.24 20.92 -33.62
CA PRO D 220 16.16 21.26 -34.54
C PRO D 220 14.84 21.43 -33.81
N TRP D 221 13.87 22.04 -34.51
CA TRP D 221 12.54 22.27 -33.96
C TRP D 221 11.49 22.16 -35.05
N VAL D 222 10.24 21.99 -34.64
CA VAL D 222 9.10 21.91 -35.54
C VAL D 222 7.87 22.40 -34.81
N SER D 223 7.03 23.18 -35.49
CA SER D 223 5.81 23.72 -34.90
C SER D 223 4.66 23.57 -35.87
N PHE D 224 3.48 23.29 -35.33
CA PHE D 224 2.31 23.04 -36.18
C PHE D 224 1.04 23.39 -35.42
N ASN D 225 -0.04 23.60 -36.15
CA ASN D 225 -1.34 23.89 -35.55
C ASN D 225 -2.20 22.63 -35.51
N GLN D 226 -3.46 22.78 -35.13
CA GLN D 226 -4.33 21.63 -34.95
C GLN D 226 -4.72 20.96 -36.25
N ASN D 227 -4.41 21.56 -37.39
CA ASN D 227 -4.69 20.96 -38.68
C ASN D 227 -3.43 20.34 -39.30
N LEU D 228 -2.34 20.30 -38.55
CA LEU D 228 -1.06 19.74 -39.00
C LEU D 228 -0.49 20.48 -40.20
N GLU D 229 -0.17 21.76 -40.02
CA GLU D 229 0.62 22.50 -41.00
C GLU D 229 1.89 23.01 -40.31
N TYR D 230 3.04 22.48 -40.73
CA TYR D 230 4.25 22.55 -39.93
C TYR D 230 5.26 23.53 -40.52
N GLN D 231 6.25 23.86 -39.69
CA GLN D 231 7.38 24.69 -40.06
C GLN D 231 8.63 24.12 -39.41
N ILE D 232 9.76 24.23 -40.08
CA ILE D 232 10.97 23.56 -39.63
C ILE D 232 12.16 24.51 -39.61
N GLY D 233 13.17 24.14 -38.85
CA GLY D 233 14.36 24.96 -38.74
C GLY D 233 15.27 24.46 -37.65
N TYR D 234 16.30 25.24 -37.36
CA TYR D 234 17.26 24.96 -36.31
C TYR D 234 17.38 26.17 -35.40
N ILE D 235 17.87 25.96 -34.17
CA ILE D 235 18.01 27.07 -33.25
C ILE D 235 19.24 27.88 -33.63
N CYS D 236 19.04 29.17 -33.86
CA CYS D 236 20.01 30.00 -34.56
C CYS D 236 21.03 30.61 -33.61
N SER D 237 20.97 30.28 -32.32
CA SER D 237 21.89 30.82 -31.33
C SER D 237 23.28 30.23 -31.46
N GLY D 238 24.26 30.92 -30.89
CA GLY D 238 25.63 30.48 -30.79
C GLY D 238 26.00 29.77 -29.52
N ILE D 239 25.04 29.53 -28.64
CA ILE D 239 25.24 28.72 -27.44
C ILE D 239 24.74 27.32 -27.80
N PHE D 240 25.64 26.44 -28.23
CA PHE D 240 25.22 25.13 -28.70
C PHE D 240 24.59 24.33 -27.57
N GLY D 241 23.69 23.43 -27.92
CA GLY D 241 22.88 22.77 -26.92
C GLY D 241 23.03 21.28 -26.84
N ASP D 242 23.59 20.64 -27.86
CA ASP D 242 23.70 19.20 -27.87
C ASP D 242 24.90 18.75 -27.05
N ASN D 243 25.19 17.46 -27.11
CA ASN D 243 26.34 16.87 -26.42
C ASN D 243 26.74 15.56 -27.08
N PRO D 244 27.92 15.47 -27.70
CA PRO D 244 29.05 16.39 -27.78
C PRO D 244 28.83 17.60 -28.65
N ARG D 245 29.63 18.63 -28.44
CA ARG D 245 29.48 19.90 -29.14
C ARG D 245 30.82 20.61 -29.12
N PRO D 246 31.05 21.53 -30.04
CA PRO D 246 32.26 22.33 -30.01
C PRO D 246 32.19 23.38 -28.90
N ASN D 247 33.21 24.24 -28.86
CA ASN D 247 33.18 25.37 -27.94
C ASN D 247 32.23 26.45 -28.46
N ASP D 248 31.83 27.34 -27.57
CA ASP D 248 30.93 28.41 -27.95
C ASP D 248 31.59 29.32 -28.97
N GLY D 249 30.81 29.71 -29.98
CA GLY D 249 31.34 30.54 -31.04
C GLY D 249 30.25 31.19 -31.85
N THR D 250 30.41 31.25 -33.17
CA THR D 250 29.38 31.80 -34.04
C THR D 250 28.46 30.68 -34.50
N GLY D 251 27.19 30.80 -34.16
CA GLY D 251 26.24 29.75 -34.44
C GLY D 251 25.66 29.86 -35.83
N SER D 252 24.74 28.92 -36.17
CA SER D 252 24.07 28.90 -37.50
C SER D 252 22.67 28.28 -37.43
N CYS D 253 21.79 28.52 -38.43
CA CYS D 253 20.40 28.00 -38.46
C CYS D 253 20.26 26.79 -39.38
N SER D 254 21.36 26.20 -39.82
CA SER D 254 21.36 24.96 -40.63
C SER D 254 22.20 24.02 -39.80
N PRO D 255 22.19 22.69 -39.98
CA PRO D 255 22.93 21.85 -39.07
C PRO D 255 24.38 22.28 -38.85
N MET D 256 24.84 22.41 -37.60
CA MET D 256 26.27 22.74 -37.30
C MET D 256 27.06 21.44 -37.45
N PRO D 257 28.04 21.29 -38.37
CA PRO D 257 28.64 19.96 -38.57
C PRO D 257 29.66 19.55 -37.53
N SER D 258 30.32 20.47 -36.85
CA SER D 258 31.43 20.11 -35.97
C SER D 258 30.92 19.30 -34.78
N ASN D 259 31.56 18.15 -34.53
CA ASN D 259 31.19 17.27 -33.42
C ASN D 259 29.71 16.96 -33.42
N GLY D 260 29.13 16.64 -34.56
CA GLY D 260 27.67 16.43 -34.51
C GLY D 260 27.21 15.03 -34.78
N ALA D 261 27.90 14.01 -34.30
CA ALA D 261 27.52 12.63 -34.69
C ALA D 261 26.90 11.82 -33.56
N TYR D 262 26.50 12.41 -32.47
CA TYR D 262 25.80 11.67 -31.39
C TYR D 262 25.01 12.71 -30.61
N GLY D 263 24.42 12.38 -29.45
CA GLY D 263 23.74 13.46 -28.71
C GLY D 263 23.10 13.04 -27.43
N VAL D 264 22.27 13.89 -26.84
CA VAL D 264 21.48 13.53 -25.64
C VAL D 264 20.13 14.24 -25.83
N LYS D 265 19.02 13.64 -25.42
CA LYS D 265 17.69 14.24 -25.44
C LYS D 265 17.63 15.50 -24.57
N GLY D 266 17.03 16.56 -25.11
CA GLY D 266 17.01 17.84 -24.42
C GLY D 266 15.76 18.67 -24.68
N PHE D 267 15.79 19.95 -24.31
CA PHE D 267 14.61 20.79 -24.43
C PHE D 267 15.00 22.25 -24.53
N SER D 268 14.00 23.10 -24.72
CA SER D 268 14.15 24.56 -24.76
C SER D 268 12.77 25.18 -24.82
N PHE D 269 12.68 26.44 -24.38
CA PHE D 269 11.43 27.19 -24.35
C PHE D 269 11.62 28.45 -25.16
N LYS D 270 10.57 28.88 -25.86
CA LYS D 270 10.65 30.06 -26.71
C LYS D 270 9.85 31.21 -26.11
N TYR D 271 10.46 32.39 -26.03
CA TYR D 271 9.82 33.59 -25.51
C TYR D 271 10.05 34.72 -26.50
N GLY D 272 9.20 34.83 -27.51
CA GLY D 272 9.41 35.88 -28.49
C GLY D 272 10.59 35.55 -29.37
N ASN D 273 11.69 36.27 -29.16
CA ASN D 273 12.94 35.94 -29.83
C ASN D 273 13.98 35.32 -28.89
N GLY D 274 13.75 35.36 -27.59
CA GLY D 274 14.67 34.75 -26.65
C GLY D 274 14.48 33.26 -26.57
N VAL D 275 15.24 32.63 -25.69
CA VAL D 275 15.17 31.19 -25.52
C VAL D 275 15.84 30.81 -24.20
N TRP D 276 15.26 29.85 -23.50
CA TRP D 276 15.88 29.25 -22.32
C TRP D 276 16.49 27.92 -22.74
N ILE D 277 17.81 27.79 -22.58
CA ILE D 277 18.55 26.62 -23.06
C ILE D 277 19.01 25.83 -21.85
N GLY D 278 18.79 24.52 -21.87
CA GLY D 278 19.27 23.64 -20.81
C GLY D 278 20.22 22.61 -21.38
N ARG D 279 21.46 22.61 -20.86
CA ARG D 279 22.52 21.82 -21.44
C ARG D 279 23.51 21.41 -20.36
N THR D 280 24.29 20.38 -20.66
CA THR D 280 25.30 19.89 -19.74
C THR D 280 26.53 20.80 -19.74
N LYS D 281 27.25 20.80 -18.62
CA LYS D 281 28.41 21.67 -18.48
C LYS D 281 29.60 21.17 -19.29
N SER D 282 29.82 19.86 -19.32
CA SER D 282 30.96 19.32 -20.04
C SER D 282 30.64 19.14 -21.52
N THR D 283 31.61 19.45 -22.37
CA THR D 283 31.38 19.42 -23.81
C THR D 283 31.63 18.06 -24.44
N SER D 284 32.06 17.06 -23.67
CA SER D 284 32.38 15.76 -24.23
C SER D 284 31.74 14.59 -23.51
N SER D 285 31.38 14.72 -22.24
CA SER D 285 30.70 13.66 -21.52
C SER D 285 29.53 14.25 -20.75
N ARG D 286 28.66 13.38 -20.26
CA ARG D 286 27.41 13.81 -19.62
C ARG D 286 27.67 14.13 -18.16
N SER D 287 28.19 15.34 -17.92
CA SER D 287 28.45 15.81 -16.57
C SER D 287 27.93 17.23 -16.40
N GLY D 288 27.21 17.46 -15.30
CA GLY D 288 26.73 18.79 -14.98
C GLY D 288 25.42 19.14 -15.61
N PHE D 289 24.90 20.34 -15.33
CA PHE D 289 23.69 20.85 -15.96
C PHE D 289 23.54 22.31 -15.59
N GLU D 290 22.95 23.09 -16.49
CA GLU D 290 22.80 24.53 -16.25
C GLU D 290 21.69 25.06 -17.14
N MET D 291 21.18 26.24 -16.79
CA MET D 291 20.14 26.91 -17.55
C MET D 291 20.64 28.27 -18.02
N ILE D 292 20.43 28.58 -19.29
CA ILE D 292 20.94 29.80 -19.91
C ILE D 292 19.76 30.60 -20.45
N TRP D 293 19.89 31.92 -20.48
CA TRP D 293 18.86 32.80 -21.02
C TRP D 293 19.51 33.75 -22.03
N ASP D 294 19.30 33.50 -23.31
CA ASP D 294 19.83 34.35 -24.37
C ASP D 294 18.69 35.16 -24.95
N PRO D 295 18.63 36.47 -24.72
CA PRO D 295 17.45 37.24 -25.12
C PRO D 295 17.22 37.32 -26.62
N ASN D 296 18.20 37.03 -27.46
CA ASN D 296 17.96 36.99 -28.90
C ASN D 296 18.37 35.66 -29.52
N GLY D 297 18.19 34.56 -28.80
CA GLY D 297 18.79 33.31 -29.20
C GLY D 297 18.02 32.55 -30.27
N TRP D 298 16.76 32.85 -30.50
CA TRP D 298 16.01 32.04 -31.45
C TRP D 298 16.30 32.43 -32.88
N THR D 299 16.86 33.61 -33.12
CA THR D 299 17.08 34.09 -34.48
C THR D 299 18.43 34.73 -34.75
N GLU D 300 19.26 34.94 -33.72
CA GLU D 300 20.54 35.59 -33.91
C GLU D 300 21.68 34.65 -33.56
N THR D 301 22.78 34.80 -34.30
CA THR D 301 23.95 33.90 -34.18
C THR D 301 25.07 34.59 -33.39
N ASP D 302 24.79 35.02 -32.16
CA ASP D 302 25.79 35.69 -31.32
C ASP D 302 25.92 34.89 -30.03
N SER D 303 27.10 34.81 -29.42
CA SER D 303 27.34 33.92 -28.26
C SER D 303 27.13 34.61 -26.91
N SER D 304 26.51 35.78 -26.88
CA SER D 304 26.37 36.52 -25.61
C SER D 304 25.02 36.26 -24.94
N PHE D 305 25.01 35.94 -23.65
CA PHE D 305 23.80 35.65 -22.89
C PHE D 305 23.71 36.61 -21.71
N SER D 306 22.71 36.38 -20.86
CA SER D 306 22.43 37.29 -19.75
C SER D 306 22.41 36.64 -18.39
N VAL D 307 21.84 35.45 -18.24
CA VAL D 307 21.64 34.82 -16.95
C VAL D 307 22.00 33.34 -17.04
N LYS D 308 22.68 32.84 -16.02
CA LYS D 308 23.00 31.43 -15.91
C LYS D 308 22.68 30.96 -14.50
N GLN D 309 22.13 29.76 -14.38
CA GLN D 309 21.81 29.18 -13.08
C GLN D 309 22.28 27.73 -13.04
N ASP D 310 22.97 27.35 -11.97
CA ASP D 310 23.55 26.02 -11.89
C ASP D 310 22.58 25.02 -11.28
N ILE D 311 22.62 23.80 -11.77
CA ILE D 311 21.73 22.72 -11.31
C ILE D 311 22.53 21.55 -10.74
N VAL D 312 23.60 21.14 -11.42
CA VAL D 312 24.48 20.07 -10.96
C VAL D 312 25.91 20.47 -11.32
N GLU D 313 26.85 20.19 -10.43
CA GLU D 313 28.24 20.57 -10.70
C GLU D 313 28.86 19.70 -11.78
N ILE D 314 29.99 20.16 -12.30
CA ILE D 314 30.62 19.54 -13.46
C ILE D 314 31.29 18.22 -13.10
N THR D 315 31.39 17.90 -11.82
CA THR D 315 32.04 16.66 -11.44
C THR D 315 31.06 15.50 -11.24
N ASP D 316 29.78 15.71 -11.51
CA ASP D 316 28.76 14.71 -11.22
C ASP D 316 27.99 14.35 -12.49
N TRP D 317 27.40 13.16 -12.48
CA TRP D 317 26.83 12.59 -13.68
C TRP D 317 25.40 13.08 -13.90
N SER D 318 25.02 13.25 -15.17
CA SER D 318 23.66 13.61 -15.54
C SER D 318 23.26 12.84 -16.79
N GLY D 319 22.19 13.24 -17.46
CA GLY D 319 21.72 12.49 -18.60
C GLY D 319 20.63 13.17 -19.40
N TYR D 320 19.58 12.42 -19.71
CA TYR D 320 18.43 12.93 -20.43
C TYR D 320 17.77 14.08 -19.68
N SER D 321 16.97 14.86 -20.40
CA SER D 321 16.12 15.88 -19.80
C SER D 321 15.03 16.28 -20.77
N GLY D 322 13.92 16.77 -20.23
CA GLY D 322 12.75 17.10 -21.05
C GLY D 322 11.87 18.10 -20.35
N SER D 323 10.75 18.43 -20.98
CA SER D 323 9.88 19.47 -20.46
C SER D 323 8.46 18.97 -20.23
N PHE D 324 7.76 19.64 -19.33
CA PHE D 324 6.35 19.43 -19.10
C PHE D 324 5.74 20.70 -18.55
N VAL D 325 4.42 20.81 -18.61
CA VAL D 325 3.71 22.03 -18.25
C VAL D 325 2.57 21.70 -17.29
N GLN D 326 2.06 22.72 -16.61
CA GLN D 326 0.95 22.58 -15.68
C GLN D 326 -0.18 23.51 -16.11
N HIS D 327 -1.32 22.93 -16.47
CA HIS D 327 -2.40 23.67 -17.09
C HIS D 327 -3.12 24.55 -16.08
N PRO D 328 -3.79 25.62 -16.53
CA PRO D 328 -4.54 26.46 -15.59
C PRO D 328 -5.61 25.72 -14.83
N GLU D 329 -6.19 24.67 -15.41
CA GLU D 329 -7.20 23.90 -14.69
C GLU D 329 -6.63 23.23 -13.46
N LEU D 330 -5.32 23.00 -13.42
CA LEU D 330 -4.66 22.39 -12.28
C LEU D 330 -4.15 23.44 -11.30
N THR D 331 -3.45 24.44 -11.79
CA THR D 331 -2.74 25.38 -10.93
C THR D 331 -3.57 26.59 -10.54
N GLY D 332 -4.66 26.88 -11.25
CA GLY D 332 -5.52 27.98 -10.90
C GLY D 332 -5.08 29.34 -11.39
N LEU D 333 -3.96 29.43 -12.09
CA LEU D 333 -3.51 30.70 -12.63
C LEU D 333 -4.25 31.01 -13.93
N ASP D 334 -3.72 31.98 -14.66
CA ASP D 334 -4.07 32.21 -16.06
C ASP D 334 -2.87 32.06 -16.98
N CYS D 335 -1.99 31.10 -16.69
CA CYS D 335 -0.76 30.88 -17.43
C CYS D 335 -0.83 29.56 -18.15
N MET D 336 0.33 29.18 -18.68
CA MET D 336 0.70 27.79 -18.84
C MET D 336 2.10 27.67 -18.25
N ARG D 337 2.21 27.12 -17.04
CA ARG D 337 3.48 27.12 -16.34
C ARG D 337 4.47 26.15 -16.94
N PRO D 338 5.72 26.53 -17.16
CA PRO D 338 6.72 25.57 -17.66
C PRO D 338 7.52 24.93 -16.54
N CYS D 339 7.93 23.69 -16.74
CA CYS D 339 8.78 22.96 -15.81
C CYS D 339 9.71 22.06 -16.61
N PHE D 340 10.59 21.34 -15.90
CA PHE D 340 11.46 20.37 -16.56
C PHE D 340 12.00 19.36 -15.56
N TRP D 341 12.58 18.27 -16.07
CA TRP D 341 13.17 17.22 -15.27
C TRP D 341 14.52 16.80 -15.83
N VAL D 342 15.34 16.17 -14.99
CA VAL D 342 16.67 15.72 -15.36
C VAL D 342 16.86 14.29 -14.85
N GLU D 343 17.65 13.51 -15.57
CA GLU D 343 17.95 12.13 -15.18
C GLU D 343 19.42 11.97 -14.88
N LEU D 344 19.74 11.28 -13.80
CA LEU D 344 21.11 11.14 -13.30
C LEU D 344 21.53 9.68 -13.41
N ILE D 345 22.41 9.37 -14.35
CA ILE D 345 22.75 7.99 -14.67
C ILE D 345 23.94 7.54 -13.84
N ARG D 346 23.84 6.36 -13.24
CA ARG D 346 24.95 5.74 -12.52
C ARG D 346 25.15 4.32 -13.02
N GLY D 347 26.41 3.92 -13.15
CA GLY D 347 26.73 2.58 -13.60
C GLY D 347 27.48 2.56 -14.91
N ARG D 348 27.43 1.45 -15.61
CA ARG D 348 28.13 1.32 -16.90
C ARG D 348 27.68 2.46 -17.81
N PRO D 349 28.41 2.88 -18.87
CA PRO D 349 29.75 2.38 -19.15
C PRO D 349 30.88 3.17 -18.48
N LYS D 350 30.54 4.24 -17.79
CA LYS D 350 31.56 5.10 -17.21
C LYS D 350 32.06 4.62 -15.86
N GLU D 351 31.47 3.58 -15.29
CA GLU D 351 31.86 3.08 -14.00
C GLU D 351 31.89 1.56 -14.02
N ASN D 352 32.56 0.97 -13.02
CA ASN D 352 32.86 -0.46 -13.05
C ASN D 352 31.83 -1.21 -12.20
N THR D 353 30.70 -1.51 -12.82
CA THR D 353 29.64 -2.31 -12.23
C THR D 353 29.15 -3.28 -13.28
N ILE D 354 28.01 -3.92 -12.99
CA ILE D 354 27.37 -4.78 -13.98
C ILE D 354 26.01 -4.26 -14.41
N TRP D 355 25.52 -3.18 -13.82
CA TRP D 355 24.19 -2.67 -14.08
C TRP D 355 24.27 -1.20 -14.45
N THR D 356 23.10 -0.61 -14.72
CA THR D 356 22.98 0.82 -14.98
C THR D 356 21.56 1.26 -14.66
N SER D 357 21.44 2.45 -14.09
CA SER D 357 20.15 2.94 -13.60
C SER D 357 20.18 4.45 -13.56
N GLY D 358 19.07 5.05 -13.15
CA GLY D 358 18.98 6.48 -13.04
C GLY D 358 17.90 6.92 -12.07
N SER D 359 18.11 8.08 -11.46
CA SER D 359 17.14 8.76 -10.63
C SER D 359 16.84 10.13 -11.22
N SER D 360 15.96 10.90 -10.60
CA SER D 360 15.47 12.11 -11.23
C SER D 360 15.34 13.25 -10.24
N ILE D 361 15.43 14.47 -10.77
CA ILE D 361 15.07 15.70 -10.08
C ILE D 361 14.28 16.56 -11.05
N SER D 362 13.52 17.51 -10.52
CA SER D 362 12.68 18.33 -11.37
C SER D 362 12.43 19.70 -10.76
N PHE D 363 12.25 20.69 -11.63
CA PHE D 363 12.16 22.08 -11.25
C PHE D 363 10.97 22.72 -11.95
N CYS D 364 10.44 23.80 -11.38
CA CYS D 364 9.33 24.53 -11.97
C CYS D 364 9.59 26.03 -11.91
N GLY D 365 9.25 26.73 -12.99
CA GLY D 365 9.66 28.12 -13.11
C GLY D 365 8.74 29.08 -12.37
N VAL D 366 9.33 30.10 -11.74
CA VAL D 366 8.60 31.07 -10.94
C VAL D 366 9.05 32.47 -11.31
N ASN D 367 8.50 33.46 -10.61
CA ASN D 367 8.82 34.86 -10.86
C ASN D 367 9.45 35.54 -9.65
N SER D 368 9.53 34.87 -8.50
CA SER D 368 10.17 35.43 -7.32
C SER D 368 11.64 34.97 -7.25
N ASP D 369 12.25 35.15 -6.08
CA ASP D 369 13.67 34.91 -5.92
C ASP D 369 14.00 33.43 -5.95
N THR D 370 15.21 33.10 -6.41
CA THR D 370 15.72 31.73 -6.51
C THR D 370 17.21 31.71 -6.23
N VAL D 371 17.79 30.50 -6.23
CA VAL D 371 19.20 30.32 -5.90
C VAL D 371 19.73 29.16 -6.74
N GLY D 372 21.05 29.15 -6.96
CA GLY D 372 21.69 28.07 -7.67
C GLY D 372 22.63 27.26 -6.79
N TRP D 373 22.52 25.95 -6.88
CA TRP D 373 23.25 25.03 -6.02
C TRP D 373 23.51 23.76 -6.83
N SER D 374 23.83 22.66 -6.15
CA SER D 374 24.02 21.38 -6.81
C SER D 374 23.30 20.30 -6.04
N TRP D 375 22.44 19.55 -6.73
CA TRP D 375 21.64 18.49 -6.14
C TRP D 375 21.98 17.17 -6.85
N PRO D 376 23.12 16.59 -6.55
CA PRO D 376 23.58 15.40 -7.28
C PRO D 376 22.88 14.14 -6.77
N ASP D 377 23.33 13.00 -7.27
CA ASP D 377 22.67 11.74 -6.93
C ASP D 377 23.11 11.25 -5.55
N GLY D 378 24.40 11.02 -5.36
CA GLY D 378 24.93 10.77 -4.03
C GLY D 378 25.11 9.32 -3.64
N ALA D 379 24.86 8.36 -4.52
CA ALA D 379 25.10 6.96 -4.20
C ALA D 379 26.59 6.68 -4.16
N GLU D 380 27.01 5.74 -3.31
CA GLU D 380 28.43 5.31 -3.17
C GLU D 380 28.62 3.94 -3.83
N LEU D 381 29.14 3.86 -5.06
CA LEU D 381 29.37 2.65 -5.83
C LEU D 381 30.75 2.09 -5.52
N PRO D 382 31.00 0.79 -5.76
CA PRO D 382 30.13 -0.27 -6.28
C PRO D 382 29.28 -0.94 -5.20
N PHE D 383 28.24 -1.66 -5.62
CA PHE D 383 27.33 -2.32 -4.70
C PHE D 383 27.86 -3.71 -4.33
N THR D 384 27.09 -4.40 -3.49
CA THR D 384 27.50 -5.73 -3.02
C THR D 384 27.56 -6.74 -4.15
N ILE D 385 26.58 -6.72 -5.05
CA ILE D 385 26.53 -7.69 -6.13
C ILE D 385 27.74 -7.60 -7.04
N ASP D 386 28.38 -6.44 -7.10
CA ASP D 386 29.51 -6.21 -7.98
C ASP D 386 30.81 -6.80 -7.43
N LYS D 387 30.84 -7.22 -6.18
CA LYS D 387 32.08 -7.57 -5.53
C LYS D 387 32.32 -9.07 -5.59
C1 NAG E . -16.88 31.42 17.36
C2 NAG E . -18.12 31.65 18.22
C3 NAG E . -19.03 30.45 17.97
C4 NAG E . -19.37 30.42 16.48
C5 NAG E . -18.07 30.25 15.71
C6 NAG E . -18.25 30.20 14.19
C7 NAG E . -16.88 31.51 20.41
C8 NAG E . -16.83 30.13 20.99
N2 NAG E . -17.92 31.84 19.66
O3 NAG E . -20.20 30.57 18.76
O4 NAG E . -20.24 29.32 16.23
O5 NAG E . -17.24 31.36 15.99
O6 NAG E . -18.07 31.52 13.67
O7 NAG E . -16.02 32.33 20.68
C1 NAG F . 31.97 5.65 7.63
C2 NAG F . 32.48 4.25 7.37
C3 NAG F . 33.93 4.12 7.78
C4 NAG F . 34.71 5.13 6.96
C5 NAG F . 34.18 6.52 7.22
C6 NAG F . 34.96 7.43 6.28
C7 NAG F . 31.05 2.38 7.22
C8 NAG F . 30.30 1.26 7.86
N2 NAG F . 31.68 3.23 8.01
O3 NAG F . 34.39 2.81 7.46
O4 NAG F . 36.10 5.06 7.30
O5 NAG F . 32.80 6.53 6.86
O6 NAG F . 34.31 8.69 6.10
O7 NAG F . 31.08 2.53 6.01
C1 NAG G . -13.09 35.94 9.17
C2 NAG G . -13.02 37.45 9.39
C3 NAG G . -14.23 38.12 8.79
C4 NAG G . -14.34 37.77 7.33
C5 NAG G . -14.37 36.26 7.16
C6 NAG G . -14.37 35.92 5.68
C7 NAG G . -13.61 37.29 11.79
C8 NAG G . -12.79 36.68 12.89
N2 NAG G . -12.91 37.82 10.79
O3 NAG G . -14.07 39.54 8.90
O4 NAG G . -15.55 38.34 6.82
O5 NAG G . -13.23 35.67 7.78
O6 NAG G . -13.16 36.39 5.08
O7 NAG G . -14.83 37.30 11.83
CA CA H . 19.72 28.44 26.54
CA CA I . 4.70 29.40 41.66
C1 NAG J . -36.48 -4.91 14.50
C2 NAG J . -37.63 -5.71 13.92
C3 NAG J . -37.98 -5.12 12.57
C4 NAG J . -38.35 -3.65 12.75
C5 NAG J . -37.17 -2.93 13.37
C6 NAG J . -37.45 -1.46 13.62
C7 NAG J . -37.47 -8.10 14.52
C8 NAG J . -37.08 -9.45 13.99
N2 NAG J . -37.24 -7.08 13.69
O3 NAG J . -39.07 -5.85 12.02
O4 NAG J . -38.69 -3.05 11.50
O5 NAG J . -36.86 -3.55 14.61
O6 NAG J . -36.28 -0.85 14.21
O7 NAG J . -37.96 -7.95 15.62
C1 NAG K . 17.85 -13.71 24.62
C2 NAG K . 19.27 -13.70 24.08
C3 NAG K . 20.20 -14.33 25.08
C4 NAG K . 20.10 -13.58 26.38
C5 NAG K . 18.68 -13.59 26.87
C6 NAG K . 18.56 -12.82 28.18
C7 NAG K . 19.40 -13.73 21.69
C8 NAG K . 19.24 -14.49 20.41
N2 NAG K . 19.32 -14.40 22.82
O3 NAG K . 21.54 -14.25 24.61
O4 NAG K . 20.98 -14.15 27.36
O5 NAG K . 17.86 -13.02 25.86
O6 NAG K . 19.17 -11.54 28.07
O7 NAG K . 19.58 -12.54 21.69
C1 NAG L . -33.58 2.97 19.82
C2 NAG L . -35.00 2.90 20.37
C3 NAG L . -35.74 4.16 19.96
C4 NAG L . -35.02 5.37 20.49
C5 NAG L . -33.61 5.39 19.95
C6 NAG L . -32.85 6.58 20.52
C7 NAG L . -36.21 0.85 20.65
C8 NAG L . -37.17 -0.13 20.04
N2 NAG L . -35.73 1.77 19.83
O3 NAG L . -37.06 4.18 20.52
O4 NAG L . -35.72 6.54 20.09
O5 NAG L . -32.97 4.17 20.33
O6 NAG L . -31.70 6.88 19.72
O7 NAG L . -35.89 0.81 21.82
CA CA M . -10.73 -23.37 34.98
CA CA N . -27.41 -33.69 27.17
C1 NAG O . -29.04 -5.98 -26.20
C2 NAG O . -29.23 -5.35 -27.56
C3 NAG O . -29.40 -3.86 -27.37
C4 NAG O . -30.58 -3.59 -26.45
C5 NAG O . -30.33 -4.29 -25.13
C6 NAG O . -31.49 -4.11 -24.14
C7 NAG O . -27.91 -6.52 -29.30
C8 NAG O . -26.65 -6.44 -30.10
N2 NAG O . -28.06 -5.54 -28.39
O3 NAG O . -29.58 -3.25 -28.64
O4 NAG O . -30.77 -2.19 -26.24
O5 NAG O . -30.16 -5.67 -25.37
O6 NAG O . -31.17 -4.83 -22.94
O7 NAG O . -28.73 -7.40 -29.46
C1 NAG P . 13.05 -30.58 1.05
C2 NAG P . 14.25 -30.30 1.94
C3 NAG P . 15.07 -31.56 2.07
C4 NAG P . 14.21 -32.65 2.65
C5 NAG P . 13.03 -32.88 1.75
C6 NAG P . 12.11 -33.97 2.31
C7 NAG P . 15.18 -28.11 2.04
C8 NAG P . 15.93 -27.01 1.37
N2 NAG P . 15.07 -29.26 1.39
O3 NAG P . 16.17 -31.33 2.96
O4 NAG P . 14.96 -33.86 2.81
O5 NAG P . 12.32 -31.65 1.64
O6 NAG P . 11.77 -33.68 3.67
O7 NAG P . 14.69 -27.96 3.13
C1 NAG Q . -33.21 -9.88 -18.24
C2 NAG Q . -34.42 -10.11 -19.14
C3 NAG Q . -35.56 -9.25 -18.63
C4 NAG Q . -35.87 -9.61 -17.19
C5 NAG Q . -34.63 -9.39 -16.35
C6 NAG Q . -34.92 -9.89 -14.94
C7 NAG Q . -34.22 -10.60 -21.48
C8 NAG Q . -34.13 -10.03 -22.87
N2 NAG Q . -34.16 -9.71 -20.50
O3 NAG Q . -36.76 -9.48 -19.38
O4 NAG Q . -36.95 -8.80 -16.73
O5 NAG Q . -33.60 -10.20 -16.90
O6 NAG Q . -35.34 -11.25 -15.05
O7 NAG Q . -34.33 -11.79 -21.26
CA CA R . -6.08 -35.94 -23.94
CA CA S . -9.49 -26.72 -42.65
C1 NAG T . -9.43 30.44 -23.61
C2 NAG T . -9.22 31.83 -23.02
C3 NAG T . -10.07 31.93 -21.78
C4 NAG T . -11.52 31.69 -22.15
C5 NAG T . -11.64 30.30 -22.78
C6 NAG T . -13.08 30.05 -23.16
C7 NAG T . -7.03 32.89 -23.29
C8 NAG T . -5.98 33.53 -22.44
N2 NAG T . -7.84 32.05 -22.65
O3 NAG T . -9.94 33.22 -21.18
O4 NAG T . -12.34 31.73 -20.99
O5 NAG T . -10.81 30.24 -23.92
O6 NAG T . -13.64 31.26 -23.69
O7 NAG T . -7.13 33.10 -24.48
C1 NAG U . 27.21 -11.20 -15.66
C2 NAG U . 27.67 -12.24 -14.66
C3 NAG U . 28.98 -12.84 -15.11
C4 NAG U . 28.78 -13.46 -16.47
C5 NAG U . 28.31 -12.39 -17.43
C6 NAG U . 28.10 -12.97 -18.82
C7 NAG U . 27.00 -12.00 -12.38
C8 NAG U . 27.13 -11.29 -11.07
N2 NAG U . 27.83 -11.66 -13.35
O3 NAG U . 29.39 -13.86 -14.20
O4 NAG U . 30.00 -14.06 -16.93
O5 NAG U . 27.10 -11.85 -16.92
O6 NAG U . 27.12 -14.01 -18.81
O7 NAG U . 26.16 -12.86 -12.56
C1 NAG V . -12.84 22.86 -28.97
C2 NAG V . -13.32 23.95 -29.91
C3 NAG V . -14.85 23.94 -29.92
C4 NAG V . -15.33 22.58 -30.35
C5 NAG V . -14.80 21.54 -29.40
C6 NAG V . -15.21 20.17 -29.92
C7 NAG V . -12.16 26.02 -30.28
C8 NAG V . -11.98 27.44 -29.85
N2 NAG V . -12.91 25.27 -29.49
O3 NAG V . -15.35 24.89 -30.87
O4 NAG V . -16.76 22.58 -30.35
O5 NAG V . -13.38 21.62 -29.41
O6 NAG V . -14.75 20.09 -31.27
O7 NAG V . -11.66 25.58 -31.30
CA CA W . 24.42 15.78 -32.25
CA CA X . 22.61 36.00 -27.82
#